data_3RET
# 
_entry.id   3RET 
# 
_audit_conform.dict_name       mmcif_pdbx.dic 
_audit_conform.dict_version    5.381 
_audit_conform.dict_location   http://mmcif.pdb.org/dictionaries/ascii/mmcif_pdbx.dic 
# 
loop_
_database_2.database_id 
_database_2.database_code 
_database_2.pdbx_database_accession 
_database_2.pdbx_DOI 
PDB   3RET         pdb_00003ret 10.2210/pdb3ret/pdb 
RCSB  RCSB064841   ?            ?                   
WWPDB D_1000064841 ?            ?                   
# 
_pdbx_database_related.db_name        PDB 
_pdbx_database_related.db_id          3REM 
_pdbx_database_related.details        . 
_pdbx_database_related.content_type   unspecified 
# 
_pdbx_database_status.status_code                     REL 
_pdbx_database_status.entry_id                        3RET 
_pdbx_database_status.recvd_initial_deposition_date   2011-04-05 
_pdbx_database_status.deposit_site                    RCSB 
_pdbx_database_status.process_site                    RCSB 
_pdbx_database_status.status_code_sf                  REL 
_pdbx_database_status.status_code_mr                  ? 
_pdbx_database_status.SG_entry                        ? 
_pdbx_database_status.status_code_cs                  ? 
_pdbx_database_status.pdb_format_compatible           Y 
_pdbx_database_status.status_code_nmr_data            ? 
_pdbx_database_status.methods_development_category    ? 
# 
loop_
_audit_author.name 
_audit_author.pdbx_ordinal 
'Olucha, J.'      1 
'Ouellette, A.N.' 2 
'Luo, Q.'         3 
'Lamb, A.L.'      4 
# 
_citation.id                        primary 
_citation.title                     
;pH Dependence of Catalysis by Pseudomonas aeruginosa Isochorismate-Pyruvate Lyase: Implications for Transition State Stabilization and the Role of Lysine 42.
;
_citation.journal_abbrev            Biochemistry 
_citation.journal_volume            50 
_citation.page_first                7198 
_citation.page_last                 7207 
_citation.year                      2011 
_citation.journal_id_ASTM           BICHAW 
_citation.country                   US 
_citation.journal_id_ISSN           0006-2960 
_citation.journal_id_CSD            0033 
_citation.book_publisher            ? 
_citation.pdbx_database_id_PubMed   21751784 
_citation.pdbx_database_id_DOI      10.1021/bi200599j 
# 
loop_
_citation_author.citation_id 
_citation_author.name 
_citation_author.ordinal 
_citation_author.identifier_ORCID 
primary 'Olucha, J.'      1 ? 
primary 'Ouellette, A.N.' 2 ? 
primary 'Luo, Q.'         3 ? 
primary 'Lamb, A.L.'      4 ? 
# 
_cell.entry_id           3RET 
_cell.length_a           46.144 
_cell.length_b           57.313 
_cell.length_c           60.334 
_cell.angle_alpha        90.00 
_cell.angle_beta         90.00 
_cell.angle_gamma        90.00 
_cell.Z_PDB              8 
_cell.pdbx_unique_axis   ? 
_cell.length_a_esd       ? 
_cell.length_b_esd       ? 
_cell.length_c_esd       ? 
_cell.angle_alpha_esd    ? 
_cell.angle_beta_esd     ? 
_cell.angle_gamma_esd    ? 
# 
_symmetry.entry_id                         3RET 
_symmetry.space_group_name_H-M             'P 21 21 2' 
_symmetry.pdbx_full_space_group_name_H-M   ? 
_symmetry.cell_setting                     ? 
_symmetry.Int_Tables_number                18 
_symmetry.space_group_name_Hall            ? 
# 
loop_
_entity.id 
_entity.type 
_entity.src_method 
_entity.pdbx_description 
_entity.formula_weight 
_entity.pdbx_number_of_molecules 
_entity.pdbx_ec 
_entity.pdbx_mutation 
_entity.pdbx_fragment 
_entity.details 
1 polymer     man 'Salicylate biosynthesis protein pchB' 11446.999 2  4.1.99.- K42E ? ? 
2 non-polymer syn '2-HYDROXYBENZOIC ACID'                138.121   2  ?        ?    ? ? 
3 non-polymer syn 'PYRUVIC ACID'                         88.062    2  ?        ?    ? ? 
4 water       nat water                                  18.015    44 ?        ?    ? ? 
# 
_entity_poly.entity_id                      1 
_entity_poly.type                           'polypeptide(L)' 
_entity_poly.nstd_linkage                   no 
_entity_poly.nstd_monomer                   no 
_entity_poly.pdbx_seq_one_letter_code       
;MKTPEDCTGLADIREAIDRIDLDIVQALGRRMDYVKAASRFEASEAAIPAPERVAAMLPERARWAEENGLDAPFVEGLFA
QIIHWYIAEQIKYWRQTRGAA
;
_entity_poly.pdbx_seq_one_letter_code_can   
;MKTPEDCTGLADIREAIDRIDLDIVQALGRRMDYVKAASRFEASEAAIPAPERVAAMLPERARWAEENGLDAPFVEGLFA
QIIHWYIAEQIKYWRQTRGAA
;
_entity_poly.pdbx_strand_id                 A,B 
_entity_poly.pdbx_target_identifier         ? 
# 
loop_
_entity_poly_seq.entity_id 
_entity_poly_seq.num 
_entity_poly_seq.mon_id 
_entity_poly_seq.hetero 
1 1   MET n 
1 2   LYS n 
1 3   THR n 
1 4   PRO n 
1 5   GLU n 
1 6   ASP n 
1 7   CYS n 
1 8   THR n 
1 9   GLY n 
1 10  LEU n 
1 11  ALA n 
1 12  ASP n 
1 13  ILE n 
1 14  ARG n 
1 15  GLU n 
1 16  ALA n 
1 17  ILE n 
1 18  ASP n 
1 19  ARG n 
1 20  ILE n 
1 21  ASP n 
1 22  LEU n 
1 23  ASP n 
1 24  ILE n 
1 25  VAL n 
1 26  GLN n 
1 27  ALA n 
1 28  LEU n 
1 29  GLY n 
1 30  ARG n 
1 31  ARG n 
1 32  MET n 
1 33  ASP n 
1 34  TYR n 
1 35  VAL n 
1 36  LYS n 
1 37  ALA n 
1 38  ALA n 
1 39  SER n 
1 40  ARG n 
1 41  PHE n 
1 42  GLU n 
1 43  ALA n 
1 44  SER n 
1 45  GLU n 
1 46  ALA n 
1 47  ALA n 
1 48  ILE n 
1 49  PRO n 
1 50  ALA n 
1 51  PRO n 
1 52  GLU n 
1 53  ARG n 
1 54  VAL n 
1 55  ALA n 
1 56  ALA n 
1 57  MET n 
1 58  LEU n 
1 59  PRO n 
1 60  GLU n 
1 61  ARG n 
1 62  ALA n 
1 63  ARG n 
1 64  TRP n 
1 65  ALA n 
1 66  GLU n 
1 67  GLU n 
1 68  ASN n 
1 69  GLY n 
1 70  LEU n 
1 71  ASP n 
1 72  ALA n 
1 73  PRO n 
1 74  PHE n 
1 75  VAL n 
1 76  GLU n 
1 77  GLY n 
1 78  LEU n 
1 79  PHE n 
1 80  ALA n 
1 81  GLN n 
1 82  ILE n 
1 83  ILE n 
1 84  HIS n 
1 85  TRP n 
1 86  TYR n 
1 87  ILE n 
1 88  ALA n 
1 89  GLU n 
1 90  GLN n 
1 91  ILE n 
1 92  LYS n 
1 93  TYR n 
1 94  TRP n 
1 95  ARG n 
1 96  GLN n 
1 97  THR n 
1 98  ARG n 
1 99  GLY n 
1 100 ALA n 
1 101 ALA n 
# 
_entity_src_gen.entity_id                          1 
_entity_src_gen.pdbx_src_id                        1 
_entity_src_gen.pdbx_alt_source_flag               sample 
_entity_src_gen.pdbx_seq_type                      ? 
_entity_src_gen.pdbx_beg_seq_num                   ? 
_entity_src_gen.pdbx_end_seq_num                   ? 
_entity_src_gen.gene_src_common_name               ? 
_entity_src_gen.gene_src_genus                     ? 
_entity_src_gen.pdbx_gene_src_gene                 'PA4230, pchB' 
_entity_src_gen.gene_src_species                   ? 
_entity_src_gen.gene_src_strain                    PAO1 
_entity_src_gen.gene_src_tissue                    ? 
_entity_src_gen.gene_src_tissue_fraction           ? 
_entity_src_gen.gene_src_details                   ? 
_entity_src_gen.pdbx_gene_src_fragment             ? 
_entity_src_gen.pdbx_gene_src_scientific_name      'Pseudomonas aeruginosa' 
_entity_src_gen.pdbx_gene_src_ncbi_taxonomy_id     287 
_entity_src_gen.pdbx_gene_src_variant              ? 
_entity_src_gen.pdbx_gene_src_cell_line            ? 
_entity_src_gen.pdbx_gene_src_atcc                 ? 
_entity_src_gen.pdbx_gene_src_organ                ? 
_entity_src_gen.pdbx_gene_src_organelle            ? 
_entity_src_gen.pdbx_gene_src_cell                 ? 
_entity_src_gen.pdbx_gene_src_cellular_location    ? 
_entity_src_gen.host_org_common_name               ? 
_entity_src_gen.pdbx_host_org_scientific_name      'Escherichia coli' 
_entity_src_gen.pdbx_host_org_ncbi_taxonomy_id     469008 
_entity_src_gen.host_org_genus                     ? 
_entity_src_gen.pdbx_host_org_gene                 ? 
_entity_src_gen.pdbx_host_org_organ                ? 
_entity_src_gen.host_org_species                   ? 
_entity_src_gen.pdbx_host_org_tissue               ? 
_entity_src_gen.pdbx_host_org_tissue_fraction      ? 
_entity_src_gen.pdbx_host_org_strain               'BL21(DE3)pLysS' 
_entity_src_gen.pdbx_host_org_variant              ? 
_entity_src_gen.pdbx_host_org_cell_line            ? 
_entity_src_gen.pdbx_host_org_atcc                 ? 
_entity_src_gen.pdbx_host_org_culture_collection   ? 
_entity_src_gen.pdbx_host_org_cell                 ? 
_entity_src_gen.pdbx_host_org_organelle            ? 
_entity_src_gen.pdbx_host_org_cellular_location    ? 
_entity_src_gen.pdbx_host_org_vector_type          PLASMID 
_entity_src_gen.pdbx_host_org_vector               ? 
_entity_src_gen.host_org_details                   ? 
_entity_src_gen.expression_system_id               ? 
_entity_src_gen.plasmid_name                       PET29B 
_entity_src_gen.plasmid_details                    ? 
_entity_src_gen.pdbx_description                   ? 
# 
_struct_ref.id                         1 
_struct_ref.db_name                    UNP 
_struct_ref.db_code                    PCHB_PSEAE 
_struct_ref.pdbx_db_accession          Q51507 
_struct_ref.entity_id                  1 
_struct_ref.pdbx_seq_one_letter_code   
;MKTPEDCTGLADIREAIDRIDLDIVQALGRRMDYVKAASRFKASEAAIPAPERVAAMLPERARWAEENGLDAPFVEGLFA
QIIHWYIAEQIKYWRQTRGAA
;
_struct_ref.pdbx_align_begin           1 
_struct_ref.pdbx_db_isoform            ? 
# 
loop_
_struct_ref_seq.align_id 
_struct_ref_seq.ref_id 
_struct_ref_seq.pdbx_PDB_id_code 
_struct_ref_seq.pdbx_strand_id 
_struct_ref_seq.seq_align_beg 
_struct_ref_seq.pdbx_seq_align_beg_ins_code 
_struct_ref_seq.seq_align_end 
_struct_ref_seq.pdbx_seq_align_end_ins_code 
_struct_ref_seq.pdbx_db_accession 
_struct_ref_seq.db_align_beg 
_struct_ref_seq.pdbx_db_align_beg_ins_code 
_struct_ref_seq.db_align_end 
_struct_ref_seq.pdbx_db_align_end_ins_code 
_struct_ref_seq.pdbx_auth_seq_align_beg 
_struct_ref_seq.pdbx_auth_seq_align_end 
1 1 3RET A 1 ? 101 ? Q51507 1 ? 101 ? 1 101 
2 1 3RET B 1 ? 101 ? Q51507 1 ? 101 ? 1 101 
# 
loop_
_struct_ref_seq_dif.align_id 
_struct_ref_seq_dif.pdbx_pdb_id_code 
_struct_ref_seq_dif.mon_id 
_struct_ref_seq_dif.pdbx_pdb_strand_id 
_struct_ref_seq_dif.seq_num 
_struct_ref_seq_dif.pdbx_pdb_ins_code 
_struct_ref_seq_dif.pdbx_seq_db_name 
_struct_ref_seq_dif.pdbx_seq_db_accession_code 
_struct_ref_seq_dif.db_mon_id 
_struct_ref_seq_dif.pdbx_seq_db_seq_num 
_struct_ref_seq_dif.details 
_struct_ref_seq_dif.pdbx_auth_seq_num 
_struct_ref_seq_dif.pdbx_ordinal 
1 3RET GLU A 42 ? UNP Q51507 LYS 42 'engineered mutation' 42 1 
2 3RET GLU B 42 ? UNP Q51507 LYS 42 'engineered mutation' 42 2 
# 
loop_
_chem_comp.id 
_chem_comp.type 
_chem_comp.mon_nstd_flag 
_chem_comp.name 
_chem_comp.pdbx_synonyms 
_chem_comp.formula 
_chem_comp.formula_weight 
ALA 'L-peptide linking' y ALANINE                 ?                'C3 H7 N O2'     89.093  
ARG 'L-peptide linking' y ARGININE                ?                'C6 H15 N4 O2 1' 175.209 
ASN 'L-peptide linking' y ASPARAGINE              ?                'C4 H8 N2 O3'    132.118 
ASP 'L-peptide linking' y 'ASPARTIC ACID'         ?                'C4 H7 N O4'     133.103 
CYS 'L-peptide linking' y CYSTEINE                ?                'C3 H7 N O2 S'   121.158 
GLN 'L-peptide linking' y GLUTAMINE               ?                'C5 H10 N2 O3'   146.144 
GLU 'L-peptide linking' y 'GLUTAMIC ACID'         ?                'C5 H9 N O4'     147.129 
GLY 'peptide linking'   y GLYCINE                 ?                'C2 H5 N O2'     75.067  
HIS 'L-peptide linking' y HISTIDINE               ?                'C6 H10 N3 O2 1' 156.162 
HOH non-polymer         . WATER                   ?                'H2 O'           18.015  
ILE 'L-peptide linking' y ISOLEUCINE              ?                'C6 H13 N O2'    131.173 
LEU 'L-peptide linking' y LEUCINE                 ?                'C6 H13 N O2'    131.173 
LYS 'L-peptide linking' y LYSINE                  ?                'C6 H15 N2 O2 1' 147.195 
MET 'L-peptide linking' y METHIONINE              ?                'C5 H11 N O2 S'  149.211 
PHE 'L-peptide linking' y PHENYLALANINE           ?                'C9 H11 N O2'    165.189 
PRO 'L-peptide linking' y PROLINE                 ?                'C5 H9 N O2'     115.130 
PYR non-polymer         . 'PYRUVIC ACID'          ?                'C3 H4 O3'       88.062  
SAL non-polymer         . '2-HYDROXYBENZOIC ACID' 'SALICYLIC ACID' 'C7 H6 O3'       138.121 
SER 'L-peptide linking' y SERINE                  ?                'C3 H7 N O3'     105.093 
THR 'L-peptide linking' y THREONINE               ?                'C4 H9 N O3'     119.119 
TRP 'L-peptide linking' y TRYPTOPHAN              ?                'C11 H12 N2 O2'  204.225 
TYR 'L-peptide linking' y TYROSINE                ?                'C9 H11 N O3'    181.189 
VAL 'L-peptide linking' y VALINE                  ?                'C5 H11 N O2'    117.146 
# 
_exptl.entry_id          3RET 
_exptl.method            'X-RAY DIFFRACTION' 
_exptl.crystals_number   1 
# 
_exptl_crystal.id                    1 
_exptl_crystal.density_meas          ? 
_exptl_crystal.density_Matthews      1.74 
_exptl_crystal.density_percent_sol   29.41 
_exptl_crystal.description           ? 
_exptl_crystal.F_000                 ? 
_exptl_crystal.preparation           ? 
# 
_exptl_crystal_grow.crystal_id      1 
_exptl_crystal_grow.method          'VAPOR DIFFUSION, HANGING DROP' 
_exptl_crystal_grow.temp            298 
_exptl_crystal_grow.temp_details    ? 
_exptl_crystal_grow.pH              3.6 
_exptl_crystal_grow.pdbx_details    
'0.004 M gly-gly, 0.100 M sodium acetate, 12% glycerol, pH 3.6, VAPOR DIFFUSION, HANGING DROP, temperature 298K' 
_exptl_crystal_grow.pdbx_pH_range   ? 
# 
_diffrn.id                     1 
_diffrn.ambient_temp           100 
_diffrn.ambient_temp_details   ? 
_diffrn.crystal_id             1 
# 
_diffrn_detector.diffrn_id              1 
_diffrn_detector.detector               CCD 
_diffrn_detector.type                   'MARMOSAIC 325 mm CCD' 
_diffrn_detector.pdbx_collection_date   2009-05-01 
_diffrn_detector.details                'Rh coated flat mirror, toroidal focusing mirror' 
# 
_diffrn_radiation.diffrn_id                        1 
_diffrn_radiation.wavelength_id                    1 
_diffrn_radiation.pdbx_monochromatic_or_laue_m_l   M 
_diffrn_radiation.monochromator                    'Double crystal monochromator, Si(111)' 
_diffrn_radiation.pdbx_diffrn_protocol             'SINGLE WAVELENGTH' 
_diffrn_radiation.pdbx_scattering_type             x-ray 
# 
_diffrn_radiation_wavelength.id           1 
_diffrn_radiation_wavelength.wavelength   1.0000 
_diffrn_radiation_wavelength.wt           1.0 
# 
_diffrn_source.diffrn_id                   1 
_diffrn_source.source                      SYNCHROTRON 
_diffrn_source.type                        'SSRL BEAMLINE BL9-2' 
_diffrn_source.pdbx_synchrotron_site       SSRL 
_diffrn_source.pdbx_synchrotron_beamline   BL9-2 
_diffrn_source.pdbx_wavelength             ? 
_diffrn_source.pdbx_wavelength_list        1.0000 
# 
_reflns.entry_id                     3RET 
_reflns.observed_criterion_sigma_I   0.000 
_reflns.observed_criterion_sigma_F   0.000 
_reflns.d_resolution_low             25.89 
_reflns.d_resolution_high            1.79 
_reflns.number_obs                   13690 
_reflns.number_all                   15734 
_reflns.percent_possible_obs         97.2 
_reflns.pdbx_Rmerge_I_obs            ? 
_reflns.pdbx_Rsym_value              0.098 
_reflns.pdbx_netI_over_sigmaI        5.7 
_reflns.B_iso_Wilson_estimate        ? 
_reflns.pdbx_redundancy              3.5 
_reflns.R_free_details               ? 
_reflns.limit_h_max                  ? 
_reflns.limit_h_min                  ? 
_reflns.limit_k_max                  ? 
_reflns.limit_k_min                  ? 
_reflns.limit_l_max                  ? 
_reflns.limit_l_min                  ? 
_reflns.observed_criterion_F_max     ? 
_reflns.observed_criterion_F_min     ? 
_reflns.pdbx_chi_squared             ? 
_reflns.pdbx_scaling_rejects         ? 
_reflns.pdbx_ordinal                 1 
_reflns.pdbx_diffrn_id               1 
# 
_reflns_shell.d_res_high             1.79 
_reflns_shell.d_res_low              1.84 
_reflns_shell.percent_possible_all   97.9 
_reflns_shell.Rmerge_I_obs           ? 
_reflns_shell.pdbx_Rsym_value        0.375 
_reflns_shell.meanI_over_sigI_obs    2.0 
_reflns_shell.pdbx_redundancy        3.3 
_reflns_shell.percent_possible_obs   ? 
_reflns_shell.number_unique_all      2186 
_reflns_shell.number_measured_all    ? 
_reflns_shell.number_measured_obs    ? 
_reflns_shell.number_unique_obs      ? 
_reflns_shell.pdbx_chi_squared       ? 
_reflns_shell.pdbx_ordinal           1 
_reflns_shell.pdbx_diffrn_id         1 
# 
_refine.entry_id                                 3RET 
_refine.ls_number_reflns_obs                     13690 
_refine.ls_number_reflns_all                     15294 
_refine.pdbx_ls_sigma_I                          ? 
_refine.pdbx_ls_sigma_F                          . 
_refine.pdbx_data_cutoff_high_absF               ? 
_refine.pdbx_data_cutoff_low_absF                ? 
_refine.pdbx_data_cutoff_high_rms_absF           ? 
_refine.ls_d_res_low                             25.89 
_refine.ls_d_res_high                            1.79 
_refine.ls_percent_reflns_obs                    97.34 
_refine.ls_R_factor_obs                          0.21357 
_refine.ls_R_factor_all                          0.21357 
_refine.ls_R_factor_R_work                       0.20793 
_refine.ls_R_factor_R_free                       0.26403 
_refine.ls_R_factor_R_free_error                 ? 
_refine.ls_R_factor_R_free_error_details         ? 
_refine.ls_percent_reflns_R_free                 10.1 
_refine.ls_number_reflns_R_free                  1532 
_refine.ls_number_parameters                     ? 
_refine.ls_number_restraints                     ? 
_refine.occupancy_min                            ? 
_refine.occupancy_max                            ? 
_refine.correlation_coeff_Fo_to_Fc               0.954 
_refine.correlation_coeff_Fo_to_Fc_free          0.929 
_refine.B_iso_mean                               20.854 
_refine.aniso_B[1][1]                            -0.01 
_refine.aniso_B[2][2]                            0.00 
_refine.aniso_B[3][3]                            0.01 
_refine.aniso_B[1][2]                            0.00 
_refine.aniso_B[1][3]                            0.00 
_refine.aniso_B[2][3]                            0.00 
_refine.solvent_model_details                    MASK 
_refine.solvent_model_param_ksol                 ? 
_refine.solvent_model_param_bsol                 ? 
_refine.pdbx_solvent_vdw_probe_radii             1.40 
_refine.pdbx_solvent_ion_probe_radii             0.80 
_refine.pdbx_solvent_shrinkage_radii             0.80 
_refine.pdbx_ls_cross_valid_method               THROUGHOUT 
_refine.details                                  'HYDROGENS HAVE BEEN ADDED IN THE RIDING POSITIONS' 
_refine.pdbx_starting_model                      'PDB ENTRY 2H9D' 
_refine.pdbx_method_to_determine_struct          'MOLECULAR REPLACEMENT' 
_refine.pdbx_isotropic_thermal_model             ? 
_refine.pdbx_stereochemistry_target_values       'MAXIMUM LIKELIHOOD' 
_refine.pdbx_stereochem_target_val_spec_case     ? 
_refine.pdbx_R_Free_selection_details            RANDOM 
_refine.pdbx_overall_ESU_R_Free                  0.169 
_refine.overall_SU_ML                            0.099 
_refine.overall_SU_B                             3.088 
_refine.overall_SU_R_Cruickshank_DPI             ? 
_refine.ls_redundancy_reflns_obs                 ? 
_refine.B_iso_min                                ? 
_refine.B_iso_max                                ? 
_refine.overall_SU_R_free                        ? 
_refine.ls_wR_factor_R_free                      ? 
_refine.ls_wR_factor_R_work                      ? 
_refine.overall_FOM_free_R_set                   ? 
_refine.overall_FOM_work_R_set                   ? 
_refine.pdbx_overall_phase_error                 ? 
_refine.pdbx_refine_id                           'X-RAY DIFFRACTION' 
_refine.pdbx_overall_ESU_R                       0.182 
_refine.pdbx_diffrn_id                           1 
_refine.pdbx_TLS_residual_ADP_flag               ? 
_refine.pdbx_overall_SU_R_free_Cruickshank_DPI   ? 
_refine.pdbx_overall_SU_R_Blow_DPI               ? 
_refine.pdbx_overall_SU_R_free_Blow_DPI          ? 
# 
_refine_hist.pdbx_refine_id                   'X-RAY DIFFRACTION' 
_refine_hist.cycle_id                         LAST 
_refine_hist.pdbx_number_atoms_protein        1519 
_refine_hist.pdbx_number_atoms_nucleic_acid   0 
_refine_hist.pdbx_number_atoms_ligand         32 
_refine_hist.number_atoms_solvent             44 
_refine_hist.number_atoms_total               1595 
_refine_hist.d_res_high                       1.79 
_refine_hist.d_res_low                        25.89 
# 
loop_
_refine_ls_restr.type 
_refine_ls_restr.dev_ideal 
_refine_ls_restr.dev_ideal_target 
_refine_ls_restr.weight 
_refine_ls_restr.number 
_refine_ls_restr.pdbx_restraint_function 
_refine_ls_restr.pdbx_refine_id 
r_bond_refined_d       0.022  0.022  ? 1582 ? 'X-RAY DIFFRACTION' 
r_angle_refined_deg    1.874  1.967  ? 2140 ? 'X-RAY DIFFRACTION' 
r_dihedral_angle_1_deg 5.158  5.000  ? 185  ? 'X-RAY DIFFRACTION' 
r_dihedral_angle_2_deg 34.415 23.000 ? 80   ? 'X-RAY DIFFRACTION' 
r_dihedral_angle_3_deg 14.738 15.000 ? 263  ? 'X-RAY DIFFRACTION' 
r_dihedral_angle_4_deg 16.521 15.000 ? 18   ? 'X-RAY DIFFRACTION' 
r_chiral_restr         0.140  0.200  ? 224  ? 'X-RAY DIFFRACTION' 
r_gen_planes_refined   0.012  0.021  ? 1240 ? 'X-RAY DIFFRACTION' 
r_mcbond_it            1.238  1.500  ? 939  ? 'X-RAY DIFFRACTION' 
r_mcangle_it           2.055  2.000  ? 1504 ? 'X-RAY DIFFRACTION' 
r_scbond_it            3.446  3.000  ? 643  ? 'X-RAY DIFFRACTION' 
r_scangle_it           5.526  4.500  ? 636  ? 'X-RAY DIFFRACTION' 
# 
_refine_ls_shell.pdbx_total_number_of_bins_used   20 
_refine_ls_shell.d_res_high                       1.790 
_refine_ls_shell.d_res_low                        1.836 
_refine_ls_shell.number_reflns_R_work             991 
_refine_ls_shell.R_factor_R_work                  0.287 
_refine_ls_shell.percent_reflns_obs               97.71 
_refine_ls_shell.R_factor_R_free                  0.412 
_refine_ls_shell.R_factor_R_free_error            ? 
_refine_ls_shell.percent_reflns_R_free            ? 
_refine_ls_shell.number_reflns_R_free             120 
_refine_ls_shell.number_reflns_all                ? 
_refine_ls_shell.R_factor_all                     ? 
_refine_ls_shell.number_reflns_obs                ? 
_refine_ls_shell.redundancy_reflns_obs            ? 
_refine_ls_shell.pdbx_refine_id                   'X-RAY DIFFRACTION' 
# 
_struct.entry_id                  3RET 
_struct.title                     
'Salicylate and Pyruvate Bound Structure of the Isochorismate-Pyruvate Lyase K42E Mutant from Pseudomonas aerugionsa' 
_struct.pdbx_model_details        ? 
_struct.pdbx_CASP_flag            ? 
_struct.pdbx_model_type_details   ? 
# 
_struct_keywords.entry_id        3RET 
_struct_keywords.pdbx_keywords   LYASE 
_struct_keywords.text            'INTERTWINED DIMER, LYASE, Mutase' 
# 
loop_
_struct_asym.id 
_struct_asym.pdbx_blank_PDB_chainid_flag 
_struct_asym.pdbx_modified 
_struct_asym.entity_id 
_struct_asym.details 
A N N 1 ? 
B N N 1 ? 
C N N 2 ? 
D N N 3 ? 
E N N 3 ? 
F N N 2 ? 
G N N 4 ? 
H N N 4 ? 
# 
_struct_biol.id        1 
_struct_biol.details   ? 
# 
loop_
_struct_conf.conf_type_id 
_struct_conf.id 
_struct_conf.pdbx_PDB_helix_id 
_struct_conf.beg_label_comp_id 
_struct_conf.beg_label_asym_id 
_struct_conf.beg_label_seq_id 
_struct_conf.pdbx_beg_PDB_ins_code 
_struct_conf.end_label_comp_id 
_struct_conf.end_label_asym_id 
_struct_conf.end_label_seq_id 
_struct_conf.pdbx_end_PDB_ins_code 
_struct_conf.beg_auth_comp_id 
_struct_conf.beg_auth_asym_id 
_struct_conf.beg_auth_seq_id 
_struct_conf.end_auth_comp_id 
_struct_conf.end_auth_asym_id 
_struct_conf.end_auth_seq_id 
_struct_conf.pdbx_PDB_helix_class 
_struct_conf.details 
_struct_conf.pdbx_PDB_helix_length 
HELX_P HELX_P1 1 THR A 3  ? CYS A 7  ? THR A 3  CYS A 7  5 ? 5  
HELX_P HELX_P2 2 GLY A 9  ? SER A 39 ? GLY A 9  SER A 39 1 ? 31 
HELX_P HELX_P3 3 ARG A 40 ? GLU A 42 ? ARG A 40 GLU A 42 5 ? 3  
HELX_P HELX_P4 4 SER A 44 ? ILE A 48 ? SER A 44 ILE A 48 5 ? 5  
HELX_P HELX_P5 5 ALA A 50 ? ASN A 68 ? ALA A 50 ASN A 68 1 ? 19 
HELX_P HELX_P6 6 ASP A 71 ? THR A 97 ? ASP A 71 THR A 97 1 ? 27 
HELX_P HELX_P7 7 GLY B 9  ? SER B 39 ? GLY B 9  SER B 39 1 ? 31 
HELX_P HELX_P8 8 ALA B 50 ? ASN B 68 ? ALA B 50 ASN B 68 1 ? 19 
HELX_P HELX_P9 9 ASP B 71 ? THR B 97 ? ASP B 71 THR B 97 1 ? 27 
# 
_struct_conf_type.id          HELX_P 
_struct_conf_type.criteria    ? 
_struct_conf_type.reference   ? 
# 
loop_
_struct_site.id 
_struct_site.pdbx_evidence_code 
_struct_site.pdbx_auth_asym_id 
_struct_site.pdbx_auth_comp_id 
_struct_site.pdbx_auth_seq_id 
_struct_site.pdbx_auth_ins_code 
_struct_site.pdbx_num_residues 
_struct_site.details 
AC1 Software A SAL 201 ? 10 'BINDING SITE FOR RESIDUE SAL A 201' 
AC2 Software B PYR 301 ? 6  'BINDING SITE FOR RESIDUE PYR B 301' 
AC3 Software B SAL 201 ? 9  'BINDING SITE FOR RESIDUE SAL B 201' 
AC4 Software A PYR 301 ? 6  'BINDING SITE FOR RESIDUE PYR A 301' 
# 
loop_
_struct_site_gen.id 
_struct_site_gen.site_id 
_struct_site_gen.pdbx_num_res 
_struct_site_gen.label_comp_id 
_struct_site_gen.label_asym_id 
_struct_site_gen.label_seq_id 
_struct_site_gen.pdbx_auth_ins_code 
_struct_site_gen.auth_comp_id 
_struct_site_gen.auth_asym_id 
_struct_site_gen.auth_seq_id 
_struct_site_gen.label_atom_id 
_struct_site_gen.label_alt_id 
_struct_site_gen.symmetry 
_struct_site_gen.details 
1  AC1 10 ARG A 31 ? ARG A 31  . ? 1_555 ? 
2  AC1 10 VAL A 35 ? VAL A 35  . ? 1_555 ? 
3  AC1 10 ILE A 48 ? ILE A 48  . ? 1_555 ? 
4  AC1 10 VAL A 54 ? VAL A 54  . ? 1_555 ? 
5  AC1 10 MET A 57 ? MET A 57  . ? 1_555 ? 
6  AC1 10 TYR A 86 ? TYR A 86  . ? 1_555 ? 
7  AC1 10 ILE A 87 ? ILE A 87  . ? 1_555 ? 
8  AC1 10 GLN A 90 ? GLN A 90  . ? 1_555 ? 
9  AC1 10 HOH G .  ? HOH A 111 . ? 1_555 ? 
10 AC1 10 PYR E .  ? PYR B 301 . ? 1_555 ? 
11 AC2 6  GLU A 42 ? GLU A 42  . ? 1_555 ? 
12 AC2 6  GLN A 90 ? GLN A 90  . ? 1_555 ? 
13 AC2 6  HOH G .  ? HOH A 111 . ? 1_555 ? 
14 AC2 6  SAL C .  ? SAL A 201 . ? 1_555 ? 
15 AC2 6  ARG B 14 ? ARG B 14  . ? 1_555 ? 
16 AC2 6  ILE B 17 ? ILE B 17  . ? 1_555 ? 
17 AC3 9  HOH G .  ? HOH A 107 . ? 1_555 ? 
18 AC3 9  PYR D .  ? PYR A 301 . ? 1_555 ? 
19 AC3 9  ARG B 31 ? ARG B 31  . ? 1_555 ? 
20 AC3 9  VAL B 35 ? VAL B 35  . ? 1_555 ? 
21 AC3 9  ILE B 48 ? ILE B 48  . ? 1_555 ? 
22 AC3 9  MET B 57 ? MET B 57  . ? 1_555 ? 
23 AC3 9  TYR B 86 ? TYR B 86  . ? 1_555 ? 
24 AC3 9  ILE B 87 ? ILE B 87  . ? 1_555 ? 
25 AC3 9  GLN B 90 ? GLN B 90  . ? 1_555 ? 
26 AC4 6  ARG A 14 ? ARG A 14  . ? 1_555 ? 
27 AC4 6  HOH G .  ? HOH A 107 . ? 1_555 ? 
28 AC4 6  ALA B 38 ? ALA B 38  . ? 1_555 ? 
29 AC4 6  ALA B 50 ? ALA B 50  . ? 1_555 ? 
30 AC4 6  GLN B 90 ? GLN B 90  . ? 1_555 ? 
31 AC4 6  SAL F .  ? SAL B 201 . ? 1_555 ? 
# 
_atom_sites.entry_id                    3RET 
_atom_sites.fract_transf_matrix[1][1]   0.01673167 
_atom_sites.fract_transf_matrix[1][2]   -0.01163871 
_atom_sites.fract_transf_matrix[1][3]   0.00736368 
_atom_sites.fract_transf_matrix[2][1]   0.01090183 
_atom_sites.fract_transf_matrix[2][2]   0.01289769 
_atom_sites.fract_transf_matrix[2][3]   -0.00438548 
_atom_sites.fract_transf_matrix[3][1]   -0.00192573 
_atom_sites.fract_transf_matrix[3][2]   0.00673514 
_atom_sites.fract_transf_matrix[3][3]   0.01502088 
_atom_sites.fract_transf_vector[1]      -0.061245 
_atom_sites.fract_transf_vector[2]      -0.201441 
_atom_sites.fract_transf_vector[3]      0.263722 
# 
loop_
_atom_type.symbol 
C 
N 
O 
S 
# 
loop_
_atom_site.group_PDB 
_atom_site.id 
_atom_site.type_symbol 
_atom_site.label_atom_id 
_atom_site.label_alt_id 
_atom_site.label_comp_id 
_atom_site.label_asym_id 
_atom_site.label_entity_id 
_atom_site.label_seq_id 
_atom_site.pdbx_PDB_ins_code 
_atom_site.Cartn_x 
_atom_site.Cartn_y 
_atom_site.Cartn_z 
_atom_site.occupancy 
_atom_site.B_iso_or_equiv 
_atom_site.pdbx_formal_charge 
_atom_site.auth_seq_id 
_atom_site.auth_comp_id 
_atom_site.auth_asym_id 
_atom_site.auth_atom_id 
_atom_site.pdbx_PDB_model_num 
ATOM   1    N N     . MET A 1 1  ? -12.419 -13.802 -9.573  1.00 33.53 ? 1   MET A N     1 
ATOM   2    C CA    . MET A 1 1  ? -10.955 -13.469 -9.741  1.00 33.07 ? 1   MET A CA    1 
ATOM   3    C C     . MET A 1 1  ? -10.052 -14.684 -9.957  1.00 32.17 ? 1   MET A C     1 
ATOM   4    O O     . MET A 1 1  ? -9.757  -15.449 -9.034  1.00 32.00 ? 1   MET A O     1 
ATOM   5    C CB    . MET A 1 1  ? -10.435 -12.669 -8.556  1.00 33.96 ? 1   MET A CB    1 
ATOM   6    C CG    . MET A 1 1  ? -9.032  -12.108 -8.759  1.00 35.15 ? 1   MET A CG    1 
ATOM   7    S SD    . MET A 1 1  ? -8.392  -11.254 -7.296  1.00 44.15 ? 1   MET A SD    1 
ATOM   8    C CE    . MET A 1 1  ? -6.652  -11.227 -7.583  1.00 31.16 ? 1   MET A CE    1 
ATOM   9    N N     . LYS A 1 2  ? -9.537  -14.760 -11.176 1.00 30.54 ? 2   LYS A N     1 
ATOM   10   C CA    . LYS A 1 2  ? -8.633  -15.804 -11.601 1.00 27.35 ? 2   LYS A CA    1 
ATOM   11   C C     . LYS A 1 2  ? -7.232  -15.662 -11.052 1.00 25.10 ? 2   LYS A C     1 
ATOM   12   O O     . LYS A 1 2  ? -6.752  -14.548 -10.792 1.00 24.21 ? 2   LYS A O     1 
ATOM   13   C CB    . LYS A 1 2  ? -8.595  -15.804 -13.102 1.00 28.17 ? 2   LYS A CB    1 
ATOM   14   C CG    . LYS A 1 2  ? -9.971  -16.067 -13.647 1.00 28.73 ? 2   LYS A CG    1 
ATOM   15   C CD    . LYS A 1 2  ? -9.939  -16.268 -15.093 1.00 32.06 ? 2   LYS A CD    1 
ATOM   16   C CE    . LYS A 1 2  ? -11.310 -16.656 -15.632 1.00 32.14 ? 2   LYS A CE    1 
ATOM   17   N NZ    . LYS A 1 2  ? -11.237 -16.555 -17.114 1.00 33.47 ? 2   LYS A NZ    1 
ATOM   18   N N     . THR A 1 3  ? -6.531  -16.789 -10.955 1.00 20.74 ? 3   THR A N     1 
ATOM   19   C CA    . THR A 1 3  ? -5.115  -16.768 -10.616 1.00 21.01 ? 3   THR A CA    1 
ATOM   20   C C     . THR A 1 3  ? -4.323  -16.266 -11.839 1.00 20.06 ? 3   THR A C     1 
ATOM   21   O O     . THR A 1 3  ? -4.833  -16.317 -12.957 1.00 18.59 ? 3   THR A O     1 
ATOM   22   C CB    . THR A 1 3  ? -4.626  -18.217 -10.332 1.00 19.82 ? 3   THR A CB    1 
ATOM   23   O OG1   . THR A 1 3  ? -4.835  -18.983 -11.508 1.00 19.01 ? 3   THR A OG1   1 
ATOM   24   C CG2   . THR A 1 3  ? -5.361  -18.798 -9.172  1.00 24.49 ? 3   THR A CG2   1 
ATOM   25   N N     . PRO A 1 4  ? -3.106  -15.741 -11.642 1.00 19.75 ? 4   PRO A N     1 
ATOM   26   C CA    . PRO A 1 4  ? -2.445  -15.277 -12.857 1.00 19.52 ? 4   PRO A CA    1 
ATOM   27   C C     . PRO A 1 4  ? -2.365  -16.284 -14.005 1.00 19.68 ? 4   PRO A C     1 
ATOM   28   O O     . PRO A 1 4  ? -2.536  -15.876 -15.157 1.00 17.87 ? 4   PRO A O     1 
ATOM   29   C CB    . PRO A 1 4  ? -1.027  -14.851 -12.387 1.00 17.90 ? 4   PRO A CB    1 
ATOM   30   C CG    . PRO A 1 4  ? -1.207  -14.483 -10.930 1.00 20.16 ? 4   PRO A CG    1 
ATOM   31   C CD    . PRO A 1 4  ? -2.342  -15.403 -10.413 1.00 20.37 ? 4   PRO A CD    1 
ATOM   32   N N     . GLU A 1 5  ? -2.033  -17.563 -13.696 1.00 18.54 ? 5   GLU A N     1 
ATOM   33   C CA    . GLU A 1 5  ? -1.798  -18.573 -14.721 1.00 21.49 ? 5   GLU A CA    1 
ATOM   34   C C     . GLU A 1 5  ? -3.129  -18.950 -15.430 1.00 21.19 ? 5   GLU A C     1 
ATOM   35   O O     . GLU A 1 5  ? -3.127  -19.378 -16.587 1.00 23.75 ? 5   GLU A O     1 
ATOM   36   C CB    . GLU A 1 5  ? -1.059  -19.789 -14.103 1.00 20.58 ? 5   GLU A CB    1 
ATOM   37   C CG    . GLU A 1 5  ? -1.822  -20.524 -12.939 1.00 24.71 ? 5   GLU A CG    1 
ATOM   38   C CD    . GLU A 1 5  ? -1.748  -19.911 -11.530 1.00 27.37 ? 5   GLU A CD    1 
ATOM   39   O OE1   . GLU A 1 5  ? -1.136  -18.856 -11.313 1.00 25.49 ? 5   GLU A OE1   1 
ATOM   40   O OE2   . GLU A 1 5  ? -2.353  -20.512 -10.596 1.00 30.06 ? 5   GLU A OE2   1 
ATOM   41   N N     . ASP A 1 6  ? -4.260  -18.721 -14.778 1.00 20.44 ? 6   ASP A N     1 
ATOM   42   C CA    . ASP A 1 6  ? -5.567  -18.917 -15.431 1.00 21.11 ? 6   ASP A CA    1 
ATOM   43   C C     . ASP A 1 6  ? -6.192  -17.672 -16.090 1.00 20.82 ? 6   ASP A C     1 
ATOM   44   O O     . ASP A 1 6  ? -7.266  -17.784 -16.671 1.00 20.31 ? 6   ASP A O     1 
ATOM   45   C CB    . ASP A 1 6  ? -6.620  -19.416 -14.448 1.00 20.38 ? 6   ASP A CB    1 
ATOM   46   C CG    . ASP A 1 6  ? -6.243  -20.721 -13.787 1.00 23.48 ? 6   ASP A CG    1 
ATOM   47   O OD1   . ASP A 1 6  ? -5.322  -21.392 -14.279 1.00 24.16 ? 6   ASP A OD1   1 
ATOM   48   O OD2   . ASP A 1 6  ? -6.884  -21.012 -12.739 1.00 27.48 ? 6   ASP A OD2   1 
ATOM   49   N N     . CYS A 1 7  ? -5.556  -16.504 -15.941 1.00 19.99 ? 7   CYS A N     1 
ATOM   50   C CA    . CYS A 1 7  ? -5.930  -15.352 -16.758 1.00 20.98 ? 7   CYS A CA    1 
ATOM   51   C C     . CYS A 1 7  ? -5.850  -15.608 -18.250 1.00 20.55 ? 7   CYS A C     1 
ATOM   52   O O     . CYS A 1 7  ? -4.817  -16.066 -18.753 1.00 22.10 ? 7   CYS A O     1 
ATOM   53   C CB    . CYS A 1 7  ? -5.086  -14.128 -16.363 1.00 20.41 ? 7   CYS A CB    1 
ATOM   54   S SG    . CYS A 1 7  ? -5.614  -13.530 -14.794 1.00 19.53 ? 7   CYS A SG    1 
ATOM   55   N N     . THR A 1 8  ? -6.964  -15.375 -18.951 1.00 19.26 ? 8   THR A N     1 
ATOM   56   C CA    . THR A 1 8  ? -7.053  -15.680 -20.398 1.00 20.27 ? 8   THR A CA    1 
ATOM   57   C C     . THR A 1 8  ? -6.666  -14.545 -21.329 1.00 19.05 ? 8   THR A C     1 
ATOM   58   O O     . THR A 1 8  ? -6.450  -14.747 -22.548 1.00 19.77 ? 8   THR A O     1 
ATOM   59   C CB    . THR A 1 8  ? -8.442  -16.191 -20.793 1.00 19.93 ? 8   THR A CB    1 
ATOM   60   O OG1   . THR A 1 8  ? -9.437  -15.136 -20.730 1.00 23.63 ? 8   THR A OG1   1 
ATOM   61   C CG2   . THR A 1 8  ? -8.822  -17.311 -19.858 1.00 21.26 ? 8   THR A CG2   1 
ATOM   62   N N     . GLY A 1 9  ? -6.574  -13.351 -20.765 1.00 16.70 ? 9   GLY A N     1 
ATOM   63   C CA    . GLY A 1 9  ? -6.204  -12.179 -21.526 1.00 15.12 ? 9   GLY A CA    1 
ATOM   64   C C     . GLY A 1 9  ? -6.183  -11.004 -20.566 1.00 15.03 ? 9   GLY A C     1 
ATOM   65   O O     . GLY A 1 9  ? -6.265  -11.166 -19.337 1.00 13.06 ? 9   GLY A O     1 
ATOM   66   N N     . LEU A 1 10 ? -6.039  -9.818  -21.130 1.00 14.97 ? 10  LEU A N     1 
ATOM   67   C CA    . LEU A 1 10 ? -5.928  -8.627  -20.321 1.00 13.36 ? 10  LEU A CA    1 
ATOM   68   C C     . LEU A 1 10 ? -7.182  -8.227  -19.584 1.00 13.72 ? 10  LEU A C     1 
ATOM   69   O O     . LEU A 1 10 ? -7.065  -7.479  -18.658 1.00 14.93 ? 10  LEU A O     1 
ATOM   70   C CB    . LEU A 1 10 ? -5.403  -7.438  -21.161 1.00 14.95 ? 10  LEU A CB    1 
ATOM   71   C CG    . LEU A 1 10 ? -3.991  -7.497  -21.722 1.00 12.75 ? 10  LEU A CG    1 
ATOM   72   C CD1   . LEU A 1 10 ? -3.727  -6.327  -22.682 1.00 17.38 ? 10  LEU A CD1   1 
ATOM   73   C CD2   . LEU A 1 10 ? -2.984  -7.361  -20.597 1.00 19.74 ? 10  LEU A CD2   1 
ATOM   74   N N     . ALA A 1 11 ? -8.386  -8.633  -20.005 1.00 12.63 ? 11  ALA A N     1 
ATOM   75   C CA    . ALA A 1 11 ? -9.550  -8.381  -19.191 1.00 13.44 ? 11  ALA A CA    1 
ATOM   76   C C     . ALA A 1 11 ? -9.405  -9.057  -17.815 1.00 14.07 ? 11  ALA A C     1 
ATOM   77   O O     . ALA A 1 11 ? -9.719  -8.475  -16.760 1.00 11.79 ? 11  ALA A O     1 
ATOM   78   C CB    . ALA A 1 11 ? -10.821 -8.869  -19.887 1.00 11.17 ? 11  ALA A CB    1 
ATOM   79   N N     . ASP A 1 12 ? -8.990  -10.318 -17.829 1.00 12.95 ? 12  ASP A N     1 
ATOM   80   C CA    . ASP A 1 12 ? -8.871  -11.034 -16.567 1.00 15.20 ? 12  ASP A CA    1 
ATOM   81   C C     . ASP A 1 12 ? -7.756  -10.421 -15.738 1.00 14.13 ? 12  ASP A C     1 
ATOM   82   O O     . ASP A 1 12 ? -7.913  -10.341 -14.527 1.00 15.20 ? 12  ASP A O     1 
ATOM   83   C CB    . ASP A 1 12 ? -8.564  -12.539 -16.743 1.00 15.52 ? 12  ASP A CB    1 
ATOM   84   C CG    . ASP A 1 12 ? -9.748  -13.361 -17.182 1.00 21.01 ? 12  ASP A CG    1 
ATOM   85   O OD1   . ASP A 1 12 ? -10.940 -13.003 -16.899 1.00 23.20 ? 12  ASP A OD1   1 
ATOM   86   O OD2   . ASP A 1 12 ? -9.459  -14.458 -17.754 1.00 25.15 ? 12  ASP A OD2   1 
ATOM   87   N N     . ILE A 1 13 ? -6.650  -10.015 -16.381 1.00 14.84 ? 13  ILE A N     1 
ATOM   88   C CA    . ILE A 1 13 ? -5.467  -9.556  -15.643 1.00 14.81 ? 13  ILE A CA    1 
ATOM   89   C C     . ILE A 1 13 ? -5.938  -8.289  -14.932 1.00 14.17 ? 13  ILE A C     1 
ATOM   90   O O     . ILE A 1 13 ? -5.586  -7.999  -13.829 1.00 12.44 ? 13  ILE A O     1 
ATOM   91   C CB    . ILE A 1 13 ? -4.275  -9.192  -16.638 1.00 13.75 ? 13  ILE A CB    1 
ATOM   92   C CG1   . ILE A 1 13 ? -3.703  -10.451 -17.308 1.00 14.74 ? 13  ILE A CG1   1 
ATOM   93   C CG2   . ILE A 1 13 ? -3.182  -8.389  -15.910 1.00 14.29 ? 13  ILE A CG2   1 
ATOM   94   C CD1   . ILE A 1 13 ? -3.071  -11.385 -16.332 1.00 17.46 ? 13  ILE A CD1   1 
ATOM   95   N N     . ARG A 1 14 ? -6.678  -7.475  -15.656 1.00 14.83 ? 14  ARG A N     1 
ATOM   96   C CA    . ARG A 1 14 ? -6.996  -6.107  -15.139 1.00 15.38 ? 14  ARG A CA    1 
ATOM   97   C C     . ARG A 1 14 ? -8.031  -6.165  -14.098 1.00 15.64 ? 14  ARG A C     1 
ATOM   98   O O     . ARG A 1 14 ? -7.997  -5.404  -13.146 1.00 16.76 ? 14  ARG A O     1 
ATOM   99   C CB    . ARG A 1 14 ? -7.387  -5.155  -16.282 1.00 15.71 ? 14  ARG A CB    1 
ATOM   100  C CG    . ARG A 1 14 ? -6.149  -4.889  -17.104 1.00 14.92 ? 14  ARG A CG    1 
ATOM   101  C CD    . ARG A 1 14 ? -6.501  -4.174  -18.416 1.00 16.72 ? 14  ARG A CD    1 
ATOM   102  N NE    . ARG A 1 14 ? -5.253  -3.849  -19.098 1.00 19.02 ? 14  ARG A NE    1 
ATOM   103  C CZ    . ARG A 1 14 ? -5.130  -3.446  -20.355 1.00 21.56 ? 14  ARG A CZ    1 
ATOM   104  N NH1   . ARG A 1 14 ? -3.906  -3.310  -20.848 1.00 18.38 ? 14  ARG A NH1   1 
ATOM   105  N NH2   . ARG A 1 14 ? -6.203  -3.227  -21.121 1.00 21.65 ? 14  ARG A NH2   1 
ATOM   106  N N     . GLU A 1 15 ? -8.997  -7.063  -14.243 1.00 17.07 ? 15  GLU A N     1 
ATOM   107  C CA    . GLU A 1 15 ? -9.926  -7.235  -13.137 1.00 17.82 ? 15  GLU A CA    1 
ATOM   108  C C     . GLU A 1 15 ? -9.175  -7.569  -11.835 1.00 15.36 ? 15  GLU A C     1 
ATOM   109  O O     . GLU A 1 15 ? -9.485  -7.046  -10.788 1.00 15.40 ? 15  GLU A O     1 
ATOM   110  C CB    . GLU A 1 15 ? -10.929 -8.340  -13.408 1.00 19.44 ? 15  GLU A CB    1 
ATOM   111  C CG    . GLU A 1 15 ? -11.986 -7.916  -14.515 1.00 28.19 ? 15  GLU A CG    1 
ATOM   112  C CD    . GLU A 1 15 ? -12.876 -9.116  -14.917 1.00 36.35 ? 15  GLU A CD    1 
ATOM   113  O OE1   . GLU A 1 15 ? -13.291 -9.878  -13.977 1.00 41.38 ? 15  GLU A OE1   1 
ATOM   114  O OE2   . GLU A 1 15 ? -13.130 -9.311  -16.140 1.00 39.69 ? 15  GLU A OE2   1 
ATOM   115  N N     . ALA A 1 16 ? -8.238  -8.499  -11.913 1.00 13.85 ? 16  ALA A N     1 
ATOM   116  C CA    . ALA A 1 16 ? -7.462  -8.914  -10.735 1.00 12.00 ? 16  ALA A CA    1 
ATOM   117  C C     . ALA A 1 16 ? -6.583  -7.762  -10.226 1.00 13.35 ? 16  ALA A C     1 
ATOM   118  O O     . ALA A 1 16 ? -6.492  -7.549  -9.007  1.00 13.31 ? 16  ALA A O     1 
ATOM   119  C CB    . ALA A 1 16 ? -6.572  -10.151 -11.103 1.00 12.96 ? 16  ALA A CB    1 
ATOM   120  N N     . ILE A 1 17 ? -5.927  -7.019  -11.140 1.00 11.67 ? 17  ILE A N     1 
ATOM   121  C CA    . ILE A 1 17 ? -5.137  -5.870  -10.695 1.00 12.96 ? 17  ILE A CA    1 
ATOM   122  C C     . ILE A 1 17 ? -6.024  -4.795  -10.065 1.00 13.15 ? 17  ILE A C     1 
ATOM   123  O O     . ILE A 1 17 ? -5.673  -4.205  -9.050  1.00 13.59 ? 17  ILE A O     1 
ATOM   124  C CB    . ILE A 1 17 ? -4.243  -5.273  -11.830 1.00 9.65  ? 17  ILE A CB    1 
ATOM   125  C CG1   . ILE A 1 17 ? -3.184  -6.296  -12.221 1.00 15.49 ? 17  ILE A CG1   1 
ATOM   126  C CG2   . ILE A 1 17 ? -3.575  -3.939  -11.380 1.00 11.52 ? 17  ILE A CG2   1 
ATOM   127  C CD1   . ILE A 1 17 ? -2.211  -5.919  -13.237 1.00 15.07 ? 17  ILE A CD1   1 
ATOM   128  N N     . ASP A 1 18 ? -7.174  -4.525  -10.652 1.00 13.30 ? 18  ASP A N     1 
ATOM   129  C CA    . ASP A 1 18 ? -8.118  -3.573  -10.017 1.00 13.61 ? 18  ASP A CA    1 
ATOM   130  C C     . ASP A 1 18 ? -8.548  -3.972  -8.636  1.00 15.34 ? 18  ASP A C     1 
ATOM   131  O O     . ASP A 1 18 ? -8.651  -3.119  -7.781  1.00 15.42 ? 18  ASP A O     1 
ATOM   132  C CB    . ASP A 1 18 ? -9.318  -3.349  -10.937 1.00 14.77 ? 18  ASP A CB    1 
ATOM   133  C CG    . ASP A 1 18 ? -8.988  -2.440  -12.105 1.00 17.78 ? 18  ASP A CG    1 
ATOM   134  O OD1   . ASP A 1 18 ? -7.952  -1.773  -12.073 1.00 20.59 ? 18  ASP A OD1   1 
ATOM   135  O OD2   . ASP A 1 18 ? -9.745  -2.399  -13.108 1.00 23.12 ? 18  ASP A OD2   1 
ATOM   136  N N     . ARG A 1 19 ? -8.800  -5.280  -8.452  1.00 13.77 ? 19  ARG A N     1 
ATOM   137  C CA    . ARG A 1 19 ? -9.270  -5.813  -7.159  1.00 15.39 ? 19  ARG A CA    1 
ATOM   138  C C     . ARG A 1 19 ? -8.119  -5.629  -6.136  1.00 14.61 ? 19  ARG A C     1 
ATOM   139  O O     . ARG A 1 19 ? -8.331  -5.200  -4.983  1.00 13.59 ? 19  ARG A O     1 
ATOM   140  C CB    . ARG A 1 19 ? -9.534  -7.334  -7.326  1.00 15.92 ? 19  ARG A CB    1 
ATOM   141  C CG    . ARG A 1 19 ? -10.058 -7.997  -6.024  1.00 20.85 ? 19  ARG A CG    1 
ATOM   142  C CD    . ARG A 1 19 ? -11.307 -7.265  -5.513  1.00 23.09 ? 19  ARG A CD    1 
ATOM   143  N NE    . ARG A 1 19 ? -11.027 -6.285  -4.437  1.00 28.54 ? 19  ARG A NE    1 
ATOM   144  C CZ    . ARG A 1 19 ? -11.980 -5.531  -3.875  1.00 29.65 ? 19  ARG A CZ    1 
ATOM   145  N NH1   . ARG A 1 19 ? -13.234 -5.606  -4.300  1.00 33.36 ? 19  ARG A NH1   1 
ATOM   146  N NH2   . ARG A 1 19 ? -11.703 -4.696  -2.903  1.00 27.29 ? 19  ARG A NH2   1 
ATOM   147  N N     . ILE A 1 20 ? -6.920  -6.013  -6.532  1.00 13.45 ? 20  ILE A N     1 
ATOM   148  C CA    . ILE A 1 20 ? -5.726  -5.921  -5.647  1.00 12.91 ? 20  ILE A CA    1 
ATOM   149  C C     . ILE A 1 20 ? -5.441  -4.421  -5.320  1.00 13.46 ? 20  ILE A C     1 
ATOM   150  O O     . ILE A 1 20 ? -5.146  -4.094  -4.200  1.00 12.43 ? 20  ILE A O     1 
ATOM   151  C CB    . ILE A 1 20 ? -4.449  -6.495  -6.296  1.00 13.02 ? 20  ILE A CB    1 
ATOM   152  C CG1   . ILE A 1 20 ? -4.492  -8.009  -6.375  1.00 14.52 ? 20  ILE A CG1   1 
ATOM   153  C CG2   . ILE A 1 20 ? -3.136  -6.049  -5.519  1.00 15.36 ? 20  ILE A CG2   1 
ATOM   154  C CD1   . ILE A 1 20 ? -3.435  -8.577  -7.304  1.00 17.77 ? 20  ILE A CD1   1 
ATOM   155  N N     . ASP A 1 21 ? -5.467  -3.542  -6.327  1.00 11.22 ? 21  ASP A N     1 
ATOM   156  C CA    . ASP A 1 21 ? -5.279  -2.123  -5.980  1.00 10.71 ? 21  ASP A CA    1 
ATOM   157  C C     . ASP A 1 21 ? -6.391  -1.583  -5.061  1.00 11.72 ? 21  ASP A C     1 
ATOM   158  O O     . ASP A 1 21 ? -6.117  -0.812  -4.135  1.00 10.82 ? 21  ASP A O     1 
ATOM   159  C CB    . ASP A 1 21 ? -5.098  -1.253  -7.254  1.00 11.97 ? 21  ASP A CB    1 
ATOM   160  C CG    . ASP A 1 21 ? -3.804  -1.545  -7.995  1.00 15.04 ? 21  ASP A CG    1 
ATOM   161  O OD1   . ASP A 1 21 ? -2.927  -2.290  -7.472  1.00 16.43 ? 21  ASP A OD1   1 
ATOM   162  O OD2   . ASP A 1 21 ? -3.621  -1.011  -9.119  1.00 14.15 ? 21  ASP A OD2   1 
ATOM   163  N N     . LEU A 1 22 ? -7.631  -1.970  -5.295  1.00 11.32 ? 22  LEU A N     1 
ATOM   164  C CA    . LEU A 1 22 ? -8.673  -1.490  -4.381  1.00 12.19 ? 22  LEU A CA    1 
ATOM   165  C C     . LEU A 1 22 ? -8.435  -2.054  -2.966  1.00 12.68 ? 22  LEU A C     1 
ATOM   166  O O     . LEU A 1 22 ? -8.664  -1.387  -1.998  1.00 14.54 ? 22  LEU A O     1 
ATOM   167  C CB    . LEU A 1 22 ? -10.082 -1.902  -4.917  1.00 12.56 ? 22  LEU A CB    1 
ATOM   168  C CG    . LEU A 1 22 ? -11.238 -1.498  -3.946  1.00 14.30 ? 22  LEU A CG    1 
ATOM   169  C CD1   . LEU A 1 22 ? -11.240 0.002   -3.723  1.00 18.43 ? 22  LEU A CD1   1 
ATOM   170  C CD2   . LEU A 1 22 ? -12.544 -1.913  -4.603  1.00 18.66 ? 22  LEU A CD2   1 
ATOM   171  N N     . ASP A 1 23 ? -7.971  -3.286  -2.866  1.00 12.38 ? 23  ASP A N     1 
ATOM   172  C CA    . ASP A 1 23 ? -7.743  -3.892  -1.568  1.00 11.96 ? 23  ASP A CA    1 
ATOM   173  C C     . ASP A 1 23 ? -6.682  -3.068  -0.855  1.00 12.40 ? 23  ASP A C     1 
ATOM   174  O O     . ASP A 1 23 ? -6.721  -2.896  0.371   1.00 12.73 ? 23  ASP A O     1 
ATOM   175  C CB    . ASP A 1 23 ? -7.189  -5.317  -1.778  1.00 12.61 ? 23  ASP A CB    1 
ATOM   176  C CG    . ASP A 1 23 ? -8.326  -6.387  -2.097  1.00 17.05 ? 23  ASP A CG    1 
ATOM   177  O OD1   . ASP A 1 23 ? -9.535  -6.067  -2.012  1.00 23.66 ? 23  ASP A OD1   1 
ATOM   178  O OD2   . ASP A 1 23 ? -7.958  -7.524  -2.451  1.00 24.42 ? 23  ASP A OD2   1 
ATOM   179  N N     . ILE A 1 24 ? -5.683  -2.602  -1.625  1.00 10.62 ? 24  ILE A N     1 
ATOM   180  C CA    . ILE A 1 24 ? -4.587  -1.819  -1.015  1.00 10.48 ? 24  ILE A CA    1 
ATOM   181  C C     . ILE A 1 24 ? -5.139  -0.477  -0.523  1.00 10.29 ? 24  ILE A C     1 
ATOM   182  O O     . ILE A 1 24 ? -4.816  -0.003  0.550   1.00 9.23  ? 24  ILE A O     1 
ATOM   183  C CB    . ILE A 1 24 ? -3.405  -1.650  -2.040  1.00 9.15  ? 24  ILE A CB    1 
ATOM   184  C CG1   . ILE A 1 24 ? -2.735  -2.985  -2.277  1.00 13.05 ? 24  ILE A CG1   1 
ATOM   185  C CG2   . ILE A 1 24 ? -2.308  -0.511  -1.557  1.00 10.14 ? 24  ILE A CG2   1 
ATOM   186  C CD1   . ILE A 1 24 ? -1.602  -2.975  -3.256  1.00 16.69 ? 24  ILE A CD1   1 
ATOM   187  N N     . VAL A 1 25 ? -6.012  0.122   -1.288  1.00 10.57 ? 25  VAL A N     1 
ATOM   188  C CA    . VAL A 1 25 ? -6.586  1.402   -0.865  1.00 11.45 ? 25  VAL A CA    1 
ATOM   189  C C     . VAL A 1 25 ? -7.453  1.223   0.382   1.00 12.35 ? 25  VAL A C     1 
ATOM   190  O O     . VAL A 1 25 ? -7.408  2.037   1.335   1.00 12.68 ? 25  VAL A O     1 
ATOM   191  C CB    . VAL A 1 25 ? -7.364  2.112   -2.044  1.00 9.61  ? 25  VAL A CB    1 
ATOM   192  C CG1   . VAL A 1 25 ? -8.072  3.382   -1.572  1.00 13.72 ? 25  VAL A CG1   1 
ATOM   193  C CG2   . VAL A 1 25 ? -6.427  2.535   -3.194  1.00 8.60  ? 25  VAL A CG2   1 
ATOM   194  N N     . GLN A 1 26 ? -8.245  0.162   0.381   1.00 12.01 ? 26  GLN A N     1 
ATOM   195  C CA    . GLN A 1 26 ? -9.113  -0.082  1.507   1.00 12.68 ? 26  GLN A CA    1 
ATOM   196  C C     . GLN A 1 26 ? -8.255  -0.351  2.750   1.00 12.35 ? 26  GLN A C     1 
ATOM   197  O O     . GLN A 1 26 ? -8.619  0.098   3.852   1.00 13.56 ? 26  GLN A O     1 
ATOM   198  C CB    . GLN A 1 26 ? -10.074 -1.279  1.192   1.00 11.82 ? 26  GLN A CB    1 
ATOM   199  C CG    . GLN A 1 26 ? -11.035 -0.865  0.097   1.00 14.31 ? 26  GLN A CG    1 
ATOM   200  C CD    . GLN A 1 26 ? -11.987 -1.991  -0.209  1.00 18.30 ? 26  GLN A CD    1 
ATOM   201  O OE1   . GLN A 1 26 ? -11.647 -3.135  0.025   1.00 17.63 ? 26  GLN A OE1   1 
ATOM   202  N NE2   . GLN A 1 26 ? -13.139 -1.682  -0.813  1.00 15.95 ? 26  GLN A NE2   1 
ATOM   203  N N     . ALA A 1 27 ? -7.175  -1.109  2.589   1.00 13.29 ? 27  ALA A N     1 
ATOM   204  C CA    . ALA A 1 27 ? -6.279  -1.397  3.713   1.00 12.37 ? 27  ALA A CA    1 
ATOM   205  C C     . ALA A 1 27 ? -5.625  -0.107  4.217   1.00 12.84 ? 27  ALA A C     1 
ATOM   206  O O     . ALA A 1 27 ? -5.384  0.024   5.413   1.00 12.88 ? 27  ALA A O     1 
ATOM   207  C CB    . ALA A 1 27 ? -5.160  -2.375  3.299   1.00 13.81 ? 27  ALA A CB    1 
ATOM   208  N N     . LEU A 1 28 ? -5.236  0.781   3.303   1.00 11.72 ? 28  LEU A N     1 
ATOM   209  C CA    . LEU A 1 28 ? -4.626  2.077   3.738   1.00 11.73 ? 28  LEU A CA    1 
ATOM   210  C C     . LEU A 1 28 ? -5.694  2.860   4.493   1.00 13.23 ? 28  LEU A C     1 
ATOM   211  O O     . LEU A 1 28 ? -5.418  3.607   5.374   1.00 12.40 ? 28  LEU A O     1 
ATOM   212  C CB    . LEU A 1 28 ? -4.128  2.858   2.503   1.00 12.78 ? 28  LEU A CB    1 
ATOM   213  C CG    . LEU A 1 28 ? -2.786  2.406   1.869   1.00 12.62 ? 28  LEU A CG    1 
ATOM   214  C CD1   . LEU A 1 28 ? -2.592  3.147   0.497   1.00 11.48 ? 28  LEU A CD1   1 
ATOM   215  C CD2   . LEU A 1 28 ? -1.548  2.641   2.741   1.00 11.92 ? 28  LEU A CD2   1 
ATOM   216  N N     . GLY A 1 29 ? -6.946  2.786   4.046   1.00 11.55 ? 29  GLY A N     1 
ATOM   217  C CA    . GLY A 1 29 ? -8.031  3.525   4.732   1.00 13.97 ? 29  GLY A CA    1 
ATOM   218  C C     . GLY A 1 29 ? -8.239  2.932   6.136   1.00 15.55 ? 29  GLY A C     1 
ATOM   219  O O     . GLY A 1 29 ? -8.453  3.696   7.085   1.00 15.61 ? 29  GLY A O     1 
ATOM   220  N N     . ARG A 1 30 ? -8.128  1.589   6.289   1.00 14.73 ? 30  ARG A N     1 
ATOM   221  C CA    . ARG A 1 30 ? -8.272  0.979   7.632   1.00 14.75 ? 30  ARG A CA    1 
ATOM   222  C C     . ARG A 1 30 ? -7.038  1.375   8.478   1.00 15.34 ? 30  ARG A C     1 
ATOM   223  O O     . ARG A 1 30 ? -7.142  1.632   9.688   1.00 15.30 ? 30  ARG A O     1 
ATOM   224  C CB    . ARG A 1 30 ? -8.358  -0.536  7.545   1.00 15.82 ? 30  ARG A CB    1 
ATOM   225  C CG    . ARG A 1 30 ? -9.620  -1.087  6.865   1.00 21.34 ? 30  ARG A CG    1 
ATOM   226  C CD    . ARG A 1 30 ? -9.670  -2.696  6.793   1.00 29.32 ? 30  ARG A CD    1 
ATOM   227  N NE    . ARG A 1 30 ? -9.117  -3.218  5.517   1.00 34.71 ? 30  ARG A NE    1 
ATOM   228  C CZ    . ARG A 1 30 ? -8.203  -4.183  5.440   1.00 36.55 ? 30  ARG A CZ    1 
ATOM   229  N NH1   . ARG A 1 30 ? -7.760  -4.577  4.276   1.00 41.21 ? 30  ARG A NH1   1 
ATOM   230  N NH2   . ARG A 1 30 ? -7.749  -4.781  6.535   1.00 40.67 ? 30  ARG A NH2   1 
ATOM   231  N N     . ARG A 1 31 ? -5.893  1.511   7.807   1.00 13.85 ? 31  ARG A N     1 
ATOM   232  C CA    . ARG A 1 31 ? -4.661  1.831   8.509   1.00 13.24 ? 31  ARG A CA    1 
ATOM   233  C C     . ARG A 1 31 ? -4.767  3.205   9.147   1.00 15.11 ? 31  ARG A C     1 
ATOM   234  O O     . ARG A 1 31 ? -4.256  3.438   10.263  1.00 14.01 ? 31  ARG A O     1 
ATOM   235  C CB    . ARG A 1 31 ? -3.487  1.755   7.526   1.00 13.83 ? 31  ARG A CB    1 
ATOM   236  C CG    . ARG A 1 31 ? -2.130  1.984   8.145   1.00 13.00 ? 31  ARG A CG    1 
ATOM   237  C CD    . ARG A 1 31 ? -1.145  2.052   7.048   1.00 16.94 ? 31  ARG A CD    1 
ATOM   238  N NE    . ARG A 1 31 ? 0.225   1.683   7.510   1.00 12.42 ? 31  ARG A NE    1 
ATOM   239  C CZ    . ARG A 1 31 ? 0.986   2.451   8.249   1.00 12.41 ? 31  ARG A CZ    1 
ATOM   240  N NH1   . ARG A 1 31 ? 0.555   3.629   8.685   1.00 12.24 ? 31  ARG A NH1   1 
ATOM   241  N NH2   . ARG A 1 31 ? 2.175   2.005   8.609   1.00 13.53 ? 31  ARG A NH2   1 
ATOM   242  N N     . MET A 1 32 ? -5.379  4.148   8.444   1.00 14.62 ? 32  MET A N     1 
ATOM   243  C CA    . MET A 1 32 ? -5.628  5.446   8.997   1.00 15.97 ? 32  MET A CA    1 
ATOM   244  C C     . MET A 1 32 ? -6.515  5.402   10.239  1.00 16.49 ? 32  MET A C     1 
ATOM   245  O O     . MET A 1 32 ? -6.259  6.139   11.164  1.00 15.30 ? 32  MET A O     1 
ATOM   246  C CB    . MET A 1 32 ? -6.228  6.388   7.938   1.00 17.01 ? 32  MET A CB    1 
ATOM   247  C CG    . MET A 1 32 ? -6.330  7.820   8.391   1.00 18.24 ? 32  MET A CG    1 
ATOM   248  S SD    . MET A 1 32 ? -4.714  8.553   8.694   1.00 21.32 ? 32  MET A SD    1 
ATOM   249  C CE    . MET A 1 32 ? -3.992  8.817   7.088   1.00 23.80 ? 32  MET A CE    1 
ATOM   250  N N     . ASP A 1 33 ? -7.560  4.582   10.223  1.00 16.57 ? 33  ASP A N     1 
ATOM   251  C CA    . ASP A 1 33 ? -8.393  4.355   11.423  1.00 16.48 ? 33  ASP A CA    1 
ATOM   252  C C     . ASP A 1 33 ? -7.512  3.981   12.632  1.00 14.96 ? 33  ASP A C     1 
ATOM   253  O O     . ASP A 1 33 ? -7.779  4.426   13.753  1.00 14.47 ? 33  ASP A O     1 
ATOM   254  C CB    . ASP A 1 33 ? -9.452  3.247   11.196  1.00 17.69 ? 33  ASP A CB    1 
ATOM   255  C CG    . ASP A 1 33 ? -10.482 3.590   10.160  1.00 23.33 ? 33  ASP A CG    1 
ATOM   256  O OD1   . ASP A 1 33 ? -10.755 4.803   10.008  1.00 24.97 ? 33  ASP A OD1   1 
ATOM   257  O OD2   . ASP A 1 33 ? -11.090 2.644   9.576   1.00 26.87 ? 33  ASP A OD2   1 
ATOM   258  N N     . TYR A 1 34 ? -6.497  3.152   12.419  1.00 14.41 ? 34  TYR A N     1 
ATOM   259  C CA    . TYR A 1 34 ? -5.647  2.679   13.534  1.00 14.80 ? 34  TYR A CA    1 
ATOM   260  C C     . TYR A 1 34 ? -4.737  3.777   13.970  1.00 16.42 ? 34  TYR A C     1 
ATOM   261  O O     . TYR A 1 34 ? -4.536  4.009   15.170  1.00 14.54 ? 34  TYR A O     1 
ATOM   262  C CB    . TYR A 1 34 ? -4.875  1.401   13.166  1.00 15.00 ? 34  TYR A CB    1 
ATOM   263  C CG    . TYR A 1 34 ? -5.786  0.182   13.181  1.00 12.56 ? 34  TYR A CG    1 
ATOM   264  C CD1   . TYR A 1 34 ? -6.165  -0.420  14.423  1.00 13.06 ? 34  TYR A CD1   1 
ATOM   265  C CD2   . TYR A 1 34 ? -6.301  -0.343  12.018  1.00 13.56 ? 34  TYR A CD2   1 
ATOM   266  C CE1   . TYR A 1 34 ? -7.020  -1.584  14.460  1.00 14.69 ? 34  TYR A CE1   1 
ATOM   267  C CE2   . TYR A 1 34 ? -7.183  -1.502  12.060  1.00 17.76 ? 34  TYR A CE2   1 
ATOM   268  C CZ    . TYR A 1 34 ? -7.518  -2.069  13.288  1.00 17.04 ? 34  TYR A CZ    1 
ATOM   269  O OH    . TYR A 1 34 ? -8.329  -3.197  13.361  1.00 18.37 ? 34  TYR A OH    1 
ATOM   270  N N     . VAL A 1 35 ? -4.138  4.464   12.975  1.00 17.84 ? 35  VAL A N     1 
ATOM   271  C CA    . VAL A 1 35 ? -3.290  5.622   13.328  1.00 17.14 ? 35  VAL A CA    1 
ATOM   272  C C     . VAL A 1 35 ? -4.042  6.696   14.130  1.00 18.05 ? 35  VAL A C     1 
ATOM   273  O O     . VAL A 1 35 ? -3.483  7.286   15.070  1.00 18.82 ? 35  VAL A O     1 
ATOM   274  C CB    . VAL A 1 35 ? -2.569  6.201   12.053  1.00 17.66 ? 35  VAL A CB    1 
ATOM   275  C CG1   . VAL A 1 35 ? -1.819  7.477   12.352  1.00 15.23 ? 35  VAL A CG1   1 
ATOM   276  C CG2   . VAL A 1 35 ? -1.573  5.147   11.515  1.00 14.51 ? 35  VAL A CG2   1 
ATOM   277  N N     . LYS A 1 36 ? -5.281  6.981   13.757  1.00 17.22 ? 36  LYS A N     1 
ATOM   278  C CA    . LYS A 1 36 ? -6.069  7.979   14.507  1.00 19.10 ? 36  LYS A CA    1 
ATOM   279  C C     . LYS A 1 36 ? -6.421  7.461   15.919  1.00 18.21 ? 36  LYS A C     1 
ATOM   280  O O     . LYS A 1 36 ? -6.364  8.214   16.862  1.00 18.06 ? 36  LYS A O     1 
ATOM   281  C CB    . LYS A 1 36 ? -7.320  8.406   13.715  1.00 20.00 ? 36  LYS A CB    1 
ATOM   282  C CG    . LYS A 1 36 ? -6.992  9.428   12.651  1.00 24.21 ? 36  LYS A CG    1 
ATOM   283  C CD    . LYS A 1 36 ? -8.203  9.753   11.746  1.00 32.29 ? 36  LYS A CD    1 
ATOM   284  C CE    . LYS A 1 36 ? -7.745  10.728  10.621  1.00 33.42 ? 36  LYS A CE    1 
ATOM   285  N NZ    . LYS A 1 36 ? -8.870  11.317  9.763   1.00 36.44 ? 36  LYS A NZ    1 
ATOM   286  N N     . ALA A 1 37 ? -6.779  6.178   16.037  1.00 17.57 ? 37  ALA A N     1 
ATOM   287  C CA    . ALA A 1 37 ? -6.979  5.492   17.384  1.00 17.93 ? 37  ALA A CA    1 
ATOM   288  C C     . ALA A 1 37 ? -5.755  5.621   18.271  1.00 18.16 ? 37  ALA A C     1 
ATOM   289  O O     . ALA A 1 37 ? -5.890  5.773   19.466  1.00 19.71 ? 37  ALA A O     1 
ATOM   290  C CB    . ALA A 1 37 ? -7.406  4.007   17.212  1.00 16.38 ? 37  ALA A CB    1 
ATOM   291  N N     . ALA A 1 38 ? -4.577  5.701   17.668  1.00 18.88 ? 38  ALA A N     1 
ATOM   292  C CA    . ALA A 1 38 ? -3.302  5.773   18.422  1.00 20.03 ? 38  ALA A CA    1 
ATOM   293  C C     . ALA A 1 38 ? -3.157  7.048   19.235  1.00 20.22 ? 38  ALA A C     1 
ATOM   294  O O     . ALA A 1 38 ? -2.495  7.065   20.309  1.00 17.23 ? 38  ALA A O     1 
ATOM   295  C CB    . ALA A 1 38 ? -2.116  5.603   17.514  1.00 18.67 ? 38  ALA A CB    1 
ATOM   296  N N     . SER A 1 39 ? -3.797  8.099   18.729  1.00 21.71 ? 39  SER A N     1 
ATOM   297  C CA    . SER A 1 39 ? -3.627  9.423   19.264  1.00 26.08 ? 39  SER A CA    1 
ATOM   298  C C     . SER A 1 39 ? -4.059  9.468   20.726  1.00 26.63 ? 39  SER A C     1 
ATOM   299  O O     . SER A 1 39 ? -3.485  10.187  21.508  1.00 27.77 ? 39  SER A O     1 
ATOM   300  C CB    . SER A 1 39 ? -4.367  10.456  18.403  1.00 27.24 ? 39  SER A CB    1 
ATOM   301  O OG    . SER A 1 39 ? -5.700  10.610  18.893  1.00 32.56 ? 39  SER A OG    1 
ATOM   302  N N     . ARG A 1 40 ? -5.021  8.660   21.151  1.00 27.68 ? 40  ARG A N     1 
ATOM   303  C CA    . ARG A 1 40 ? -5.365  8.691   22.594  1.00 29.24 ? 40  ARG A CA    1 
ATOM   304  C C     . ARG A 1 40 ? -4.323  8.017   23.545  1.00 29.16 ? 40  ARG A C     1 
ATOM   305  O O     . ARG A 1 40 ? -4.397  8.211   24.760  1.00 28.61 ? 40  ARG A O     1 
ATOM   306  C CB    . ARG A 1 40 ? -6.769  8.100   22.873  1.00 30.83 ? 40  ARG A CB    1 
ATOM   307  C CG    . ARG A 1 40 ? -6.960  6.660   22.468  1.00 30.61 ? 40  ARG A CG    1 
ATOM   308  C CD    . ARG A 1 40 ? -8.374  6.189   22.844  1.00 33.06 ? 40  ARG A CD    1 
ATOM   309  N NE    . ARG A 1 40 ? -8.661  4.778   22.531  1.00 34.63 ? 40  ARG A NE    1 
ATOM   310  C CZ    . ARG A 1 40 ? -8.914  4.283   21.311  1.00 36.02 ? 40  ARG A CZ    1 
ATOM   311  N NH1   . ARG A 1 40 ? -9.163  2.973   21.136  1.00 36.97 ? 40  ARG A NH1   1 
ATOM   312  N NH2   . ARG A 1 40 ? -8.903  5.075   20.249  1.00 37.51 ? 40  ARG A NH2   1 
ATOM   313  N N     . PHE A 1 41 ? -3.381  7.247   22.989  1.00 27.50 ? 41  PHE A N     1 
ATOM   314  C CA    . PHE A 1 41 ? -2.388  6.503   23.759  1.00 27.54 ? 41  PHE A CA    1 
ATOM   315  C C     . PHE A 1 41 ? -1.034  7.161   23.585  1.00 29.66 ? 41  PHE A C     1 
ATOM   316  O O     . PHE A 1 41 ? 0.005   6.521   23.773  1.00 29.67 ? 41  PHE A O     1 
ATOM   317  C CB    . PHE A 1 41 ? -2.289  5.063   23.268  1.00 26.29 ? 41  PHE A CB    1 
ATOM   318  C CG    . PHE A 1 41 ? -3.581  4.303   23.372  1.00 25.15 ? 41  PHE A CG    1 
ATOM   319  C CD1   . PHE A 1 41 ? -4.215  4.141   24.609  1.00 22.44 ? 41  PHE A CD1   1 
ATOM   320  C CD2   . PHE A 1 41 ? -4.148  3.767   22.251  1.00 23.12 ? 41  PHE A CD2   1 
ATOM   321  C CE1   . PHE A 1 41 ? -5.391  3.433   24.708  1.00 20.78 ? 41  PHE A CE1   1 
ATOM   322  C CE2   . PHE A 1 41 ? -5.335  3.068   22.328  1.00 26.13 ? 41  PHE A CE2   1 
ATOM   323  C CZ    . PHE A 1 41 ? -5.956  2.902   23.586  1.00 23.22 ? 41  PHE A CZ    1 
ATOM   324  N N     . GLU A 1 42 ? -1.056  8.419   23.165  1.00 31.74 ? 42  GLU A N     1 
ATOM   325  C CA    . GLU A 1 42 ? 0.165   9.223   22.981  1.00 33.28 ? 42  GLU A CA    1 
ATOM   326  C C     . GLU A 1 42 ? 0.306   10.119  24.184  1.00 34.70 ? 42  GLU A C     1 
ATOM   327  O O     . GLU A 1 42 ? -0.548  10.963  24.433  1.00 34.74 ? 42  GLU A O     1 
ATOM   328  C CB    . GLU A 1 42 ? 0.103   10.087  21.705  1.00 33.65 ? 42  GLU A CB    1 
ATOM   329  C CG    . GLU A 1 42 ? -0.093  9.304   20.385  1.00 33.33 ? 42  GLU A CG    1 
ATOM   330  C CD    . GLU A 1 42 ? 1.118   8.534   19.915  1.00 36.27 ? 42  GLU A CD    1 
ATOM   331  O OE1   . GLU A 1 42 ? 2.079   8.394   20.691  1.00 39.86 ? 42  GLU A OE1   1 
ATOM   332  O OE2   . GLU A 1 42 ? 1.102   8.039   18.772  1.00 39.79 ? 42  GLU A OE2   1 
ATOM   333  N N     . ALA A 1 43 ? 1.394   9.926   24.927  1.00 35.55 ? 43  ALA A N     1 
ATOM   334  C CA    . ALA A 1 43 ? 1.693   10.743  26.087  1.00 36.88 ? 43  ALA A CA    1 
ATOM   335  C C     . ALA A 1 43 ? 1.595   12.248  25.806  1.00 36.63 ? 43  ALA A C     1 
ATOM   336  O O     . ALA A 1 43 ? 1.143   13.004  26.683  1.00 37.78 ? 43  ALA A O     1 
ATOM   337  C CB    . ALA A 1 43 ? 3.100   10.388  26.642  1.00 37.25 ? 43  ALA A CB    1 
ATOM   338  N N     . SER A 1 44 ? 1.990   12.644  24.577  1.00 35.31 ? 44  SER A N     1 
ATOM   339  C CA    . SER A 1 44 ? 2.217   14.043  24.170  1.00 33.38 ? 44  SER A CA    1 
ATOM   340  C C     . SER A 1 44 ? 2.403   14.144  22.635  1.00 31.61 ? 44  SER A C     1 
ATOM   341  O O     . SER A 1 44 ? 2.576   13.134  21.940  1.00 30.84 ? 44  SER A O     1 
ATOM   342  C CB    . SER A 1 44 ? 3.488   14.573  24.871  1.00 33.20 ? 44  SER A CB    1 
ATOM   343  O OG    . SER A 1 44 ? 4.659   14.014  24.263  1.00 33.89 ? 44  SER A OG    1 
ATOM   344  N N     . GLU A 1 45 ? 2.424   15.365  22.090  1.00 30.48 ? 45  GLU A N     1 
ATOM   345  C CA    . GLU A 1 45 ? 2.637   15.520  20.648  1.00 28.30 ? 45  GLU A CA    1 
ATOM   346  C C     . GLU A 1 45 ? 4.008   15.006  20.218  1.00 27.45 ? 45  GLU A C     1 
ATOM   347  O O     . GLU A 1 45 ? 4.162   14.478  19.127  1.00 25.96 ? 45  GLU A O     1 
ATOM   348  C CB    . GLU A 1 45 ? 2.506   16.984  20.237  1.00 28.33 ? 45  GLU A CB    1 
ATOM   349  C CG    . GLU A 1 45 ? 2.325   17.157  18.748  1.00 29.62 ? 45  GLU A CG    1 
ATOM   350  C CD    . GLU A 1 45 ? 2.053   18.568  18.353  1.00 29.86 ? 45  GLU A CD    1 
ATOM   351  O OE1   . GLU A 1 45 ? 1.505   19.319  19.192  1.00 34.19 ? 45  GLU A OE1   1 
ATOM   352  O OE2   . GLU A 1 45 ? 2.391   18.911  17.210  1.00 29.94 ? 45  GLU A OE2   1 
ATOM   353  N N     . ALA A 1 46 ? 5.002   15.191  21.086  1.00 27.15 ? 46  ALA A N     1 
ATOM   354  C CA    . ALA A 1 46 ? 6.361   14.775  20.792  1.00 25.88 ? 46  ALA A CA    1 
ATOM   355  C C     . ALA A 1 46 ? 6.448   13.253  20.745  1.00 25.83 ? 46  ALA A C     1 
ATOM   356  O O     . ALA A 1 46 ? 7.380   12.695  20.154  1.00 24.43 ? 46  ALA A O     1 
ATOM   357  C CB    . ALA A 1 46 ? 7.313   15.337  21.821  1.00 27.10 ? 46  ALA A CB    1 
ATOM   358  N N     . ALA A 1 47 ? 5.464   12.581  21.335  1.00 24.25 ? 47  ALA A N     1 
ATOM   359  C CA    . ALA A 1 47 ? 5.404   11.114  21.281  1.00 25.13 ? 47  ALA A CA    1 
ATOM   360  C C     . ALA A 1 47 ? 5.021   10.554  19.871  1.00 24.90 ? 47  ALA A C     1 
ATOM   361  O O     . ALA A 1 47 ? 5.233   9.357   19.562  1.00 23.09 ? 47  ALA A O     1 
ATOM   362  C CB    . ALA A 1 47 ? 4.375   10.611  22.366  1.00 26.24 ? 47  ALA A CB    1 
ATOM   363  N N     . ILE A 1 48 ? 4.396   11.397  19.056  1.00 24.57 ? 48  ILE A N     1 
ATOM   364  C CA    . ILE A 1 48 ? 3.730   10.921  17.829  1.00 24.16 ? 48  ILE A CA    1 
ATOM   365  C C     . ILE A 1 48 ? 4.659   10.197  16.840  1.00 24.93 ? 48  ILE A C     1 
ATOM   366  O O     . ILE A 1 48 ? 4.393   9.027   16.512  1.00 26.01 ? 48  ILE A O     1 
ATOM   367  C CB    . ILE A 1 48 ? 2.795   11.991  17.168  1.00 23.25 ? 48  ILE A CB    1 
ATOM   368  C CG1   . ILE A 1 48 ? 1.633   12.328  18.116  1.00 23.01 ? 48  ILE A CG1   1 
ATOM   369  C CG2   . ILE A 1 48 ? 2.302   11.504  15.814  1.00 25.83 ? 48  ILE A CG2   1 
ATOM   370  C CD1   . ILE A 1 48 ? 0.596   13.305  17.577  1.00 22.10 ? 48  ILE A CD1   1 
ATOM   371  N N     . PRO A 1 49 ? 5.768   10.860  16.411  1.00 24.67 ? 49  PRO A N     1 
ATOM   372  C CA    . PRO A 1 49 ? 6.595   10.277  15.355  1.00 25.93 ? 49  PRO A CA    1 
ATOM   373  C C     . PRO A 1 49 ? 7.316   9.013   15.756  1.00 26.66 ? 49  PRO A C     1 
ATOM   374  O O     . PRO A 1 49 ? 7.932   8.440   14.871  1.00 26.25 ? 49  PRO A O     1 
ATOM   375  C CB    . PRO A 1 49 ? 7.659   11.353  15.070  1.00 25.93 ? 49  PRO A CB    1 
ATOM   376  C CG    . PRO A 1 49 ? 7.070   12.629  15.591  1.00 23.97 ? 49  PRO A CG    1 
ATOM   377  C CD    . PRO A 1 49 ? 6.131   12.273  16.695  1.00 25.02 ? 49  PRO A CD    1 
ATOM   378  N N     . ALA A 1 50 ? 7.220   8.634   17.051  1.00 28.58 ? 50  ALA A N     1 
ATOM   379  C CA    . ALA A 1 50 ? 7.756   7.398   17.696  1.00 30.39 ? 50  ALA A CA    1 
ATOM   380  C C     . ALA A 1 50 ? 8.954   6.816   16.983  1.00 32.26 ? 50  ALA A C     1 
ATOM   381  O O     . ALA A 1 50 ? 8.825   5.842   16.173  1.00 32.50 ? 50  ALA A O     1 
ATOM   382  C CB    . ALA A 1 50 ? 6.704   6.364   17.861  1.00 30.33 ? 50  ALA A CB    1 
ATOM   383  N N     . PRO A 1 51 ? 10.133  7.375   17.277  1.00 33.44 ? 51  PRO A N     1 
ATOM   384  C CA    . PRO A 1 51 ? 11.176  7.188   16.289  1.00 33.46 ? 51  PRO A CA    1 
ATOM   385  C C     . PRO A 1 51 ? 11.759  5.761   16.295  1.00 32.21 ? 51  PRO A C     1 
ATOM   386  O O     . PRO A 1 51 ? 12.195  5.305   15.274  1.00 32.72 ? 51  PRO A O     1 
ATOM   387  C CB    . PRO A 1 51 ? 12.210  8.291   16.648  1.00 33.15 ? 51  PRO A CB    1 
ATOM   388  C CG    . PRO A 1 51 ? 11.819  8.812   18.030  1.00 33.42 ? 51  PRO A CG    1 
ATOM   389  C CD    . PRO A 1 51 ? 10.665  7.963   18.531  1.00 34.55 ? 51  PRO A CD    1 
ATOM   390  N N     . GLU A 1 52 ? 11.708  5.068   17.429  1.00 31.64 ? 52  GLU A N     1 
ATOM   391  C CA    . GLU A 1 52 ? 12.235  3.714   17.536  1.00 31.11 ? 52  GLU A CA    1 
ATOM   392  C C     . GLU A 1 52 ? 11.236  2.756   16.839  1.00 28.15 ? 52  GLU A C     1 
ATOM   393  O O     . GLU A 1 52 ? 11.596  1.768   16.225  1.00 25.69 ? 52  GLU A O     1 
ATOM   394  C CB    . GLU A 1 52 ? 12.484  3.352   19.033  1.00 32.37 ? 52  GLU A CB    1 
ATOM   395  C CG    . GLU A 1 52 ? 12.698  4.623   19.938  1.00 38.32 ? 52  GLU A CG    1 
ATOM   396  C CD    . GLU A 1 52 ? 13.543  4.407   21.219  1.00 45.91 ? 52  GLU A CD    1 
ATOM   397  O OE1   . GLU A 1 52 ? 13.355  3.378   21.915  1.00 46.18 ? 52  GLU A OE1   1 
ATOM   398  O OE2   . GLU A 1 52 ? 14.388  5.294   21.530  1.00 46.81 ? 52  GLU A OE2   1 
ATOM   399  N N     . ARG A 1 53 ? 9.959   3.068   16.936  1.00 24.83 ? 53  ARG A N     1 
ATOM   400  C CA    . ARG A 1 53 ? 8.990   2.247   16.247  1.00 22.91 ? 53  ARG A CA    1 
ATOM   401  C C     . ARG A 1 53 ? 9.197   2.402   14.727  1.00 22.03 ? 53  ARG A C     1 
ATOM   402  O O     . ARG A 1 53 ? 9.279   1.397   13.993  1.00 19.01 ? 53  ARG A O     1 
ATOM   403  C CB    . ARG A 1 53 ? 7.563   2.577   16.745  1.00 22.22 ? 53  ARG A CB    1 
ATOM   404  C CG    . ARG A 1 53 ? 6.408   2.074   15.847  1.00 22.76 ? 53  ARG A CG    1 
ATOM   405  C CD    . ARG A 1 53 ? 6.209   0.556   15.776  1.00 25.48 ? 53  ARG A CD    1 
ATOM   406  N NE    . ARG A 1 53 ? 5.078   0.278   14.888  1.00 20.77 ? 53  ARG A NE    1 
ATOM   407  C CZ    . ARG A 1 53 ? 4.748   -0.910  14.393  1.00 21.75 ? 53  ARG A CZ    1 
ATOM   408  N NH1   . ARG A 1 53 ? 3.685   -1.044  13.591  1.00 18.36 ? 53  ARG A NH1   1 
ATOM   409  N NH2   . ARG A 1 53 ? 5.475   -1.989  14.667  1.00 22.90 ? 53  ARG A NH2   1 
ATOM   410  N N     . VAL A 1 54 ? 9.377   3.632   14.234  1.00 20.93 ? 54  VAL A N     1 
ATOM   411  C CA    . VAL A 1 54 ? 9.528   3.795   12.775  1.00 21.01 ? 54  VAL A CA    1 
ATOM   412  C C     . VAL A 1 54 ? 10.805  3.218   12.263  1.00 21.69 ? 54  VAL A C     1 
ATOM   413  O O     . VAL A 1 54 ? 10.864  2.604   11.173  1.00 19.59 ? 54  VAL A O     1 
ATOM   414  C CB    . VAL A 1 54 ? 9.421   5.286   12.289  1.00 21.60 ? 54  VAL A CB    1 
ATOM   415  C CG1   . VAL A 1 54 ? 9.598   5.342   10.793  1.00 18.90 ? 54  VAL A CG1   1 
ATOM   416  C CG2   . VAL A 1 54 ? 8.102   5.772   12.711  1.00 21.24 ? 54  VAL A CG2   1 
ATOM   417  N N     . ALA A 1 55 ? 11.825  3.362   13.103  1.00 21.20 ? 55  ALA A N     1 
ATOM   418  C CA    . ALA A 1 55 ? 13.187  2.941   12.748  1.00 21.28 ? 55  ALA A CA    1 
ATOM   419  C C     . ALA A 1 55 ? 13.203  1.460   12.498  1.00 18.94 ? 55  ALA A C     1 
ATOM   420  O O     . ALA A 1 55 ? 13.898  0.961   11.641  1.00 18.43 ? 55  ALA A O     1 
ATOM   421  C CB    . ALA A 1 55 ? 14.173  3.252   13.967  1.00 20.54 ? 55  ALA A CB    1 
ATOM   422  N N     . ALA A 1 56 ? 12.464  0.743   13.308  1.00 19.30 ? 56  ALA A N     1 
ATOM   423  C CA    . ALA A 1 56 ? 12.394  -0.711  13.188  1.00 18.19 ? 56  ALA A CA    1 
ATOM   424  C C     . ALA A 1 56 ? 11.423  -1.135  12.060  1.00 18.28 ? 56  ALA A C     1 
ATOM   425  O O     . ALA A 1 56 ? 11.640  -2.136  11.436  1.00 17.36 ? 56  ALA A O     1 
ATOM   426  C CB    . ALA A 1 56 ? 11.930  -1.281  14.505  1.00 19.46 ? 56  ALA A CB    1 
ATOM   427  N N     . MET A 1 57 ? 10.376  -0.356  11.799  1.00 16.91 ? 57  MET A N     1 
ATOM   428  C CA    . MET A 1 57 ? 9.321   -0.713  10.844  1.00 18.36 ? 57  MET A CA    1 
ATOM   429  C C     . MET A 1 57 ? 9.768   -0.854  9.402   1.00 16.93 ? 57  MET A C     1 
ATOM   430  O O     . MET A 1 57 ? 9.317   -1.744  8.656   1.00 18.00 ? 57  MET A O     1 
ATOM   431  C CB    . MET A 1 57 ? 8.267   0.398   10.824  1.00 18.97 ? 57  MET A CB    1 
ATOM   432  C CG    . MET A 1 57 ? 7.354   0.286   11.940  1.00 21.86 ? 57  MET A CG    1 
ATOM   433  S SD    . MET A 1 57 ? 6.214   1.685   11.872  1.00 22.79 ? 57  MET A SD    1 
ATOM   434  C CE    . MET A 1 57 ? 4.957   0.915   10.880  1.00 17.02 ? 57  MET A CE    1 
ATOM   435  N N     . LEU A 1 58 ? 10.594  0.072   8.978   1.00 17.03 ? 58  LEU A N     1 
ATOM   436  C CA    . LEU A 1 58 ? 11.020  0.106   7.585   1.00 15.75 ? 58  LEU A CA    1 
ATOM   437  C C     . LEU A 1 58 ? 11.862  -1.121  7.205   1.00 16.87 ? 58  LEU A C     1 
ATOM   438  O O     . LEU A 1 58 ? 11.589  -1.758  6.177   1.00 15.62 ? 58  LEU A O     1 
ATOM   439  C CB    . LEU A 1 58 ? 11.621  1.461   7.270   1.00 17.72 ? 58  LEU A CB    1 
ATOM   440  C CG    . LEU A 1 58 ? 10.538  2.548   7.328   1.00 17.56 ? 58  LEU A CG    1 
ATOM   441  C CD1   . LEU A 1 58 ? 11.257  3.913   7.244   1.00 25.09 ? 58  LEU A CD1   1 
ATOM   442  C CD2   . LEU A 1 58 ? 9.693   2.341   6.065   1.00 19.08 ? 58  LEU A CD2   1 
ATOM   443  N N     . PRO A 1 59 ? 12.861  -1.509  8.043   1.00 16.48 ? 59  PRO A N     1 
ATOM   444  C CA    . PRO A 1 59 ? 13.622  -2.720  7.644   1.00 17.10 ? 59  PRO A CA    1 
ATOM   445  C C     . PRO A 1 59 ? 12.758  -3.972  7.669   1.00 18.10 ? 59  PRO A C     1 
ATOM   446  O O     . PRO A 1 59 ? 13.020  -4.925  6.895   1.00 18.35 ? 59  PRO A O     1 
ATOM   447  C CB    . PRO A 1 59 ? 14.743  -2.822  8.730   1.00 19.29 ? 59  PRO A CB    1 
ATOM   448  C CG    . PRO A 1 59 ? 14.884  -1.429  9.276   1.00 19.08 ? 59  PRO A CG    1 
ATOM   449  C CD    . PRO A 1 59 ? 13.542  -0.716  9.104   1.00 17.05 ? 59  PRO A CD    1 
ATOM   450  N N     . GLU A 1 60 ? 11.733  -3.988  8.526   1.00 16.59 ? 60  GLU A N     1 
ATOM   451  C CA    . GLU A 1 60 ? 10.837  -5.137  8.597   1.00 17.71 ? 60  GLU A CA    1 
ATOM   452  C C     . GLU A 1 60 ? 10.042  -5.226  7.301   1.00 15.90 ? 60  GLU A C     1 
ATOM   453  O O     . GLU A 1 60 ? 9.892   -6.305  6.750   1.00 15.72 ? 60  GLU A O     1 
ATOM   454  C CB    . GLU A 1 60 ? 9.905   -5.110  9.805   1.00 19.09 ? 60  GLU A CB    1 
ATOM   455  C CG    . GLU A 1 60 ? 10.560  -5.713  11.074  1.00 27.01 ? 60  GLU A CG    1 
ATOM   456  C CD    . GLU A 1 60 ? 11.054  -7.160  10.831  1.00 28.34 ? 60  GLU A CD    1 
ATOM   457  O OE1   . GLU A 1 60 ? 10.308  -8.111  11.107  1.00 33.70 ? 60  GLU A OE1   1 
ATOM   458  O OE2   . GLU A 1 60 ? 12.191  -7.340  10.323  1.00 32.89 ? 60  GLU A OE2   1 
ATOM   459  N N     . ARG A 1 61 ? 9.502   -4.085  6.841   1.00 12.94 ? 61  ARG A N     1 
ATOM   460  C CA    . ARG A 1 61 ? 8.829   -4.066  5.502   1.00 12.92 ? 61  ARG A CA    1 
ATOM   461  C C     . ARG A 1 61 ? 9.752   -4.425  4.324   1.00 12.12 ? 61  ARG A C     1 
ATOM   462  O O     . ARG A 1 61 ? 9.334   -5.043  3.397   1.00 12.43 ? 61  ARG A O     1 
ATOM   463  C CB    . ARG A 1 61 ? 8.059   -2.748  5.314   1.00 11.49 ? 61  ARG A CB    1 
ATOM   464  C CG    . ARG A 1 61 ? 6.833   -2.729  6.178   1.00 15.14 ? 61  ARG A CG    1 
ATOM   465  C CD    . ARG A 1 61 ? 6.613   -1.370  6.877   1.00 14.13 ? 61  ARG A CD    1 
ATOM   466  N NE    . ARG A 1 61 ? 5.499   -1.456  7.829   1.00 9.33  ? 61  ARG A NE    1 
ATOM   467  C CZ    . ARG A 1 61 ? 5.565   -2.090  8.984   1.00 12.30 ? 61  ARG A CZ    1 
ATOM   468  N NH1   . ARG A 1 61 ? 6.689   -2.659  9.381   1.00 14.06 ? 61  ARG A NH1   1 
ATOM   469  N NH2   . ARG A 1 61 ? 4.462   -2.173  9.754   1.00 14.38 ? 61  ARG A NH2   1 
ATOM   470  N N     . ALA A 1 62 ? 11.009  -3.989  4.376   1.00 11.84 ? 62  ALA A N     1 
ATOM   471  C CA    . ALA A 1 62 ? 12.028  -4.368  3.368   1.00 13.74 ? 62  ALA A CA    1 
ATOM   472  C C     . ALA A 1 62 ? 12.146  -5.896  3.417   1.00 15.17 ? 62  ALA A C     1 
ATOM   473  O O     . ALA A 1 62 ? 12.103  -6.556  2.369   1.00 15.64 ? 62  ALA A O     1 
ATOM   474  C CB    . ALA A 1 62 ? 13.409  -3.682  3.675   1.00 12.32 ? 62  ALA A CB    1 
ATOM   475  N N     . ARG A 1 63 ? 12.262  -6.481  4.617   1.00 14.90 ? 63  ARG A N     1 
ATOM   476  C CA    . ARG A 1 63 ? 12.264  -7.977  4.700   1.00 16.37 ? 63  ARG A CA    1 
ATOM   477  C C     . ARG A 1 63 ? 11.041  -8.635  4.128   1.00 14.49 ? 63  ARG A C     1 
ATOM   478  O O     . ARG A 1 63 ? 11.180  -9.592  3.363   1.00 12.17 ? 63  ARG A O     1 
ATOM   479  C CB    . ARG A 1 63 ? 12.535  -8.510  6.151   1.00 16.54 ? 63  ARG A CB    1 
ATOM   480  C CG    . ARG A 1 63 ? 13.946  -8.077  6.503   1.00 25.37 ? 63  ARG A CG    1 
ATOM   481  C CD    . ARG A 1 63 ? 14.472  -8.557  7.875   1.00 32.08 ? 63  ARG A CD    1 
ATOM   482  N NE    . ARG A 1 63 ? 14.294  -7.538  8.937   1.00 38.63 ? 63  ARG A NE    1 
ATOM   483  C CZ    . ARG A 1 63 ? 15.123  -6.525  9.250   1.00 38.73 ? 63  ARG A CZ    1 
ATOM   484  N NH1   . ARG A 1 63 ? 16.272  -6.323  8.596   1.00 39.49 ? 63  ARG A NH1   1 
ATOM   485  N NH2   . ARG A 1 63 ? 14.787  -5.717  10.257  1.00 38.73 ? 63  ARG A NH2   1 
ATOM   486  N N     . TRP A 1 64 ? 9.839   -8.117  4.427   1.00 12.04 ? 64  TRP A N     1 
ATOM   487  C CA    . TRP A 1 64 ? 8.664   -8.676  3.802   1.00 13.02 ? 64  TRP A CA    1 
ATOM   488  C C     . TRP A 1 64 ? 8.649   -8.584  2.289   1.00 12.39 ? 64  TRP A C     1 
ATOM   489  O O     . TRP A 1 64 ? 8.137   -9.480  1.602   1.00 14.41 ? 64  TRP A O     1 
ATOM   490  C CB    . TRP A 1 64 ? 7.415   -8.029  4.321   1.00 13.60 ? 64  TRP A CB    1 
ATOM   491  C CG    . TRP A 1 64 ? 7.315   -8.142  5.823   1.00 15.09 ? 64  TRP A CG    1 
ATOM   492  C CD1   . TRP A 1 64 ? 7.963   -9.019  6.637   1.00 13.12 ? 64  TRP A CD1   1 
ATOM   493  C CD2   . TRP A 1 64 ? 6.463   -7.354  6.647   1.00 16.53 ? 64  TRP A CD2   1 
ATOM   494  N NE1   . TRP A 1 64 ? 7.541   -8.828  7.951   1.00 20.55 ? 64  TRP A NE1   1 
ATOM   495  C CE2   . TRP A 1 64 ? 6.632   -7.794  7.974   1.00 19.66 ? 64  TRP A CE2   1 
ATOM   496  C CE3   . TRP A 1 64 ? 5.607   -6.282  6.388   1.00 14.33 ? 64  TRP A CE3   1 
ATOM   497  C CZ2   . TRP A 1 64 ? 5.954   -7.195  9.074   1.00 20.70 ? 64  TRP A CZ2   1 
ATOM   498  C CZ3   . TRP A 1 64 ? 4.932   -5.678  7.466   1.00 16.53 ? 64  TRP A CZ3   1 
ATOM   499  C CH2   . TRP A 1 64 ? 5.099   -6.157  8.796   1.00 20.03 ? 64  TRP A CH2   1 
ATOM   500  N N     . ALA A 1 65 ? 9.175   -7.488  1.756   1.00 11.90 ? 65  ALA A N     1 
ATOM   501  C CA    . ALA A 1 65 ? 9.278   -7.387  0.314   1.00 12.28 ? 65  ALA A CA    1 
ATOM   502  C C     . ALA A 1 65 ? 10.136  -8.524  -0.311  1.00 12.53 ? 65  ALA A C     1 
ATOM   503  O O     . ALA A 1 65 ? 9.706   -9.188  -1.259  1.00 12.58 ? 65  ALA A O     1 
ATOM   504  C CB    . ALA A 1 65 ? 9.899   -6.045  -0.069  1.00 11.90 ? 65  ALA A CB    1 
ATOM   505  N N     . GLU A 1 66 ? 11.298  -8.769  0.288   1.00 12.60 ? 66  GLU A N     1 
ATOM   506  C CA    . GLU A 1 66 ? 12.208  -9.841  -0.113  1.00 15.14 ? 66  GLU A CA    1 
ATOM   507  C C     . GLU A 1 66 ? 11.550  -11.197 0.002   1.00 15.44 ? 66  GLU A C     1 
ATOM   508  O O     . GLU A 1 66 ? 11.827  -12.105 -0.772  1.00 18.74 ? 66  GLU A O     1 
ATOM   509  C CB    . GLU A 1 66 ? 13.377  -9.876  0.877   1.00 15.59 ? 66  GLU A CB    1 
ATOM   510  C CG    . GLU A 1 66 ? 14.291  -8.598  0.778   1.00 20.70 ? 66  GLU A CG    1 
ATOM   511  C CD    . GLU A 1 66 ? 15.163  -8.331  2.011   1.00 25.65 ? 66  GLU A CD    1 
ATOM   512  O OE1   . GLU A 1 66 ? 15.264  -9.140  2.962   1.00 25.12 ? 66  GLU A OE1   1 
ATOM   513  O OE2   . GLU A 1 66 ? 15.769  -7.239  2.009   1.00 30.72 ? 66  GLU A OE2   1 
ATOM   514  N N     . GLU A 1 67 ? 10.703  -11.358 0.987   1.00 15.75 ? 67  GLU A N     1 
ATOM   515  C CA    . GLU A 1 67 ? 9.949   -12.609 1.116   1.00 13.80 ? 67  GLU A CA    1 
ATOM   516  C C     . GLU A 1 67 ? 8.763   -12.692 0.150   1.00 14.99 ? 67  GLU A C     1 
ATOM   517  O O     . GLU A 1 67 ? 8.249   -13.755 -0.097  1.00 14.02 ? 67  GLU A O     1 
ATOM   518  C CB    . GLU A 1 67 ? 9.496   -12.755 2.537   1.00 15.07 ? 67  GLU A CB    1 
ATOM   519  C CG    . GLU A 1 67 ? 10.633  -12.975 3.488   1.00 15.39 ? 67  GLU A CG    1 
ATOM   520  C CD    . GLU A 1 67 ? 10.305  -12.520 4.912   1.00 23.92 ? 67  GLU A CD    1 
ATOM   521  O OE1   . GLU A 1 67 ? 9.199   -11.971 5.185   1.00 22.63 ? 67  GLU A OE1   1 
ATOM   522  O OE2   . GLU A 1 67 ? 11.168  -12.710 5.796   1.00 26.03 ? 67  GLU A OE2   1 
ATOM   523  N N     . ASN A 1 68 ? 8.406   -11.581 -0.483  1.00 15.31 ? 68  ASN A N     1 
ATOM   524  C CA    . ASN A 1 68 ? 7.352   -11.582 -1.487  1.00 14.19 ? 68  ASN A CA    1 
ATOM   525  C C     . ASN A 1 68 ? 7.762   -11.313 -2.909  1.00 14.75 ? 68  ASN A C     1 
ATOM   526  O O     . ASN A 1 68 ? 6.928   -10.927 -3.772  1.00 14.49 ? 68  ASN A O     1 
ATOM   527  C CB    . ASN A 1 68 ? 6.216   -10.644 -1.004  1.00 14.25 ? 68  ASN A CB    1 
ATOM   528  C CG    . ASN A 1 68 ? 5.424   -11.299 0.109   1.00 13.44 ? 68  ASN A CG    1 
ATOM   529  O OD1   . ASN A 1 68 ? 4.487   -12.044 -0.157  1.00 19.29 ? 68  ASN A OD1   1 
ATOM   530  N ND2   . ASN A 1 68 ? 5.838   -11.064 1.368   1.00 12.79 ? 68  ASN A ND2   1 
ATOM   531  N N     . GLY A 1 69 ? 9.058   -11.496 -3.215  1.00 15.56 ? 69  GLY A N     1 
ATOM   532  C CA    . GLY A 1 69 ? 9.513   -11.364 -4.593  1.00 15.42 ? 69  GLY A CA    1 
ATOM   533  C C     . GLY A 1 69 ? 9.541   -9.943  -5.128  1.00 15.75 ? 69  GLY A C     1 
ATOM   534  O O     . GLY A 1 69 ? 9.476   -9.748  -6.336  1.00 15.46 ? 69  GLY A O     1 
ATOM   535  N N     . LEU A 1 70 ? 9.713   -8.964  -4.242  1.00 14.66 ? 70  LEU A N     1 
ATOM   536  C CA    . LEU A 1 70 ? 9.728   -7.569  -4.582  1.00 15.23 ? 70  LEU A CA    1 
ATOM   537  C C     . LEU A 1 70 ? 11.057  -6.961  -4.193  1.00 16.14 ? 70  LEU A C     1 
ATOM   538  O O     . LEU A 1 70 ? 11.661  -7.323  -3.205  1.00 16.70 ? 70  LEU A O     1 
ATOM   539  C CB    . LEU A 1 70 ? 8.628   -6.813  -3.815  1.00 13.73 ? 70  LEU A CB    1 
ATOM   540  C CG    . LEU A 1 70 ? 7.216   -7.290  -4.181  1.00 14.57 ? 70  LEU A CG    1 
ATOM   541  C CD1   . LEU A 1 70 ? 6.182   -6.552  -3.247  1.00 11.79 ? 70  LEU A CD1   1 
ATOM   542  C CD2   . LEU A 1 70 ? 6.906   -7.043  -5.633  1.00 18.72 ? 70  LEU A CD2   1 
ATOM   543  N N     . ASP A 1 71 ? 11.463  -5.976  -4.961  1.00 17.62 ? 71  ASP A N     1 
ATOM   544  C CA    . ASP A 1 71 ? 12.642  -5.209  -4.631  1.00 20.09 ? 71  ASP A CA    1 
ATOM   545  C C     . ASP A 1 71 ? 12.444  -4.496  -3.283  1.00 19.90 ? 71  ASP A C     1 
ATOM   546  O O     . ASP A 1 71 ? 11.533  -3.679  -3.125  1.00 19.04 ? 71  ASP A O     1 
ATOM   547  C CB    . ASP A 1 71 ? 12.854  -4.151  -5.718  1.00 22.07 ? 71  ASP A CB    1 
ATOM   548  C CG    . ASP A 1 71 ? 14.131  -3.349  -5.468  1.00 26.98 ? 71  ASP A CG    1 
ATOM   549  O OD1   . ASP A 1 71 ? 15.217  -3.980  -5.530  1.00 31.02 ? 71  ASP A OD1   1 
ATOM   550  O OD2   . ASP A 1 71 ? 14.029  -2.143  -5.095  1.00 30.20 ? 71  ASP A OD2   1 
ATOM   551  N N     . ALA A 1 72 ? 13.346  -4.747  -2.321  1.00 17.26 ? 72  ALA A N     1 
ATOM   552  C CA    . ALA A 1 72 ? 13.246  -4.057  -1.030  1.00 18.15 ? 72  ALA A CA    1 
ATOM   553  C C     . ALA A 1 72 ? 13.309  -2.513  -1.058  1.00 17.09 ? 72  ALA A C     1 
ATOM   554  O O     . ALA A 1 72 ? 12.446  -1.851  -0.440  1.00 15.63 ? 72  ALA A O     1 
ATOM   555  C CB    . ALA A 1 72 ? 14.262  -4.661  -0.015  1.00 19.17 ? 72  ALA A CB    1 
ATOM   556  N N     . PRO A 1 73 ? 14.255  -1.917  -1.825  1.00 16.35 ? 73  PRO A N     1 
ATOM   557  C CA    . PRO A 1 73 ? 14.238  -0.440  -1.812  1.00 16.80 ? 73  PRO A CA    1 
ATOM   558  C C     . PRO A 1 73 ? 12.933  0.216   -2.283  1.00 14.00 ? 73  PRO A C     1 
ATOM   559  O O     . PRO A 1 73 ? 12.549  1.233   -1.726  1.00 16.06 ? 73  PRO A O     1 
ATOM   560  C CB    . PRO A 1 73 ? 15.418  -0.046  -2.716  1.00 16.53 ? 73  PRO A CB    1 
ATOM   561  C CG    . PRO A 1 73 ? 16.365  -1.283  -2.602  1.00 16.43 ? 73  PRO A CG    1 
ATOM   562  C CD    . PRO A 1 73 ? 15.445  -2.461  -2.518  1.00 16.92 ? 73  PRO A CD    1 
ATOM   563  N N     . PHE A 1 74 ? 12.267  -0.386  -3.278  1.00 15.25 ? 74  PHE A N     1 
ATOM   564  C CA    . PHE A 1 74 ? 11.009  0.120   -3.821  1.00 15.58 ? 74  PHE A CA    1 
ATOM   565  C C     . PHE A 1 74 ? 9.954   0.074   -2.688  1.00 14.23 ? 74  PHE A C     1 
ATOM   566  O O     . PHE A 1 74 ? 9.325   1.062   -2.362  1.00 13.90 ? 74  PHE A O     1 
ATOM   567  C CB    . PHE A 1 74 ? 10.567  -0.784  -4.996  1.00 17.37 ? 74  PHE A CB    1 
ATOM   568  C CG    . PHE A 1 74 ? 9.069   -0.715  -5.320  1.00 18.45 ? 74  PHE A CG    1 
ATOM   569  C CD1   . PHE A 1 74 ? 8.531   0.437   -5.815  1.00 21.01 ? 74  PHE A CD1   1 
ATOM   570  C CD2   . PHE A 1 74 ? 8.232   -1.816  -5.111  1.00 22.34 ? 74  PHE A CD2   1 
ATOM   571  C CE1   . PHE A 1 74 ? 7.160   0.532   -6.105  1.00 19.71 ? 74  PHE A CE1   1 
ATOM   572  C CE2   . PHE A 1 74 ? 6.872   -1.751  -5.410  1.00 21.69 ? 74  PHE A CE2   1 
ATOM   573  C CZ    . PHE A 1 74 ? 6.335   -0.577  -5.878  1.00 23.53 ? 74  PHE A CZ    1 
ATOM   574  N N     . VAL A 1 75 ? 9.841   -1.043  -2.040  1.00 12.21 ? 75  VAL A N     1 
ATOM   575  C CA    . VAL A 1 75 ? 8.793   -1.234  -1.003  1.00 13.46 ? 75  VAL A CA    1 
ATOM   576  C C     . VAL A 1 75 ? 9.151   -0.474  0.267   1.00 12.90 ? 75  VAL A C     1 
ATOM   577  O O     . VAL A 1 75 ? 8.325   0.218   0.810   1.00 12.76 ? 75  VAL A O     1 
ATOM   578  C CB    . VAL A 1 75 ? 8.601   -2.716  -0.678  1.00 15.25 ? 75  VAL A CB    1 
ATOM   579  C CG1   . VAL A 1 75 ? 7.774   -2.885  0.622   1.00 14.56 ? 75  VAL A CG1   1 
ATOM   580  C CG2   . VAL A 1 75 ? 8.011   -3.388  -1.903  1.00 14.68 ? 75  VAL A CG2   1 
ATOM   581  N N     . GLU A 1 76 ? 10.401  -0.504  0.697   1.00 12.10 ? 76  GLU A N     1 
ATOM   582  C CA    . GLU A 1 76 ? 10.792  0.329   1.811   1.00 14.53 ? 76  GLU A CA    1 
ATOM   583  C C     . GLU A 1 76 ? 10.563  1.848   1.562   1.00 14.22 ? 76  GLU A C     1 
ATOM   584  O O     . GLU A 1 76 ? 10.063  2.570   2.448   1.00 16.60 ? 76  GLU A O     1 
ATOM   585  C CB    . GLU A 1 76 ? 12.255  0.069   2.173   1.00 14.59 ? 76  GLU A CB    1 
ATOM   586  C CG    . GLU A 1 76 ? 12.567  0.482   3.569   1.00 18.71 ? 76  GLU A CG    1 
ATOM   587  C CD    . GLU A 1 76 ? 13.948  0.015   4.092   1.00 24.02 ? 76  GLU A CD    1 
ATOM   588  O OE1   . GLU A 1 76 ? 14.768  -0.542  3.336   1.00 24.45 ? 76  GLU A OE1   1 
ATOM   589  O OE2   . GLU A 1 76 ? 14.147  0.174   5.310   1.00 33.46 ? 76  GLU A OE2   1 
ATOM   590  N N     . GLY A 1 77 ? 10.868  2.279   0.356   1.00 13.67 ? 77  GLY A N     1 
ATOM   591  C CA    . GLY A 1 77 ? 10.540  3.675   -0.114  1.00 13.86 ? 77  GLY A CA    1 
ATOM   592  C C     . GLY A 1 77 ? 9.063   4.056   -0.049  1.00 12.87 ? 77  GLY A C     1 
ATOM   593  O O     . GLY A 1 77 ? 8.699   5.168   0.356   1.00 13.72 ? 77  GLY A O     1 
ATOM   594  N N     . LEU A 1 78 ? 8.199   3.130   -0.475  1.00 11.21 ? 78  LEU A N     1 
ATOM   595  C CA    . LEU A 1 78 ? 6.786   3.330   -0.398  1.00 11.55 ? 78  LEU A CA    1 
ATOM   596  C C     . LEU A 1 78 ? 6.321   3.426   1.019   1.00 9.57  ? 78  LEU A C     1 
ATOM   597  O O     . LEU A 1 78 ? 5.479   4.299   1.359   1.00 11.82 ? 78  LEU A O     1 
ATOM   598  C CB    . LEU A 1 78 ? 6.042   2.147   -1.033  1.00 11.97 ? 78  LEU A CB    1 
ATOM   599  C CG    . LEU A 1 78 ? 6.072   2.066   -2.532  1.00 17.59 ? 78  LEU A CG    1 
ATOM   600  C CD1   . LEU A 1 78 ? 5.256   0.796   -2.921  1.00 23.67 ? 78  LEU A CD1   1 
ATOM   601  C CD2   . LEU A 1 78 ? 5.504   3.352   -3.175  1.00 14.38 ? 78  LEU A CD2   1 
ATOM   602  N N     . PHE A 1 79 ? 6.838   2.563   1.884   1.00 10.11 ? 79  PHE A N     1 
ATOM   603  C CA    . PHE A 1 79 ? 6.415   2.674   3.238   1.00 11.31 ? 79  PHE A CA    1 
ATOM   604  C C     . PHE A 1 79 ? 7.004   3.897   3.940   1.00 11.00 ? 79  PHE A C     1 
ATOM   605  O O     . PHE A 1 79 ? 6.335   4.454   4.774   1.00 10.97 ? 79  PHE A O     1 
ATOM   606  C CB    . PHE A 1 79 ? 6.622   1.370   4.034   1.00 12.45 ? 79  PHE A CB    1 
ATOM   607  C CG    . PHE A 1 79 ? 5.531   0.409   3.810   1.00 11.45 ? 79  PHE A CG    1 
ATOM   608  C CD1   . PHE A 1 79 ? 4.338   0.511   4.518   1.00 10.10 ? 79  PHE A CD1   1 
ATOM   609  C CD2   . PHE A 1 79 ? 5.650   -0.546  2.830   1.00 16.09 ? 79  PHE A CD2   1 
ATOM   610  C CE1   . PHE A 1 79 ? 3.296   -0.338  4.274   1.00 15.00 ? 79  PHE A CE1   1 
ATOM   611  C CE2   . PHE A 1 79 ? 4.581   -1.420  2.574   1.00 14.51 ? 79  PHE A CE2   1 
ATOM   612  C CZ    . PHE A 1 79 ? 3.404   -1.301  3.323   1.00 16.83 ? 79  PHE A CZ    1 
ATOM   613  N N     . ALA A 1 80 ? 8.208   4.339   3.577   1.00 11.85 ? 80  ALA A N     1 
ATOM   614  C CA    . ALA A 1 80 ? 8.666   5.572   4.146   1.00 11.48 ? 80  ALA A CA    1 
ATOM   615  C C     . ALA A 1 80 ? 7.684   6.726   3.860   1.00 12.61 ? 80  ALA A C     1 
ATOM   616  O O     . ALA A 1 80 ? 7.407   7.562   4.730   1.00 12.01 ? 80  ALA A O     1 
ATOM   617  C CB    . ALA A 1 80 ? 10.106  5.905   3.681   1.00 14.28 ? 80  ALA A CB    1 
ATOM   618  N N     . GLN A 1 81 ? 7.218   6.782   2.625   1.00 12.69 ? 81  GLN A N     1 
ATOM   619  C CA    . GLN A 1 81 ? 6.223   7.744   2.208   1.00 12.02 ? 81  GLN A CA    1 
ATOM   620  C C     . GLN A 1 81 ? 4.912   7.592   2.971   1.00 12.50 ? 81  GLN A C     1 
ATOM   621  O O     . GLN A 1 81 ? 4.344   8.563   3.435   1.00 12.23 ? 81  GLN A O     1 
ATOM   622  C CB    . GLN A 1 81 ? 5.980   7.683   0.707   1.00 12.45 ? 81  GLN A CB    1 
ATOM   623  C CG    . GLN A 1 81 ? 7.197   8.053   -0.095  1.00 13.83 ? 81  GLN A CG    1 
ATOM   624  C CD    . GLN A 1 81 ? 6.952   7.872   -1.573  1.00 12.76 ? 81  GLN A CD    1 
ATOM   625  O OE1   . GLN A 1 81 ? 6.080   8.544   -2.132  1.00 15.81 ? 81  GLN A OE1   1 
ATOM   626  N NE2   . GLN A 1 81 ? 7.658   6.929   -2.201  1.00 10.13 ? 81  GLN A NE2   1 
ATOM   627  N N     . ILE A 1 82 ? 4.400   6.380   3.079   1.00 12.35 ? 82  ILE A N     1 
ATOM   628  C CA    . ILE A 1 82 ? 3.127   6.184   3.761   1.00 11.76 ? 82  ILE A CA    1 
ATOM   629  C C     . ILE A 1 82 ? 3.326   6.585   5.213   1.00 11.42 ? 82  ILE A C     1 
ATOM   630  O O     . ILE A 1 82 ? 2.466   7.270   5.816   1.00 11.37 ? 82  ILE A O     1 
ATOM   631  C CB    . ILE A 1 82 ? 2.763   4.688   3.660   1.00 11.24 ? 82  ILE A CB    1 
ATOM   632  C CG1   . ILE A 1 82 ? 2.414   4.330   2.221   1.00 14.26 ? 82  ILE A CG1   1 
ATOM   633  C CG2   . ILE A 1 82 ? 1.671   4.269   4.679   1.00 13.39 ? 82  ILE A CG2   1 
ATOM   634  C CD1   . ILE A 1 82 ? 2.529   2.796   1.902   1.00 11.85 ? 82  ILE A CD1   1 
ATOM   635  N N     . ILE A 1 83 ? 4.431   6.142   5.820   1.00 11.97 ? 83  ILE A N     1 
ATOM   636  C CA    . ILE A 1 83 ? 4.585   6.411   7.269   1.00 12.69 ? 83  ILE A CA    1 
ATOM   637  C C     . ILE A 1 83 ? 4.682   7.920   7.472   1.00 12.57 ? 83  ILE A C     1 
ATOM   638  O O     . ILE A 1 83 ? 4.002   8.530   8.339   1.00 11.06 ? 83  ILE A O     1 
ATOM   639  C CB    . ILE A 1 83 ? 5.765   5.629   7.904   1.00 11.73 ? 83  ILE A CB    1 
ATOM   640  C CG1   . ILE A 1 83 ? 5.370   4.163   8.004   1.00 15.79 ? 83  ILE A CG1   1 
ATOM   641  C CG2   . ILE A 1 83 ? 6.159   6.162   9.333   1.00 15.12 ? 83  ILE A CG2   1 
ATOM   642  C CD1   . ILE A 1 83 ? 6.547   3.241   8.130   1.00 17.77 ? 83  ILE A CD1   1 
ATOM   643  N N     . HIS A 1 84 ? 5.449   8.568   6.586   1.00 14.79 ? 84  HIS A N     1 
ATOM   644  C CA    . HIS A 1 84 ? 5.523   9.999   6.734   1.00 14.38 ? 84  HIS A CA    1 
ATOM   645  C C     . HIS A 1 84 ? 4.163   10.667  6.710   1.00 13.62 ? 84  HIS A C     1 
ATOM   646  O O     . HIS A 1 84 ? 3.856   11.611  7.483   1.00 11.63 ? 84  HIS A O     1 
ATOM   647  C CB    . HIS A 1 84 ? 6.378   10.603  5.598   1.00 15.66 ? 84  HIS A CB    1 
ATOM   648  C CG    . HIS A 1 84 ? 6.266   12.078  5.529   1.00 20.00 ? 84  HIS A CG    1 
ATOM   649  N ND1   . HIS A 1 84 ? 6.877   12.904  6.445   1.00 27.08 ? 84  HIS A ND1   1 
ATOM   650  C CD2   . HIS A 1 84 ? 5.572   12.879  4.683   1.00 25.76 ? 84  HIS A CD2   1 
ATOM   651  C CE1   . HIS A 1 84 ? 6.591   14.162  6.151   1.00 26.28 ? 84  HIS A CE1   1 
ATOM   652  N NE2   . HIS A 1 84 ? 5.805   14.175  5.081   1.00 30.28 ? 84  HIS A NE2   1 
ATOM   653  N N     . TRP A 1 85 ? 3.325   10.230  5.757   1.00 14.79 ? 85  TRP A N     1 
ATOM   654  C CA    . TRP A 1 85 ? 2.048   10.910  5.555   1.00 14.36 ? 85  TRP A CA    1 
ATOM   655  C C     . TRP A 1 85 ? 1.131   10.696  6.728   1.00 13.32 ? 85  TRP A C     1 
ATOM   656  O O     . TRP A 1 85 ? 0.412   11.597  7.161   1.00 14.77 ? 85  TRP A O     1 
ATOM   657  C CB    . TRP A 1 85 ? 1.447   10.407  4.241   1.00 15.78 ? 85  TRP A CB    1 
ATOM   658  C CG    . TRP A 1 85 ? 0.245   11.141  3.856   1.00 19.36 ? 85  TRP A CG    1 
ATOM   659  C CD1   . TRP A 1 85 ? 0.176   12.386  3.264   1.00 21.90 ? 85  TRP A CD1   1 
ATOM   660  C CD2   . TRP A 1 85 ? -1.071  10.701  4.026   1.00 23.30 ? 85  TRP A CD2   1 
ATOM   661  N NE1   . TRP A 1 85 ? -1.137  12.734  3.084   1.00 23.67 ? 85  TRP A NE1   1 
ATOM   662  C CE2   . TRP A 1 85 ? -1.920  11.714  3.537   1.00 22.39 ? 85  TRP A CE2   1 
ATOM   663  C CE3   . TRP A 1 85 ? -1.630  9.533   4.536   1.00 29.06 ? 85  TRP A CE3   1 
ATOM   664  C CZ2   . TRP A 1 85 ? -3.277  11.599  3.533   1.00 29.73 ? 85  TRP A CZ2   1 
ATOM   665  C CZ3   . TRP A 1 85 ? -2.975  9.408   4.531   1.00 32.66 ? 85  TRP A CZ3   1 
ATOM   666  C CH2   . TRP A 1 85 ? -3.805  10.446  4.034   1.00 35.76 ? 85  TRP A CH2   1 
ATOM   667  N N     . TYR A 1 86 ? 1.159   9.467   7.254   1.00 13.46 ? 86  TYR A N     1 
ATOM   668  C CA    . TYR A 1 86 ? 0.297   9.065   8.351   1.00 12.93 ? 86  TYR A CA    1 
ATOM   669  C C     . TYR A 1 86 ? 0.751   9.748   9.666   1.00 15.08 ? 86  TYR A C     1 
ATOM   670  O O     . TYR A 1 86 ? -0.085  10.130  10.467  1.00 14.87 ? 86  TYR A O     1 
ATOM   671  C CB    . TYR A 1 86 ? 0.302   7.509   8.515   1.00 11.94 ? 86  TYR A CB    1 
ATOM   672  C CG    . TYR A 1 86 ? -0.649  6.830   7.552   1.00 12.90 ? 86  TYR A CG    1 
ATOM   673  C CD1   . TYR A 1 86 ? -1.771  6.219   8.012   1.00 12.35 ? 86  TYR A CD1   1 
ATOM   674  C CD2   . TYR A 1 86 ? -0.440  6.867   6.155   1.00 15.41 ? 86  TYR A CD2   1 
ATOM   675  C CE1   . TYR A 1 86 ? -2.666  5.597   7.107   1.00 15.83 ? 86  TYR A CE1   1 
ATOM   676  C CE2   . TYR A 1 86 ? -1.317  6.215   5.249   1.00 14.94 ? 86  TYR A CE2   1 
ATOM   677  C CZ    . TYR A 1 86 ? -2.438  5.619   5.737   1.00 17.14 ? 86  TYR A CZ    1 
ATOM   678  O OH    . TYR A 1 86 ? -3.273  4.987   4.820   1.00 15.10 ? 86  TYR A OH    1 
ATOM   679  N N     . ILE A 1 87 ? 2.066   9.928   9.859   1.00 13.16 ? 87  ILE A N     1 
ATOM   680  C CA    . ILE A 1 87 ? 2.533   10.677  11.006  1.00 14.06 ? 87  ILE A CA    1 
ATOM   681  C C     . ILE A 1 87 ? 2.002   12.081  10.911  1.00 14.06 ? 87  ILE A C     1 
ATOM   682  O O     . ILE A 1 87 ? 1.453   12.611  11.883  1.00 14.71 ? 87  ILE A O     1 
ATOM   683  C CB    . ILE A 1 87 ? 4.116   10.645  11.142  1.00 13.58 ? 87  ILE A CB    1 
ATOM   684  C CG1   . ILE A 1 87 ? 4.541   9.223   11.525  1.00 15.09 ? 87  ILE A CG1   1 
ATOM   685  C CG2   . ILE A 1 87 ? 4.624   11.738  12.163  1.00 16.92 ? 87  ILE A CG2   1 
ATOM   686  C CD1   . ILE A 1 87 ? 6.084   8.970   11.362  1.00 18.60 ? 87  ILE A CD1   1 
ATOM   687  N N     . ALA A 1 88 ? 2.178   12.710  9.760   1.00 15.73 ? 88  ALA A N     1 
ATOM   688  C CA    . ALA A 1 88 ? 1.685   14.087  9.570   1.00 16.34 ? 88  ALA A CA    1 
ATOM   689  C C     . ALA A 1 88 ? 0.169   14.164  9.838   1.00 17.69 ? 88  ALA A C     1 
ATOM   690  O O     . ALA A 1 88 ? -0.309  15.091  10.500  1.00 16.05 ? 88  ALA A O     1 
ATOM   691  C CB    . ALA A 1 88 ? 2.025   14.624  8.201   1.00 16.63 ? 88  ALA A CB    1 
ATOM   692  N N     . GLU A 1 89 ? -0.569  13.173  9.339   1.00 17.28 ? 89  GLU A N     1 
ATOM   693  C CA    . GLU A 1 89 ? -2.021  13.114  9.554   1.00 18.83 ? 89  GLU A CA    1 
ATOM   694  C C     . GLU A 1 89 ? -2.392  12.938  11.024  1.00 20.00 ? 89  GLU A C     1 
ATOM   695  O O     . GLU A 1 89 ? -3.414  13.503  11.479  1.00 21.61 ? 89  GLU A O     1 
ATOM   696  C CB    . GLU A 1 89 ? -2.616  12.019  8.717   1.00 19.26 ? 89  GLU A CB    1 
ATOM   697  C CG    . GLU A 1 89 ? -2.775  12.441  7.242   1.00 20.71 ? 89  GLU A CG    1 
ATOM   698  C CD    . GLU A 1 89 ? -3.584  13.740  7.056   1.00 29.43 ? 89  GLU A CD    1 
ATOM   699  O OE1   . GLU A 1 89 ? -4.750  13.791  7.521   1.00 35.32 ? 89  GLU A OE1   1 
ATOM   700  O OE2   . GLU A 1 89 ? -3.037  14.722  6.503   1.00 31.93 ? 89  GLU A OE2   1 
ATOM   701  N N     . GLN A 1 90 ? -1.615  12.120  11.745  1.00 19.78 ? 90  GLN A N     1 
ATOM   702  C CA    . GLN A 1 90 ? -1.809  11.936  13.171  1.00 20.29 ? 90  GLN A CA    1 
ATOM   703  C C     . GLN A 1 90 ? -1.492  13.241  13.914  1.00 20.21 ? 90  GLN A C     1 
ATOM   704  O O     . GLN A 1 90 ? -2.218  13.638  14.830  1.00 20.66 ? 90  GLN A O     1 
ATOM   705  C CB    . GLN A 1 90 ? -0.962  10.798  13.760  1.00 20.38 ? 90  GLN A CB    1 
ATOM   706  C CG    . GLN A 1 90 ? -1.586  10.187  15.060  1.00 23.45 ? 90  GLN A CG    1 
ATOM   707  C CD    . GLN A 1 90 ? -0.576  9.403   15.917  1.00 30.17 ? 90  GLN A CD    1 
ATOM   708  O OE1   . GLN A 1 90 ? -0.579  9.499   17.169  1.00 36.18 ? 90  GLN A OE1   1 
ATOM   709  N NE2   . GLN A 1 90 ? 0.284   8.643   15.265  1.00 32.62 ? 90  GLN A NE2   1 
ATOM   710  N N     . ILE A 1 91 ? -0.382  13.885  13.586  1.00 19.88 ? 91  ILE A N     1 
ATOM   711  C CA    . ILE A 1 91 ? -0.109  15.158  14.182  1.00 21.49 ? 91  ILE A CA    1 
ATOM   712  C C     . ILE A 1 91 ? -1.238  16.164  13.932  1.00 21.44 ? 91  ILE A C     1 
ATOM   713  O O     . ILE A 1 91 ? -1.698  16.861  14.850  1.00 22.41 ? 91  ILE A O     1 
ATOM   714  C CB    . ILE A 1 91 ? 1.234   15.694  13.656  1.00 20.29 ? 91  ILE A CB    1 
ATOM   715  C CG1   . ILE A 1 91 ? 2.342   14.884  14.334  1.00 18.10 ? 91  ILE A CG1   1 
ATOM   716  C CG2   . ILE A 1 91 ? 1.377   17.160  14.049  1.00 22.39 ? 91  ILE A CG2   1 
ATOM   717  C CD1   . ILE A 1 91 ? 3.711   15.169  13.781  1.00 21.53 ? 91  ILE A CD1   1 
ATOM   718  N N     . LYS A 1 92 ? -1.689  16.261  12.685  1.00 22.16 ? 92  LYS A N     1 
ATOM   719  C CA    . LYS A 1 92 ? -2.897  17.093  12.373  0.99 23.00 ? 92  LYS A CA    1 
ATOM   720  C C     . LYS A 1 92 ? -4.109  16.705  13.226  1.00 22.49 ? 92  LYS A C     1 
ATOM   721  O O     . LYS A 1 92 ? -4.752  17.583  13.798  1.00 21.40 ? 92  LYS A O     1 
ATOM   722  C CB    . LYS A 1 92 ? -3.262  17.008  10.886  0.99 24.17 ? 92  LYS A CB    1 
ATOM   723  C CG    . LYS A 1 92 ? -2.537  18.021  9.965   0.99 30.71 ? 92  LYS A CG    1 
ATOM   724  C CD    . LYS A 1 92 ? -3.122  17.859  8.532   0.99 35.62 ? 92  LYS A CD    1 
ATOM   725  C CE    . LYS A 1 92 ? -4.660  17.717  8.606   0.99 38.17 ? 92  LYS A CE    1 
ATOM   726  N NZ    . LYS A 1 92 ? -5.357  17.811  7.266   0.99 39.91 ? 92  LYS A NZ    1 
ATOM   727  N N     . TYR A 1 93 ? -4.382  15.396  13.358  1.00 22.77 ? 93  TYR A N     1 
ATOM   728  C CA    . TYR A 1 93 ? -5.543  14.923  14.111  1.00 23.72 ? 93  TYR A CA    1 
ATOM   729  C C     . TYR A 1 93 ? -5.384  15.322  15.585  1.00 24.26 ? 93  TYR A C     1 
ATOM   730  O O     . TYR A 1 93 ? -6.272  15.923  16.187  1.00 23.55 ? 93  TYR A O     1 
ATOM   731  C CB    . TYR A 1 93 ? -5.752  13.395  13.958  1.00 24.27 ? 93  TYR A CB    1 
ATOM   732  C CG    . TYR A 1 93 ? -6.966  12.877  14.707  1.00 26.27 ? 93  TYR A CG    1 
ATOM   733  C CD1   . TYR A 1 93 ? -8.266  13.124  14.207  1.00 28.73 ? 93  TYR A CD1   1 
ATOM   734  C CD2   . TYR A 1 93 ? -6.843  12.146  15.904  1.00 29.71 ? 93  TYR A CD2   1 
ATOM   735  C CE1   . TYR A 1 93 ? -9.396  12.693  14.883  1.00 32.31 ? 93  TYR A CE1   1 
ATOM   736  C CE2   . TYR A 1 93 ? -7.997  11.682  16.599  1.00 29.26 ? 93  TYR A CE2   1 
ATOM   737  C CZ    . TYR A 1 93 ? -9.272  11.974  16.083  1.00 31.63 ? 93  TYR A CZ    1 
ATOM   738  O OH    . TYR A 1 93 ? -10.449 11.567  16.724  1.00 34.15 ? 93  TYR A OH    1 
ATOM   739  N N     . TRP A 1 94 ? -4.205  15.057  16.127  1.00 23.83 ? 94  TRP A N     1 
ATOM   740  C CA    . TRP A 1 94 ? -3.903  15.375  17.527  1.00 26.25 ? 94  TRP A CA    1 
ATOM   741  C C     . TRP A 1 94 ? -4.022  16.863  17.801  1.00 26.47 ? 94  TRP A C     1 
ATOM   742  O O     . TRP A 1 94 ? -4.545  17.258  18.850  1.00 26.61 ? 94  TRP A O     1 
ATOM   743  C CB    . TRP A 1 94 ? -2.518  14.815  17.922  1.00 26.07 ? 94  TRP A CB    1 
ATOM   744  C CG    . TRP A 1 94 ? -2.203  14.861  19.354  1.00 28.58 ? 94  TRP A CG    1 
ATOM   745  C CD1   . TRP A 1 94 ? -2.339  13.836  20.297  1.00 31.17 ? 94  TRP A CD1   1 
ATOM   746  C CD2   . TRP A 1 94 ? -1.637  15.952  20.024  1.00 28.79 ? 94  TRP A CD2   1 
ATOM   747  N NE1   . TRP A 1 94 ? -1.903  14.278  21.525  1.00 33.04 ? 94  TRP A NE1   1 
ATOM   748  C CE2   . TRP A 1 94 ? -1.469  15.576  21.387  1.00 31.44 ? 94  TRP A CE2   1 
ATOM   749  C CE3   . TRP A 1 94 ? -1.279  17.244  19.623  1.00 29.85 ? 94  TRP A CE3   1 
ATOM   750  C CZ2   . TRP A 1 94 ? -0.946  16.445  22.340  1.00 34.49 ? 94  TRP A CZ2   1 
ATOM   751  C CZ3   . TRP A 1 94 ? -0.771  18.128  20.594  1.00 34.61 ? 94  TRP A CZ3   1 
ATOM   752  C CH2   . TRP A 1 94 ? -0.605  17.714  21.926  1.00 35.17 ? 94  TRP A CH2   1 
ATOM   753  N N     . ARG A 1 95 ? -3.563  17.692  16.865  1.00 27.42 ? 95  ARG A N     1 
ATOM   754  C CA    . ARG A 1 95 ? -3.610  19.160  17.050  1.00 29.21 ? 95  ARG A CA    1 
ATOM   755  C C     . ARG A 1 95 ? -5.036  19.705  16.970  1.00 29.96 ? 95  ARG A C     1 
ATOM   756  O O     . ARG A 1 95 ? -5.376  20.620  17.702  1.00 30.74 ? 95  ARG A O     1 
ATOM   757  C CB    . ARG A 1 95 ? -2.763  19.903  16.026  1.00 29.01 ? 95  ARG A CB    1 
ATOM   758  C CG    . ARG A 1 95 ? -1.255  19.884  16.342  1.00 31.07 ? 95  ARG A CG    1 
ATOM   759  C CD    . ARG A 1 95 ? -0.442  20.476  15.201  1.00 37.57 ? 95  ARG A CD    1 
ATOM   760  N NE    . ARG A 1 95 ? 0.987   20.334  15.494  1.00 42.24 ? 95  ARG A NE    1 
ATOM   761  C CZ    . ARG A 1 95 ? 1.927   21.180  15.080  1.00 46.06 ? 95  ARG A CZ    1 
ATOM   762  N NH1   . ARG A 1 95 ? 3.200   20.978  15.397  1.00 45.38 ? 95  ARG A NH1   1 
ATOM   763  N NH2   . ARG A 1 95 ? 1.584   22.233  14.355  1.00 48.02 ? 95  ARG A NH2   1 
ATOM   764  N N     . GLN A 1 96 ? -5.861  19.174  16.069  1.00 31.08 ? 96  GLN A N     1 
ATOM   765  C CA    . GLN A 1 96 ? -7.242  19.667  15.927  1.00 33.63 ? 96  GLN A CA    1 
ATOM   766  C C     . GLN A 1 96 ? -8.175  19.031  16.950  1.00 34.54 ? 96  GLN A C     1 
ATOM   767  O O     . GLN A 1 96 ? -9.372  19.339  16.985  1.00 35.19 ? 96  GLN A O     1 
ATOM   768  C CB    . GLN A 1 96 ? -7.769  19.473  14.487  1.00 34.31 ? 96  GLN A CB    1 
ATOM   769  C CG    . GLN A 1 96 ? -8.173  18.053  14.111  1.00 35.94 ? 96  GLN A CG    1 
ATOM   770  C CD    . GLN A 1 96 ? -8.907  17.948  12.752  1.00 40.80 ? 96  GLN A CD    1 
ATOM   771  O OE1   . GLN A 1 96 ? -8.272  18.008  11.679  1.00 40.75 ? 96  GLN A OE1   1 
ATOM   772  N NE2   . GLN A 1 96 ? -10.250 17.802  12.801  1.00 38.28 ? 96  GLN A NE2   1 
ATOM   773  N N     . THR A 1 97 ? -7.641  18.133  17.761  1.00 35.17 ? 97  THR A N     1 
ATOM   774  C CA    . THR A 1 97 ? -8.439  17.562  18.845  1.00 36.64 ? 97  THR A CA    1 
ATOM   775  C C     . THR A 1 97 ? -7.921  18.055  20.195  1.00 37.85 ? 97  THR A C     1 
ATOM   776  O O     . THR A 1 97 ? -8.513  17.719  21.232  1.00 39.19 ? 97  THR A O     1 
ATOM   777  C CB    . THR A 1 97 ? -8.553  15.995  18.808  1.00 36.37 ? 97  THR A CB    1 
ATOM   778  O OG1   . THR A 1 97 ? -7.257  15.393  18.889  1.00 33.71 ? 97  THR A OG1   1 
ATOM   779  C CG2   . THR A 1 97 ? -9.242  15.476  17.542  1.00 35.68 ? 97  THR A CG2   1 
ATOM   780  N N     . MET B 1 1  ? -6.750  -9.382  14.774  1.00 35.88 ? 1   MET B N     1 
ATOM   781  C CA    . MET B 1 1  ? -6.612  -7.960  15.208  1.00 35.05 ? 1   MET B CA    1 
ATOM   782  C C     . MET B 1 1  ? -7.929  -7.390  15.786  1.00 33.86 ? 1   MET B C     1 
ATOM   783  O O     . MET B 1 1  ? -9.024  -7.669  15.268  1.00 34.35 ? 1   MET B O     1 
ATOM   784  C CB    . MET B 1 1  ? -6.003  -7.060  14.071  1.00 35.57 ? 1   MET B CB    1 
ATOM   785  C CG    . MET B 1 1  ? -6.946  -6.630  12.908  1.00 39.02 ? 1   MET B CG    1 
ATOM   786  S SD    . MET B 1 1  ? -6.249  -5.576  11.546  1.00 39.85 ? 1   MET B SD    1 
ATOM   787  C CE    . MET B 1 1  ? -6.160  -6.755  10.193  1.00 41.68 ? 1   MET B CE    1 
ATOM   788  N N     . LYS B 1 2  ? -7.811  -6.583  16.842  1.00 30.74 ? 2   LYS B N     1 
ATOM   789  C CA    . LYS B 1 2  ? -8.962  -5.835  17.374  1.00 27.75 ? 2   LYS B CA    1 
ATOM   790  C C     . LYS B 1 2  ? -9.360  -4.717  16.373  1.00 25.48 ? 2   LYS B C     1 
ATOM   791  O O     . LYS B 1 2  ? -8.541  -4.291  15.565  1.00 24.50 ? 2   LYS B O     1 
ATOM   792  C CB    . LYS B 1 2  ? -8.606  -5.216  18.724  1.00 28.50 ? 2   LYS B CB    1 
ATOM   793  C CG    . LYS B 1 2  ? -8.351  -6.274  19.804  1.00 29.12 ? 2   LYS B CG    1 
ATOM   794  C CD    . LYS B 1 2  ? -8.088  -5.691  21.147  1.00 29.86 ? 2   LYS B CD    1 
ATOM   795  C CE    . LYS B 1 2  ? -7.333  -6.711  21.980  1.00 31.52 ? 2   LYS B CE    1 
ATOM   796  N NZ    . LYS B 1 2  ? -6.888  -6.163  23.251  1.00 31.78 ? 2   LYS B NZ    1 
ATOM   797  N N     . THR B 1 3  ? -10.600 -4.252  16.420  1.00 22.07 ? 3   THR B N     1 
ATOM   798  C CA    . THR B 1 3  ? -10.972 -3.042  15.686  1.00 20.84 ? 3   THR B CA    1 
ATOM   799  C C     . THR B 1 3  ? -10.265 -1.803  16.298  1.00 18.50 ? 3   THR B C     1 
ATOM   800  O O     . THR B 1 3  ? -9.785  -1.868  17.439  1.00 17.67 ? 3   THR B O     1 
ATOM   801  C CB    . THR B 1 3  ? -12.487 -2.767  15.764  1.00 20.15 ? 3   THR B CB    1 
ATOM   802  O OG1   . THR B 1 3  ? -12.798 -2.468  17.110  1.00 21.21 ? 3   THR B OG1   1 
ATOM   803  C CG2   . THR B 1 3  ? -13.292 -3.975  15.284  1.00 24.73 ? 3   THR B CG2   1 
ATOM   804  N N     . PRO B 1 4  ? -10.144 -0.698  15.535  1.00 17.12 ? 4   PRO B N     1 
ATOM   805  C CA    . PRO B 1 4  ? -9.468  0.412   16.192  1.00 16.87 ? 4   PRO B CA    1 
ATOM   806  C C     . PRO B 1 4  ? -10.041 0.887   17.560  1.00 17.79 ? 4   PRO B C     1 
ATOM   807  O O     . PRO B 1 4  ? -9.246  1.268   18.455  1.00 16.93 ? 4   PRO B O     1 
ATOM   808  C CB    . PRO B 1 4  ? -9.473  1.554   15.126  1.00 15.66 ? 4   PRO B CB    1 
ATOM   809  C CG    . PRO B 1 4  ? -9.562  0.842   13.787  1.00 16.53 ? 4   PRO B CG    1 
ATOM   810  C CD    . PRO B 1 4  ? -10.279 -0.507  14.074  1.00 18.29 ? 4   PRO B CD    1 
ATOM   811  N N     . GLU B 1 5  ? -11.375 0.937   17.675  1.00 17.79 ? 5   GLU B N     1 
ATOM   812  C CA    . GLU B 1 5  ? -12.056 1.402   18.872  1.00 19.99 ? 5   GLU B CA    1 
ATOM   813  C C     . GLU B 1 5  ? -11.868 0.407   20.029  1.00 19.25 ? 5   GLU B C     1 
ATOM   814  O O     . GLU B 1 5  ? -11.901 0.803   21.232  1.00 21.71 ? 5   GLU B O     1 
ATOM   815  C CB    . GLU B 1 5  ? -13.557 1.613   18.606  1.00 20.64 ? 5   GLU B CB    1 
ATOM   816  C CG    . GLU B 1 5  ? -14.292 0.351   18.125  1.00 22.13 ? 5   GLU B CG    1 
ATOM   817  C CD    . GLU B 1 5  ? -14.349 0.138   16.603  1.00 23.39 ? 5   GLU B CD    1 
ATOM   818  O OE1   . GLU B 1 5  ? -13.559 0.771   15.848  1.00 24.10 ? 5   GLU B OE1   1 
ATOM   819  O OE2   . GLU B 1 5  ? -15.180 -0.723  16.176  1.00 25.04 ? 5   GLU B OE2   1 
ATOM   820  N N     . ASP B 1 6  ? -11.655 -0.863  19.708  1.00 19.83 ? 6   ASP B N     1 
ATOM   821  C CA    . ASP B 1 6  ? -11.368 -1.870  20.769  1.00 20.94 ? 6   ASP B CA    1 
ATOM   822  C C     . ASP B 1 6  ? -9.879  -2.001  21.153  1.00 21.87 ? 6   ASP B C     1 
ATOM   823  O O     . ASP B 1 6  ? -9.551  -2.720  22.114  1.00 21.36 ? 6   ASP B O     1 
ATOM   824  C CB    . ASP B 1 6  ? -11.852 -3.233  20.356  1.00 21.48 ? 6   ASP B CB    1 
ATOM   825  C CG    . ASP B 1 6  ? -13.353 -3.315  20.279  1.00 24.95 ? 6   ASP B CG    1 
ATOM   826  O OD1   . ASP B 1 6  ? -14.031 -2.446  20.869  1.00 27.82 ? 6   ASP B OD1   1 
ATOM   827  O OD2   . ASP B 1 6  ? -13.850 -4.239  19.582  1.00 31.27 ? 6   ASP B OD2   1 
ATOM   828  N N     . CYS B 1 7  ? -8.982  -1.326  20.417  1.00 20.34 ? 7   CYS B N     1 
ATOM   829  C CA    . CYS B 1 7  ? -7.546  -1.357  20.806  1.00 20.20 ? 7   CYS B CA    1 
ATOM   830  C C     . CYS B 1 7  ? -7.390  -0.691  22.164  1.00 20.06 ? 7   CYS B C     1 
ATOM   831  O O     . CYS B 1 7  ? -8.003  0.349   22.416  1.00 20.65 ? 7   CYS B O     1 
ATOM   832  C CB    . CYS B 1 7  ? -6.662  -0.614  19.744  1.00 18.44 ? 7   CYS B CB    1 
ATOM   833  S SG    . CYS B 1 7  ? -6.522  -1.526  18.245  1.00 20.36 ? 7   CYS B SG    1 
ATOM   834  N N     . THR B 1 8  ? -6.569  -1.291  23.036  1.00 20.78 ? 8   THR B N     1 
ATOM   835  C CA    . THR B 1 8  ? -6.485  -0.906  24.406  1.00 21.19 ? 8   THR B CA    1 
ATOM   836  C C     . THR B 1 8  ? -5.205  -0.135  24.648  1.00 20.25 ? 8   THR B C     1 
ATOM   837  O O     . THR B 1 8  ? -4.985  0.403   25.738  1.00 20.50 ? 8   THR B O     1 
ATOM   838  C CB    . THR B 1 8  ? -6.508  -2.150  25.371  1.00 22.99 ? 8   THR B CB    1 
ATOM   839  O OG1   . THR B 1 8  ? -5.310  -2.934  25.199  1.00 26.35 ? 8   THR B OG1   1 
ATOM   840  C CG2   . THR B 1 8  ? -7.736  -3.048  25.130  1.00 21.94 ? 8   THR B CG2   1 
ATOM   841  N N     . GLY B 1 9  ? -4.376  -0.061  23.629  1.00 17.65 ? 9   GLY B N     1 
ATOM   842  C CA    . GLY B 1 9  ? -3.084  0.557   23.767  1.00 16.35 ? 9   GLY B CA    1 
ATOM   843  C C     . GLY B 1 9  ? -2.300  0.420   22.477  1.00 15.33 ? 9   GLY B C     1 
ATOM   844  O O     . GLY B 1 9  ? -2.776  -0.121  21.491  1.00 13.98 ? 9   GLY B O     1 
ATOM   845  N N     . LEU B 1 10 ? -1.072  0.854   22.506  1.00 15.71 ? 10  LEU B N     1 
ATOM   846  C CA    . LEU B 1 10 ? -0.244  0.821   21.277  1.00 15.67 ? 10  LEU B CA    1 
ATOM   847  C C     . LEU B 1 10 ? 0.220   -0.592  20.846  1.00 16.10 ? 10  LEU B C     1 
ATOM   848  O O     . LEU B 1 10 ? 0.516   -0.809  19.701  1.00 16.30 ? 10  LEU B O     1 
ATOM   849  C CB    . LEU B 1 10 ? 0.909   1.812   21.378  1.00 17.06 ? 10  LEU B CB    1 
ATOM   850  C CG    . LEU B 1 10 ? 0.546   3.292   21.464  1.00 16.25 ? 10  LEU B CG    1 
ATOM   851  C CD1   . LEU B 1 10 ? 1.792   4.098   21.778  1.00 18.20 ? 10  LEU B CD1   1 
ATOM   852  C CD2   . LEU B 1 10 ? -0.133  3.786   20.177  1.00 19.51 ? 10  LEU B CD2   1 
ATOM   853  N N     . ALA B 1 11 ? 0.290   -1.548  21.760  1.00 14.61 ? 11  ALA B N     1 
ATOM   854  C CA    . ALA B 1 11 ? 0.475   -2.885  21.338  1.00 14.15 ? 11  ALA B CA    1 
ATOM   855  C C     . ALA B 1 11 ? -0.605  -3.338  20.361  1.00 14.87 ? 11  ALA B C     1 
ATOM   856  O O     . ALA B 1 11 ? -0.331  -3.979  19.362  1.00 13.86 ? 11  ALA B O     1 
ATOM   857  C CB    . ALA B 1 11 ? 0.511   -3.818  22.540  1.00 16.06 ? 11  ALA B CB    1 
ATOM   858  N N     . ASP B 1 12 ? -1.858  -3.120  20.730  1.00 12.69 ? 12  ASP B N     1 
ATOM   859  C CA    . ASP B 1 12 ? -2.929  -3.503  19.823  1.00 13.52 ? 12  ASP B CA    1 
ATOM   860  C C     . ASP B 1 12 ? -2.872  -2.773  18.491  1.00 12.72 ? 12  ASP B C     1 
ATOM   861  O O     . ASP B 1 12 ? -3.151  -3.384  17.438  1.00 13.16 ? 12  ASP B O     1 
ATOM   862  C CB    . ASP B 1 12 ? -4.269  -3.239  20.464  1.00 14.07 ? 12  ASP B CB    1 
ATOM   863  C CG    . ASP B 1 12 ? -4.599  -4.214  21.563  1.00 19.33 ? 12  ASP B CG    1 
ATOM   864  O OD1   . ASP B 1 12 ? -4.102  -5.372  21.513  1.00 23.09 ? 12  ASP B OD1   1 
ATOM   865  O OD2   . ASP B 1 12 ? -5.465  -3.890  22.403  1.00 23.05 ? 12  ASP B OD2   1 
ATOM   866  N N     . ILE B 1 13 ? -2.556  -1.485  18.548  1.00 12.77 ? 13  ILE B N     1 
ATOM   867  C CA    . ILE B 1 13 ? -2.567  -0.643  17.362  1.00 14.59 ? 13  ILE B CA    1 
ATOM   868  C C     . ILE B 1 13 ? -1.477  -1.178  16.431  1.00 15.39 ? 13  ILE B C     1 
ATOM   869  O O     . ILE B 1 13 ? -1.671  -1.308  15.232  1.00 14.56 ? 13  ILE B O     1 
ATOM   870  C CB    . ILE B 1 13 ? -2.276  0.875   17.733  1.00 14.72 ? 13  ILE B CB    1 
ATOM   871  C CG1   . ILE B 1 13 ? -3.426  1.484   18.569  1.00 18.24 ? 13  ILE B CG1   1 
ATOM   872  C CG2   . ILE B 1 13 ? -2.048  1.710   16.493  1.00 13.79 ? 13  ILE B CG2   1 
ATOM   873  C CD1   . ILE B 1 13 ? -4.688  1.627   17.793  1.00 22.15 ? 13  ILE B CD1   1 
ATOM   874  N N     . ARG B 1 14 ? -0.295  -1.428  16.999  1.00 15.52 ? 14  ARG B N     1 
ATOM   875  C CA    . ARG B 1 14 ? 0.859   -1.870  16.187  1.00 16.15 ? 14  ARG B CA    1 
ATOM   876  C C     . ARG B 1 14 ? 0.650   -3.218  15.595  1.00 16.59 ? 14  ARG B C     1 
ATOM   877  O O     . ARG B 1 14 ? 1.046   -3.464  14.504  1.00 16.67 ? 14  ARG B O     1 
ATOM   878  C CB    . ARG B 1 14 ? 2.159   -1.853  16.992  1.00 16.21 ? 14  ARG B CB    1 
ATOM   879  C CG    . ARG B 1 14 ? 2.477   -0.380  17.317  1.00 20.28 ? 14  ARG B CG    1 
ATOM   880  C CD    . ARG B 1 14 ? 3.656   -0.134  18.270  1.00 20.92 ? 14  ARG B CD    1 
ATOM   881  N NE    . ARG B 1 14 ? 3.824   1.300   18.310  1.00 24.29 ? 14  ARG B NE    1 
ATOM   882  C CZ    . ARG B 1 14 ? 4.603   1.968   19.154  1.00 29.23 ? 14  ARG B CZ    1 
ATOM   883  N NH1   . ARG B 1 14 ? 4.636   3.307   19.106  1.00 31.03 ? 14  ARG B NH1   1 
ATOM   884  N NH2   . ARG B 1 14 ? 5.344   1.313   20.033  1.00 27.17 ? 14  ARG B NH2   1 
ATOM   885  N N     . GLU B 1 15 ? 0.119   -4.154  16.365  1.00 15.68 ? 15  GLU B N     1 
ATOM   886  C CA    . GLU B 1 15 ? -0.174  -5.426  15.792  1.00 15.76 ? 15  GLU B CA    1 
ATOM   887  C C     . GLU B 1 15 ? -1.058  -5.289  14.517  1.00 14.15 ? 15  GLU B C     1 
ATOM   888  O O     . GLU B 1 15 ? -0.835  -5.965  13.506  1.00 14.22 ? 15  GLU B O     1 
ATOM   889  C CB    . GLU B 1 15 ? -0.960  -6.209  16.842  1.00 16.27 ? 15  GLU B CB    1 
ATOM   890  C CG    . GLU B 1 15 ? -1.288  -7.601  16.411  1.00 24.92 ? 15  GLU B CG    1 
ATOM   891  C CD    . GLU B 1 15 ? -1.873  -8.427  17.566  1.00 33.33 ? 15  GLU B CD    1 
ATOM   892  O OE1   . GLU B 1 15 ? -1.522  -8.185  18.772  1.00 33.94 ? 15  GLU B OE1   1 
ATOM   893  O OE2   . GLU B 1 15 ? -2.652  -9.335  17.220  1.00 35.48 ? 15  GLU B OE2   1 
ATOM   894  N N     . ALA B 1 16 ? -2.068  -4.452  14.606  1.00 13.23 ? 16  ALA B N     1 
ATOM   895  C CA    . ALA B 1 16 ? -3.048  -4.281  13.514  1.00 14.21 ? 16  ALA B CA    1 
ATOM   896  C C     . ALA B 1 16 ? -2.378  -3.578  12.329  1.00 14.44 ? 16  ALA B C     1 
ATOM   897  O O     . ALA B 1 16 ? -2.587  -3.989  11.176  1.00 15.99 ? 16  ALA B O     1 
ATOM   898  C CB    . ALA B 1 16 ? -4.250  -3.440  13.988  1.00 14.46 ? 16  ALA B CB    1 
ATOM   899  N N     . ILE B 1 17 ? -1.556  -2.554  12.615  1.00 12.66 ? 17  ILE B N     1 
ATOM   900  C CA    . ILE B 1 17 ? -0.864  -1.863  11.549  1.00 12.64 ? 17  ILE B CA    1 
ATOM   901  C C     . ILE B 1 17 ? 0.196   -2.778  10.915  1.00 12.86 ? 17  ILE B C     1 
ATOM   902  O O     . ILE B 1 17 ? 0.376   -2.818  9.702   1.00 13.20 ? 17  ILE B O     1 
ATOM   903  C CB    . ILE B 1 17 ? -0.215  -0.575  12.064  1.00 12.61 ? 17  ILE B CB    1 
ATOM   904  C CG1   . ILE B 1 17 ? -1.263  0.466   12.423  1.00 14.14 ? 17  ILE B CG1   1 
ATOM   905  C CG2   . ILE B 1 17 ? 0.812   -0.075  11.023  1.00 12.40 ? 17  ILE B CG2   1 
ATOM   906  C CD1   . ILE B 1 17 ? -0.641  1.693   13.070  1.00 16.36 ? 17  ILE B CD1   1 
ATOM   907  N N     . ASP B 1 18 ? 0.925   -3.538  11.719  1.00 13.13 ? 18  ASP B N     1 
ATOM   908  C CA    . ASP B 1 18 ? 1.848   -4.487  11.071  1.00 14.47 ? 18  ASP B CA    1 
ATOM   909  C C     . ASP B 1 18 ? 1.118   -5.523  10.206  1.00 14.99 ? 18  ASP B C     1 
ATOM   910  O O     . ASP B 1 18 ? 1.664   -5.906  9.138   1.00 14.30 ? 18  ASP B O     1 
ATOM   911  C CB    . ASP B 1 18 ? 2.740   -5.233  12.112  1.00 16.19 ? 18  ASP B CB    1 
ATOM   912  C CG    . ASP B 1 18 ? 3.829   -4.401  12.688  1.00 16.96 ? 18  ASP B CG    1 
ATOM   913  O OD1   . ASP B 1 18 ? 4.140   -3.326  12.197  1.00 20.54 ? 18  ASP B OD1   1 
ATOM   914  O OD2   . ASP B 1 18 ? 4.395   -4.850  13.701  1.00 21.83 ? 18  ASP B OD2   1 
ATOM   915  N N     . ARG B 1 19 ? -0.060  -6.040  10.643  1.00 13.47 ? 19  ARG B N     1 
ATOM   916  C CA    . ARG B 1 19 ? -0.769  -7.036  9.842   1.00 13.88 ? 19  ARG B CA    1 
ATOM   917  C C     . ARG B 1 19 ? -1.322  -6.399  8.518   1.00 13.28 ? 19  ARG B C     1 
ATOM   918  O O     . ARG B 1 19 ? -1.270  -7.019  7.446   1.00 11.70 ? 19  ARG B O     1 
ATOM   919  C CB    . ARG B 1 19 ? -1.984  -7.577  10.621  1.00 15.17 ? 19  ARG B CB    1 
ATOM   920  C CG    . ARG B 1 19 ? -2.834  -8.534  9.802   1.00 19.53 ? 19  ARG B CG    1 
ATOM   921  C CD    . ARG B 1 19 ? -2.072  -9.820  9.473   1.00 25.15 ? 19  ARG B CD    1 
ATOM   922  N NE    . ARG B 1 19 ? -1.606  -9.828  8.090   1.00 27.68 ? 19  ARG B NE    1 
ATOM   923  C CZ    . ARG B 1 19 ? -0.879  -10.792 7.522   1.00 30.40 ? 19  ARG B CZ    1 
ATOM   924  N NH1   . ARG B 1 19 ? -0.550  -10.670 6.242   1.00 30.12 ? 19  ARG B NH1   1 
ATOM   925  N NH2   . ARG B 1 19 ? -0.507  -11.899 8.209   1.00 31.30 ? 19  ARG B NH2   1 
ATOM   926  N N     . ILE B 1 20 ? -1.789  -5.154  8.613   1.00 11.36 ? 20  ILE B N     1 
ATOM   927  C CA    . ILE B 1 20 ? -2.239  -4.423  7.425   1.00 12.15 ? 20  ILE B CA    1 
ATOM   928  C C     . ILE B 1 20 ? -1.072  -4.157  6.455   1.00 12.60 ? 20  ILE B C     1 
ATOM   929  O O     . ILE B 1 20 ? -1.225  -4.267  5.253   1.00 11.56 ? 20  ILE B O     1 
ATOM   930  C CB    . ILE B 1 20 ? -2.842  -3.077  7.854   1.00 13.16 ? 20  ILE B CB    1 
ATOM   931  C CG1   . ILE B 1 20 ? -4.236  -3.273  8.452   1.00 12.64 ? 20  ILE B CG1   1 
ATOM   932  C CG2   . ILE B 1 20 ? -3.025  -2.137  6.663   1.00 12.72 ? 20  ILE B CG2   1 
ATOM   933  C CD1   . ILE B 1 20 ? -4.721  -2.040  9.159   1.00 15.01 ? 20  ILE B CD1   1 
ATOM   934  N N     . ASP B 1 21 ? 0.070   -3.724  6.991   1.00 10.08 ? 21  ASP B N     1 
ATOM   935  C CA    . ASP B 1 21 ? 1.262   -3.442  6.134   1.00 10.65 ? 21  ASP B CA    1 
ATOM   936  C C     . ASP B 1 21 ? 1.730   -4.723  5.501   1.00 10.53 ? 21  ASP B C     1 
ATOM   937  O O     . ASP B 1 21 ? 2.049   -4.716  4.340   1.00 9.25  ? 21  ASP B O     1 
ATOM   938  C CB    . ASP B 1 21 ? 2.364   -2.806  7.007   1.00 13.29 ? 21  ASP B CB    1 
ATOM   939  C CG    . ASP B 1 21 ? 2.058   -1.334  7.281   1.00 14.35 ? 21  ASP B CG    1 
ATOM   940  O OD1   . ASP B 1 21 ? 0.996   -0.841  6.780   1.00 14.45 ? 21  ASP B OD1   1 
ATOM   941  O OD2   . ASP B 1 21 ? 2.838   -0.675  7.988   1.00 13.64 ? 21  ASP B OD2   1 
ATOM   942  N N     . LEU B 1 22 ? 1.619   -5.861  6.238   1.00 9.40  ? 22  LEU B N     1 
ATOM   943  C CA    . LEU B 1 22 ? 2.018   -7.097  5.614   1.00 11.49 ? 22  LEU B CA    1 
ATOM   944  C C     . LEU B 1 22 ? 1.026   -7.487  4.498   1.00 12.29 ? 22  LEU B C     1 
ATOM   945  O O     . LEU B 1 22 ? 1.430   -7.975  3.454   1.00 12.50 ? 22  LEU B O     1 
ATOM   946  C CB    . LEU B 1 22 ? 2.200   -8.202  6.674   1.00 11.75 ? 22  LEU B CB    1 
ATOM   947  C CG    . LEU B 1 22 ? 2.620   -9.566  6.039   1.00 14.53 ? 22  LEU B CG    1 
ATOM   948  C CD1   . LEU B 1 22 ? 3.859   -9.497  5.082   1.00 15.45 ? 22  LEU B CD1   1 
ATOM   949  C CD2   . LEU B 1 22 ? 2.826   -10.592 7.082   1.00 17.52 ? 22  LEU B CD2   1 
ATOM   950  N N     . ASP B 1 23 ? -0.261  -7.290  4.761   1.00 12.21 ? 23  ASP B N     1 
ATOM   951  C CA    . ASP B 1 23 ? -1.293  -7.497  3.760   1.00 12.15 ? 23  ASP B CA    1 
ATOM   952  C C     . ASP B 1 23 ? -1.010  -6.704  2.444   1.00 12.02 ? 23  ASP B C     1 
ATOM   953  O O     . ASP B 1 23 ? -1.183  -7.227  1.366   1.00 11.98 ? 23  ASP B O     1 
ATOM   954  C CB    . ASP B 1 23 ? -2.648  -7.116  4.332   1.00 13.21 ? 23  ASP B CB    1 
ATOM   955  C CG    . ASP B 1 23 ? -3.186  -8.165  5.330   1.00 18.35 ? 23  ASP B CG    1 
ATOM   956  O OD1   . ASP B 1 23 ? -2.634  -9.266  5.432   1.00 23.37 ? 23  ASP B OD1   1 
ATOM   957  O OD2   . ASP B 1 23 ? -4.150  -7.844  6.045   1.00 23.98 ? 23  ASP B OD2   1 
ATOM   958  N N     . ILE B 1 24 ? -0.591  -5.454  2.590   1.00 10.25 ? 24  ILE B N     1 
ATOM   959  C CA    . ILE B 1 24 ? -0.269  -4.588  1.447   1.00 10.60 ? 24  ILE B CA    1 
ATOM   960  C C     . ILE B 1 24 ? 0.977   -5.148  0.704   1.00 10.84 ? 24  ILE B C     1 
ATOM   961  O O     . ILE B 1 24 ? 1.035   -5.223  -0.477  1.00 10.10 ? 24  ILE B O     1 
ATOM   962  C CB    . ILE B 1 24 ? 0.027   -3.149  1.945   1.00 10.33 ? 24  ILE B CB    1 
ATOM   963  C CG1   . ILE B 1 24 ? -1.284  -2.464  2.397   1.00 12.53 ? 24  ILE B CG1   1 
ATOM   964  C CG2   . ILE B 1 24 ? 0.577   -2.259  0.796   1.00 12.63 ? 24  ILE B CG2   1 
ATOM   965  C CD1   . ILE B 1 24 ? -1.028  -1.237  3.241   1.00 14.50 ? 24  ILE B CD1   1 
ATOM   966  N N     . VAL B 1 25 ? 1.973   -5.566  1.413   1.00 9.61  ? 25  VAL B N     1 
ATOM   967  C CA    . VAL B 1 25 ? 3.138   -6.123  0.724   1.00 11.13 ? 25  VAL B CA    1 
ATOM   968  C C     . VAL B 1 25 ? 2.866   -7.408  -0.027  1.00 9.38  ? 25  VAL B C     1 
ATOM   969  O O     . VAL B 1 25 ? 3.348   -7.670  -1.147  1.00 10.93 ? 25  VAL B O     1 
ATOM   970  C CB    . VAL B 1 25 ? 4.223   -6.402  1.742   1.00 8.83  ? 25  VAL B CB    1 
ATOM   971  C CG1   . VAL B 1 25 ? 5.407   -7.159  1.064   1.00 13.10 ? 25  VAL B CG1   1 
ATOM   972  C CG2   . VAL B 1 25 ? 4.803   -5.033  2.272   1.00 12.13 ? 25  VAL B CG2   1 
ATOM   973  N N     . GLN B 1 26 ? 2.060   -8.232  0.624   1.00 12.12 ? 26  GLN B N     1 
ATOM   974  C CA    . GLN B 1 26 ? 1.690   -9.490  0.061   1.00 11.44 ? 26  GLN B CA    1 
ATOM   975  C C     . GLN B 1 26 ? 0.871   -9.228  -1.236  1.00 11.40 ? 26  GLN B C     1 
ATOM   976  O O     . GLN B 1 26 ? 1.096   -9.875  -2.261  1.00 10.77 ? 26  GLN B O     1 
ATOM   977  C CB    . GLN B 1 26 ? 0.912   -10.190 1.149   1.00 11.87 ? 26  GLN B CB    1 
ATOM   978  C CG    . GLN B 1 26 ? 1.848   -10.967 2.095   1.00 10.77 ? 26  GLN B CG    1 
ATOM   979  C CD    . GLN B 1 26 ? 1.045   -11.767 3.137   1.00 17.23 ? 26  GLN B CD    1 
ATOM   980  O OE1   . GLN B 1 26 ? -0.165  -11.556 3.307   1.00 18.85 ? 26  GLN B OE1   1 
ATOM   981  N NE2   . GLN B 1 26 ? 1.731   -12.618 3.884   1.00 15.66 ? 26  GLN B NE2   1 
ATOM   982  N N     . ALA B 1 27 ? -0.055  -8.267  -1.146  1.00 10.69 ? 27  ALA B N     1 
ATOM   983  C CA    . ALA B 1 27 ? -0.944  -7.882  -2.286  1.00 10.81 ? 27  ALA B CA    1 
ATOM   984  C C     . ALA B 1 27 ? -0.038  -7.327  -3.404  1.00 11.46 ? 27  ALA B C     1 
ATOM   985  O O     . ALA B 1 27 ? -0.261  -7.638  -4.581  1.00 12.39 ? 27  ALA B O     1 
ATOM   986  C CB    . ALA B 1 27 ? -1.935  -6.824  -1.862  1.00 9.95  ? 27  ALA B CB    1 
ATOM   987  N N     . LEU B 1 28 ? 0.985   -6.529  -3.045  1.00 11.79 ? 28  LEU B N     1 
ATOM   988  C CA    . LEU B 1 28 ? 1.890   -5.996  -4.110  1.00 10.71 ? 28  LEU B CA    1 
ATOM   989  C C     . LEU B 1 28 ? 2.660   -7.158  -4.772  1.00 13.26 ? 28  LEU B C     1 
ATOM   990  O O     . LEU B 1 28 ? 2.968   -7.126  -5.977  1.00 11.71 ? 28  LEU B O     1 
ATOM   991  C CB    . LEU B 1 28 ? 2.896   -4.974  -3.475  1.00 10.41 ? 28  LEU B CB    1 
ATOM   992  C CG    . LEU B 1 28 ? 2.298   -3.644  -3.111  1.00 8.79  ? 28  LEU B CG    1 
ATOM   993  C CD1   . LEU B 1 28 ? 3.372   -2.788  -2.373  1.00 9.59  ? 28  LEU B CD1   1 
ATOM   994  C CD2   . LEU B 1 28 ? 1.879   -2.928  -4.453  1.00 14.24 ? 28  LEU B CD2   1 
ATOM   995  N N     . GLY B 1 29 ? 2.987   -8.196  -3.990  1.00 12.28 ? 29  GLY B N     1 
ATOM   996  C CA    . GLY B 1 29 ? 3.686   -9.407  -4.497  1.00 13.86 ? 29  GLY B CA    1 
ATOM   997  C C     . GLY B 1 29 ? 2.798   -10.180 -5.452  1.00 12.80 ? 29  GLY B C     1 
ATOM   998  O O     . GLY B 1 29 ? 3.243   -10.582 -6.539  1.00 13.79 ? 29  GLY B O     1 
ATOM   999  N N     . ARG B 1 30 ? 1.505   -10.282 -5.099  1.00 14.55 ? 30  ARG B N     1 
ATOM   1000 C CA    . ARG B 1 30 ? 0.557   -10.935 -5.990  1.00 15.81 ? 30  ARG B CA    1 
ATOM   1001 C C     . ARG B 1 30 ? 0.380   -10.094 -7.265  1.00 16.41 ? 30  ARG B C     1 
ATOM   1002 O O     . ARG B 1 30 ? 0.285   -10.637 -8.369  1.00 16.46 ? 30  ARG B O     1 
ATOM   1003 C CB    . ARG B 1 30 ? -0.793  -11.139 -5.309  1.00 16.73 ? 30  ARG B CB    1 
ATOM   1004 C CG    . ARG B 1 30 ? -0.719  -12.082 -4.105  1.00 22.96 ? 30  ARG B CG    1 
ATOM   1005 C CD    . ARG B 1 30 ? -2.108  -12.697 -3.639  1.00 28.47 ? 30  ARG B CD    1 
ATOM   1006 N NE    . ARG B 1 30 ? -3.059  -11.644 -3.275  1.00 33.49 ? 30  ARG B NE    1 
ATOM   1007 C CZ    . ARG B 1 30 ? -3.035  -10.969 -2.125  1.00 32.70 ? 30  ARG B CZ    1 
ATOM   1008 N NH1   . ARG B 1 30 ? -3.902  -9.991  -1.892  1.00 31.53 ? 30  ARG B NH1   1 
ATOM   1009 N NH2   . ARG B 1 30 ? -2.137  -11.288 -1.217  1.00 29.33 ? 30  ARG B NH2   1 
ATOM   1010 N N     . ARG B 1 31 ? 0.411   -8.770  -7.092  1.00 14.14 ? 31  ARG B N     1 
ATOM   1011 C CA    . ARG B 1 31 ? 0.199   -7.849  -8.220  1.00 13.47 ? 31  ARG B CA    1 
ATOM   1012 C C     . ARG B 1 31 ? 1.273   -8.051  -9.249  1.00 14.71 ? 31  ARG B C     1 
ATOM   1013 O O     . ARG B 1 31 ? 1.025   -7.933  -10.471 1.00 12.70 ? 31  ARG B O     1 
ATOM   1014 C CB    . ARG B 1 31 ? 0.205   -6.427  -7.691  1.00 12.54 ? 31  ARG B CB    1 
ATOM   1015 C CG    . ARG B 1 31 ? -0.285  -5.330  -8.714  1.00 11.30 ? 31  ARG B CG    1 
ATOM   1016 C CD    . ARG B 1 31 ? -0.089  -4.018  -8.128  1.00 13.07 ? 31  ARG B CD    1 
ATOM   1017 N NE    . ARG B 1 31 ? -0.808  -2.953  -8.868  1.00 12.45 ? 31  ARG B NE    1 
ATOM   1018 C CZ    . ARG B 1 31 ? -0.440  -2.501  -10.045 1.00 13.47 ? 31  ARG B CZ    1 
ATOM   1019 N NH1   . ARG B 1 31 ? 0.671   -2.990  -10.671 1.00 9.03  ? 31  ARG B NH1   1 
ATOM   1020 N NH2   . ARG B 1 31 ? -1.191  -1.582  -10.604 1.00 14.83 ? 31  ARG B NH2   1 
ATOM   1021 N N     . MET B 1 32 ? 2.487   -8.336  -8.797  1.00 14.20 ? 32  MET B N     1 
ATOM   1022 C CA    . MET B 1 32 ? 3.566   -8.584  -9.728  1.00 14.42 ? 32  MET B CA    1 
ATOM   1023 C C     . MET B 1 32 ? 3.394   -9.821  -10.538 1.00 15.03 ? 32  MET B C     1 
ATOM   1024 O O     . MET B 1 32 ? 3.784   -9.853  -11.696 1.00 14.43 ? 32  MET B O     1 
ATOM   1025 C CB    . MET B 1 32 ? 4.935   -8.638  -8.994  1.00 15.32 ? 32  MET B CB    1 
ATOM   1026 C CG    . MET B 1 32 ? 6.135   -8.595  -9.938  1.00 19.00 ? 32  MET B CG    1 
ATOM   1027 S SD    . MET B 1 32 ? 6.277   -7.099  -10.938 1.00 22.27 ? 32  MET B SD    1 
ATOM   1028 C CE    . MET B 1 32 ? 6.773   -5.855  -9.768  1.00 25.21 ? 32  MET B CE    1 
ATOM   1029 N N     . ASP B 1 33 ? 2.867   -10.874 -9.927  1.00 14.24 ? 33  ASP B N     1 
ATOM   1030 C CA    . ASP B 1 33 ? 2.539   -12.056 -10.677 1.00 17.12 ? 33  ASP B CA    1 
ATOM   1031 C C     . ASP B 1 33 ? 1.592   -11.748 -11.838 1.00 15.25 ? 33  ASP B C     1 
ATOM   1032 O O     . ASP B 1 33 ? 1.741   -12.364 -12.887 1.00 15.83 ? 33  ASP B O     1 
ATOM   1033 C CB    . ASP B 1 33 ? 1.867   -13.102 -9.774  1.00 18.66 ? 33  ASP B CB    1 
ATOM   1034 C CG    . ASP B 1 33 ? 2.798   -13.671 -8.735  1.00 25.66 ? 33  ASP B CG    1 
ATOM   1035 O OD1   . ASP B 1 33 ? 3.988   -13.856 -9.033  1.00 28.73 ? 33  ASP B OD1   1 
ATOM   1036 O OD2   . ASP B 1 33 ? 2.295   -13.976 -7.628  1.00 30.67 ? 33  ASP B OD2   1 
ATOM   1037 N N     . TYR B 1 34 ? 0.607   -10.879 -11.604 1.00 12.57 ? 34  TYR B N     1 
ATOM   1038 C CA    . TYR B 1 34 ? -0.367  -10.557 -12.662 1.00 13.91 ? 34  TYR B CA    1 
ATOM   1039 C C     . TYR B 1 34 ? 0.265   -9.743  -13.711 1.00 15.65 ? 34  TYR B C     1 
ATOM   1040 O O     . TYR B 1 34 ? -0.017  -9.949  -14.894 1.00 13.72 ? 34  TYR B O     1 
ATOM   1041 C CB    . TYR B 1 34 ? -1.609  -9.865  -12.099 1.00 13.47 ? 34  TYR B CB    1 
ATOM   1042 C CG    . TYR B 1 34 ? -2.511  -10.822 -11.351 1.00 12.89 ? 34  TYR B CG    1 
ATOM   1043 C CD1   . TYR B 1 34 ? -3.468  -11.639 -12.043 1.00 12.28 ? 34  TYR B CD1   1 
ATOM   1044 C CD2   . TYR B 1 34 ? -2.457  -10.886 -10.006 1.00 13.86 ? 34  TYR B CD2   1 
ATOM   1045 C CE1   . TYR B 1 34 ? -4.291  -12.533 -11.357 1.00 17.54 ? 34  TYR B CE1   1 
ATOM   1046 C CE2   . TYR B 1 34 ? -3.316  -11.774 -9.305  1.00 18.70 ? 34  TYR B CE2   1 
ATOM   1047 C CZ    . TYR B 1 34 ? -4.215  -12.566 -9.992  1.00 17.94 ? 34  TYR B CZ    1 
ATOM   1048 O OH    . TYR B 1 34 ? -5.026  -13.409 -9.274  1.00 18.95 ? 34  TYR B OH    1 
ATOM   1049 N N     . VAL B 1 35 ? 1.112   -8.764  -13.303 1.00 16.29 ? 35  VAL B N     1 
ATOM   1050 C CA    . VAL B 1 35 ? 1.775   -7.967  -14.332 1.00 14.78 ? 35  VAL B CA    1 
ATOM   1051 C C     . VAL B 1 35 ? 2.724   -8.831  -15.194 1.00 16.80 ? 35  VAL B C     1 
ATOM   1052 O O     . VAL B 1 35 ? 2.755   -8.685  -16.427 1.00 17.91 ? 35  VAL B O     1 
ATOM   1053 C CB    . VAL B 1 35 ? 2.547   -6.746  -13.708 1.00 15.26 ? 35  VAL B CB    1 
ATOM   1054 C CG1   . VAL B 1 35 ? 3.520   -6.147  -14.715 1.00 15.37 ? 35  VAL B CG1   1 
ATOM   1055 C CG2   . VAL B 1 35 ? 1.542   -5.704  -13.142 1.00 14.62 ? 35  VAL B CG2   1 
ATOM   1056 N N     . LYS B 1 36 ? 3.454   -9.751  -14.579 1.00 16.81 ? 36  LYS B N     1 
ATOM   1057 C CA    . LYS B 1 36 ? 4.301   -10.667 -15.341 1.00 18.26 ? 36  LYS B CA    1 
ATOM   1058 C C     . LYS B 1 36 ? 3.479   -11.579 -16.282 1.00 18.63 ? 36  LYS B C     1 
ATOM   1059 O O     . LYS B 1 36 ? 3.882   -11.742 -17.423 1.00 20.15 ? 36  LYS B O     1 
ATOM   1060 C CB    . LYS B 1 36 ? 5.219   -11.487 -14.419 1.00 19.97 ? 36  LYS B CB    1 
ATOM   1061 C CG    . LYS B 1 36 ? 6.460   -10.693 -13.982 1.00 24.28 ? 36  LYS B CG    1 
ATOM   1062 C CD    . LYS B 1 36 ? 7.312   -11.486 -12.962 1.00 28.77 ? 36  LYS B CD    1 
ATOM   1063 C CE    . LYS B 1 36 ? 8.420   -10.546 -12.454 1.00 31.66 ? 36  LYS B CE    1 
ATOM   1064 N NZ    . LYS B 1 36 ? 9.138   -11.160 -11.349 1.00 32.89 ? 36  LYS B NZ    1 
ATOM   1065 N N     . ALA B 1 37 ? 2.350   -12.133 -15.813 1.00 18.48 ? 37  ALA B N     1 
ATOM   1066 C CA    . ALA B 1 37 ? 1.401   -12.920 -16.653 1.00 18.82 ? 37  ALA B CA    1 
ATOM   1067 C C     . ALA B 1 37 ? 0.871   -12.096 -17.828 1.00 19.16 ? 37  ALA B C     1 
ATOM   1068 O O     . ALA B 1 37 ? 0.700   -12.615 -18.938 1.00 18.22 ? 37  ALA B O     1 
ATOM   1069 C CB    . ALA B 1 37 ? 0.221   -13.483 -15.810 1.00 19.54 ? 37  ALA B CB    1 
ATOM   1070 N N     . ALA B 1 38 ? 0.722   -10.789 -17.625 1.00 18.53 ? 38  ALA B N     1 
ATOM   1071 C CA    . ALA B 1 38 ? 0.138   -9.981  -18.685 1.00 19.76 ? 38  ALA B CA    1 
ATOM   1072 C C     . ALA B 1 38 ? 1.064   -9.911  -19.881 1.00 21.81 ? 38  ALA B C     1 
ATOM   1073 O O     . ALA B 1 38 ? 0.605   -9.591  -20.990 1.00 21.96 ? 38  ALA B O     1 
ATOM   1074 C CB    . ALA B 1 38 ? -0.161  -8.602  -18.184 1.00 19.09 ? 38  ALA B CB    1 
ATOM   1075 N N     . SER B 1 39 ? 2.358   -10.168 -19.668 1.00 23.10 ? 39  SER B N     1 
ATOM   1076 C CA    . SER B 1 39 ? 3.371   -9.751  -20.640 1.00 26.58 ? 39  SER B CA    1 
ATOM   1077 C C     . SER B 1 39 ? 3.128   -10.402 -22.025 1.00 28.40 ? 39  SER B C     1 
ATOM   1078 O O     . SER B 1 39 ? 3.252   -9.725  -23.080 1.00 27.77 ? 39  SER B O     1 
ATOM   1079 C CB    . SER B 1 39 ? 4.791   -9.965  -20.103 1.00 26.88 ? 39  SER B CB    1 
ATOM   1080 O OG    . SER B 1 39 ? 5.083   -11.328 -19.883 1.00 31.27 ? 39  SER B OG    1 
ATOM   1081 N N     . ARG B 1 40 ? 2.683   -11.647 -22.008 1.00 27.60 ? 40  ARG B N     1 
ATOM   1082 C CA    . ARG B 1 40 ? 2.361   -12.342 -23.218 1.00 30.30 ? 40  ARG B CA    1 
ATOM   1083 C C     . ARG B 1 40 ? 1.117   -11.839 -23.982 1.00 31.42 ? 40  ARG B C     1 
ATOM   1084 O O     . ARG B 1 40 ? 0.915   -12.225 -25.147 1.00 33.58 ? 40  ARG B O     1 
ATOM   1085 C CB    . ARG B 1 40 ? 2.237   -13.825 -22.935 1.00 31.21 ? 40  ARG B CB    1 
ATOM   1086 C CG    . ARG B 1 40 ? 0.987   -14.285 -22.224 1.00 32.63 ? 40  ARG B CG    1 
ATOM   1087 C CD    . ARG B 1 40 ? 1.180   -15.733 -21.881 1.00 37.95 ? 40  ARG B CD    1 
ATOM   1088 N NE    . ARG B 1 40 ? -0.077  -16.415 -21.644 1.00 38.98 ? 40  ARG B NE    1 
ATOM   1089 C CZ    . ARG B 1 40 ? -0.733  -16.436 -20.493 1.00 40.39 ? 40  ARG B CZ    1 
ATOM   1090 N NH1   . ARG B 1 40 ? -0.271  -15.790 -19.408 1.00 39.01 ? 40  ARG B NH1   1 
ATOM   1091 N NH2   . ARG B 1 40 ? -1.884  -17.093 -20.444 1.00 41.33 ? 40  ARG B NH2   1 
ATOM   1092 N N     . PHE B 1 41 ? 0.278   -11.017 -23.353 1.00 30.19 ? 41  PHE B N     1 
ATOM   1093 C CA    . PHE B 1 41 ? -0.890  -10.426 -24.037 1.00 29.55 ? 41  PHE B CA    1 
ATOM   1094 C C     . PHE B 1 41 ? -0.468  -9.029  -24.488 1.00 31.30 ? 41  PHE B C     1 
ATOM   1095 O O     . PHE B 1 41 ? -1.287  -8.211  -24.926 1.00 32.30 ? 41  PHE B O     1 
ATOM   1096 C CB    . PHE B 1 41 ? -2.138  -10.416 -23.111 1.00 28.24 ? 41  PHE B CB    1 
ATOM   1097 C CG    . PHE B 1 41 ? -2.521  -11.793 -22.554 1.00 27.10 ? 41  PHE B CG    1 
ATOM   1098 C CD1   . PHE B 1 41 ? -2.965  -12.817 -23.388 1.00 25.44 ? 41  PHE B CD1   1 
ATOM   1099 C CD2   . PHE B 1 41 ? -2.444  -12.050 -21.188 1.00 25.03 ? 41  PHE B CD2   1 
ATOM   1100 C CE1   . PHE B 1 41 ? -3.310  -14.081 -22.854 1.00 19.48 ? 41  PHE B CE1   1 
ATOM   1101 C CE2   . PHE B 1 41 ? -2.788  -13.276 -20.666 1.00 24.24 ? 41  PHE B CE2   1 
ATOM   1102 C CZ    . PHE B 1 41 ? -3.211  -14.284 -21.474 1.00 22.88 ? 41  PHE B CZ    1 
ATOM   1103 N N     . ILE B 1 48 ? 3.270   -2.365  -24.110 1.00 38.24 ? 48  ILE B N     1 
ATOM   1104 C CA    . ILE B 1 48 ? 3.433   -2.732  -22.685 1.00 39.41 ? 48  ILE B CA    1 
ATOM   1105 C C     . ILE B 1 48 ? 3.117   -1.600  -21.718 1.00 38.33 ? 48  ILE B C     1 
ATOM   1106 O O     . ILE B 1 48 ? 2.388   -1.845  -20.753 1.00 39.31 ? 48  ILE B O     1 
ATOM   1107 C CB    . ILE B 1 48 ? 4.828   -3.360  -22.313 1.00 39.25 ? 48  ILE B CB    1 
ATOM   1108 C CG1   . ILE B 1 48 ? 4.847   -4.856  -22.627 1.00 39.95 ? 48  ILE B CG1   1 
ATOM   1109 C CG2   . ILE B 1 48 ? 5.133   -3.112  -20.838 1.00 40.67 ? 48  ILE B CG2   1 
ATOM   1110 C CD1   . ILE B 1 48 ? 6.161   -5.542  -22.310 1.00 38.14 ? 48  ILE B CD1   1 
ATOM   1111 N N     . PRO B 1 49 ? 3.637   -0.369  -21.961 1.00 37.25 ? 49  PRO B N     1 
ATOM   1112 C CA    . PRO B 1 49 ? 3.232   0.655   -21.011 1.00 37.21 ? 49  PRO B CA    1 
ATOM   1113 C C     . PRO B 1 49 ? 1.715   0.930   -21.062 1.00 35.92 ? 49  PRO B C     1 
ATOM   1114 O O     . PRO B 1 49 ? 1.253   1.774   -20.283 1.00 36.31 ? 49  PRO B O     1 
ATOM   1115 C CB    . PRO B 1 49 ? 4.031   1.916   -21.452 1.00 36.88 ? 49  PRO B CB    1 
ATOM   1116 C CG    . PRO B 1 49 ? 5.167   1.417   -22.173 1.00 37.33 ? 49  PRO B CG    1 
ATOM   1117 C CD    . PRO B 1 49 ? 4.693   0.124   -22.860 1.00 37.94 ? 49  PRO B CD    1 
ATOM   1118 N N     . ALA B 1 50 ? 1.000   0.248   -21.982 1.00 35.06 ? 50  ALA B N     1 
ATOM   1119 C CA    . ALA B 1 50 ? -0.459  0.370   -22.226 1.00 33.98 ? 50  ALA B CA    1 
ATOM   1120 C C     . ALA B 1 50 ? -1.025  1.752   -21.814 1.00 33.50 ? 50  ALA B C     1 
ATOM   1121 O O     . ALA B 1 50 ? -1.640  1.910   -20.728 1.00 32.71 ? 50  ALA B O     1 
ATOM   1122 C CB    . ALA B 1 50 ? -1.202  -0.744  -21.555 1.00 34.37 ? 50  ALA B CB    1 
ATOM   1123 N N     . PRO B 1 51 ? -0.796  2.766   -22.669 1.00 32.41 ? 51  PRO B N     1 
ATOM   1124 C CA    . PRO B 1 51 ? -1.022  4.153   -22.280 1.00 30.55 ? 51  PRO B CA    1 
ATOM   1125 C C     . PRO B 1 51 ? -2.431  4.491   -21.784 1.00 28.70 ? 51  PRO B C     1 
ATOM   1126 O O     . PRO B 1 51 ? -2.531  5.224   -20.819 1.00 27.69 ? 51  PRO B O     1 
ATOM   1127 C CB    . PRO B 1 51 ? -0.668  4.968   -23.549 1.00 31.14 ? 51  PRO B CB    1 
ATOM   1128 C CG    . PRO B 1 51 ? 0.049   4.026   -24.463 1.00 33.34 ? 51  PRO B CG    1 
ATOM   1129 C CD    . PRO B 1 51 ? -0.373  2.625   -24.083 1.00 33.15 ? 51  PRO B CD    1 
ATOM   1130 N N     . GLU B 1 52 ? -3.478  3.957   -22.425 1.00 27.43 ? 52  GLU B N     1 
ATOM   1131 C CA    . GLU B 1 52 ? -4.842  4.333   -22.097 1.00 25.94 ? 52  GLU B CA    1 
ATOM   1132 C C     . GLU B 1 52 ? -5.207  3.651   -20.785 1.00 23.21 ? 52  GLU B C     1 
ATOM   1133 O O     . GLU B 1 52 ? -5.941  4.215   -20.001 1.00 20.71 ? 52  GLU B O     1 
ATOM   1134 C CB    . GLU B 1 52 ? -5.859  4.008   -23.223 1.00 27.89 ? 52  GLU B CB    1 
ATOM   1135 C CG    . GLU B 1 52 ? -7.323  4.635   -22.935 1.00 33.48 ? 52  GLU B CG    1 
ATOM   1136 C CD    . GLU B 1 52 ? -8.340  4.668   -24.156 1.00 39.04 ? 52  GLU B CD    1 
ATOM   1137 O OE1   . GLU B 1 52 ? -8.369  5.688   -24.929 1.00 41.59 ? 52  GLU B OE1   1 
ATOM   1138 O OE2   . GLU B 1 52 ? -9.150  3.705   -24.305 1.00 38.43 ? 52  GLU B OE2   1 
ATOM   1139 N N     . ARG B 1 53 ? -4.714  2.432   -20.605 1.00 20.53 ? 53  ARG B N     1 
ATOM   1140 C CA    . ARG B 1 53 ? -4.874  1.705   -19.309 1.00 19.46 ? 53  ARG B CA    1 
ATOM   1141 C C     . ARG B 1 53 ? -4.318  2.515   -18.127 1.00 18.50 ? 53  ARG B C     1 
ATOM   1142 O O     . ARG B 1 53 ? -5.037  2.790   -17.208 1.00 17.45 ? 53  ARG B O     1 
ATOM   1143 C CB    . ARG B 1 53 ? -4.244  0.314   -19.377 1.00 19.11 ? 53  ARG B CB    1 
ATOM   1144 C CG    . ARG B 1 53 ? -4.131  -0.420  -17.984 1.00 19.60 ? 53  ARG B CG    1 
ATOM   1145 C CD    . ARG B 1 53 ? -5.511  -0.797  -17.340 1.00 22.59 ? 53  ARG B CD    1 
ATOM   1146 N NE    . ARG B 1 53 ? -5.303  -1.500  -16.075 1.00 19.97 ? 53  ARG B NE    1 
ATOM   1147 C CZ    . ARG B 1 53 ? -6.245  -1.765  -15.182 1.00 16.54 ? 53  ARG B CZ    1 
ATOM   1148 N NH1   . ARG B 1 53 ? -7.522  -1.402  -15.420 1.00 22.00 ? 53  ARG B NH1   1 
ATOM   1149 N NH2   . ARG B 1 53 ? -5.934  -2.377  -14.036 1.00 15.34 ? 53  ARG B NH2   1 
ATOM   1150 N N     . VAL B 1 54 ? -3.062  2.958   -18.178 1.00 19.28 ? 54  VAL B N     1 
ATOM   1151 C CA    . VAL B 1 54 ? -2.519  3.764   -17.064 1.00 19.44 ? 54  VAL B CA    1 
ATOM   1152 C C     . VAL B 1 54 ? -3.297  5.043   -16.834 1.00 17.56 ? 54  VAL B C     1 
ATOM   1153 O O     . VAL B 1 54 ? -3.590  5.455   -15.676 1.00 17.14 ? 54  VAL B O     1 
ATOM   1154 C CB    . VAL B 1 54 ? -1.005  4.040   -17.271 1.00 21.32 ? 54  VAL B CB    1 
ATOM   1155 C CG1   . VAL B 1 54 ? -0.423  4.856   -16.089 1.00 21.35 ? 54  VAL B CG1   1 
ATOM   1156 C CG2   . VAL B 1 54 ? -0.316  2.668   -17.402 1.00 21.84 ? 54  VAL B CG2   1 
ATOM   1157 N N     . ALA B 1 55 ? -3.670  5.630   -17.949 1.00 17.02 ? 55  ALA B N     1 
ATOM   1158 C CA    . ALA B 1 55 ? -4.278  6.962   -17.867 1.00 18.60 ? 55  ALA B CA    1 
ATOM   1159 C C     . ALA B 1 55 ? -5.632  6.817   -17.174 1.00 17.18 ? 55  ALA B C     1 
ATOM   1160 O O     . ALA B 1 55 ? -6.065  7.710   -16.459 1.00 18.78 ? 55  ALA B O     1 
ATOM   1161 C CB    . ALA B 1 55 ? -4.453  7.569   -19.343 1.00 17.84 ? 55  ALA B CB    1 
ATOM   1162 N N     . ALA B 1 56 ? -6.325  5.708   -17.394 1.00 19.35 ? 56  ALA B N     1 
ATOM   1163 C CA    . ALA B 1 56 ? -7.621  5.611   -16.790 1.00 19.67 ? 56  ALA B CA    1 
ATOM   1164 C C     . ALA B 1 56 ? -7.492  5.132   -15.325 1.00 19.27 ? 56  ALA B C     1 
ATOM   1165 O O     . ALA B 1 56 ? -8.299  5.494   -14.466 1.00 18.51 ? 56  ALA B O     1 
ATOM   1166 C CB    . ALA B 1 56 ? -8.534  4.742   -17.647 1.00 21.83 ? 56  ALA B CB    1 
ATOM   1167 N N     . MET B 1 57 ? -6.397  4.435   -14.998 1.00 16.69 ? 57  MET B N     1 
ATOM   1168 C CA    . MET B 1 57 ? -6.247  3.754   -13.704 1.00 16.88 ? 57  MET B CA    1 
ATOM   1169 C C     . MET B 1 57 ? -6.029  4.735   -12.620 1.00 14.58 ? 57  MET B C     1 
ATOM   1170 O O     . MET B 1 57 ? -6.538  4.574   -11.514 1.00 14.73 ? 57  MET B O     1 
ATOM   1171 C CB    . MET B 1 57 ? -5.022  2.836   -13.674 1.00 17.02 ? 57  MET B CB    1 
ATOM   1172 C CG    . MET B 1 57 ? -5.178  1.497   -14.308 1.00 23.42 ? 57  MET B CG    1 
ATOM   1173 S SD    . MET B 1 57 ? -3.459  0.902   -14.419 1.00 18.93 ? 57  MET B SD    1 
ATOM   1174 C CE    . MET B 1 57 ? -3.341  -0.014  -12.904 1.00 18.22 ? 57  MET B CE    1 
ATOM   1175 N N     . LEU B 1 58 ? -5.249  5.760   -12.910 1.00 14.96 ? 58  LEU B N     1 
ATOM   1176 C CA    . LEU B 1 58 ? -4.881  6.663   -11.886 1.00 16.12 ? 58  LEU B CA    1 
ATOM   1177 C C     . LEU B 1 58 ? -6.086  7.403   -11.256 1.00 17.80 ? 58  LEU B C     1 
ATOM   1178 O O     . LEU B 1 58 ? -6.240  7.383   -10.020 1.00 16.28 ? 58  LEU B O     1 
ATOM   1179 C CB    . LEU B 1 58 ? -3.682  7.557   -12.333 1.00 18.10 ? 58  LEU B CB    1 
ATOM   1180 C CG    . LEU B 1 58 ? -2.366  6.765   -12.296 1.00 18.21 ? 58  LEU B CG    1 
ATOM   1181 C CD1   . LEU B 1 58 ? -1.181  7.678   -12.850 1.00 23.54 ? 58  LEU B CD1   1 
ATOM   1182 C CD2   . LEU B 1 58 ? -2.088  6.325   -10.845 1.00 19.44 ? 58  LEU B CD2   1 
ATOM   1183 N N     . PRO B 1 59 ? -7.005  7.960   -12.106 1.00 18.36 ? 59  PRO B N     1 
ATOM   1184 C CA    . PRO B 1 59 ? -8.158  8.709   -11.516 1.00 18.54 ? 59  PRO B CA    1 
ATOM   1185 C C     . PRO B 1 59 ? -9.060  7.783   -10.751 1.00 18.08 ? 59  PRO B C     1 
ATOM   1186 O O     . PRO B 1 59 ? -9.717  8.212   -9.786  1.00 19.63 ? 59  PRO B O     1 
ATOM   1187 C CB    . PRO B 1 59 ? -8.901  9.287   -12.719 1.00 20.04 ? 59  PRO B CB    1 
ATOM   1188 C CG    . PRO B 1 59 ? -8.009  9.102   -13.902 1.00 20.55 ? 59  PRO B CG    1 
ATOM   1189 C CD    . PRO B 1 59 ? -6.720  8.383   -13.494 1.00 17.28 ? 59  PRO B CD    1 
ATOM   1190 N N     . GLU B 1 60 ? -9.031  6.510   -11.133 1.00 16.30 ? 60  GLU B N     1 
ATOM   1191 C CA    . GLU B 1 60 ? -9.861  5.451   -10.505 1.00 15.48 ? 60  GLU B CA    1 
ATOM   1192 C C     . GLU B 1 60 ? -9.359  5.268   -9.086  1.00 14.76 ? 60  GLU B C     1 
ATOM   1193 O O     . GLU B 1 60 ? -10.141 5.297   -8.136  1.00 14.42 ? 60  GLU B O     1 
ATOM   1194 C CB    . GLU B 1 60 ? -9.779  4.167   -11.338 1.00 15.84 ? 60  GLU B CB    1 
ATOM   1195 C CG    . GLU B 1 60 ? -10.473 2.861   -10.751 1.00 17.10 ? 60  GLU B CG    1 
ATOM   1196 C CD    . GLU B 1 60 ? -10.205 1.463   -11.529 1.00 28.86 ? 60  GLU B CD    1 
ATOM   1197 O OE1   . GLU B 1 60 ? -11.076 0.537   -11.279 1.00 29.96 ? 60  GLU B OE1   1 
ATOM   1198 O OE2   . GLU B 1 60 ? -9.234  1.237   -12.358 1.00 26.21 ? 60  GLU B OE2   1 
ATOM   1199 N N     . ARG B 1 61 ? -8.050  5.095   -8.946  1.00 13.85 ? 61  ARG B N     1 
ATOM   1200 C CA    . ARG B 1 61 ? -7.409  5.037   -7.597  1.00 14.21 ? 61  ARG B CA    1 
ATOM   1201 C C     . ARG B 1 61 ? -7.601  6.317   -6.747  1.00 13.93 ? 61  ARG B C     1 
ATOM   1202 O O     . ARG B 1 61 ? -7.779  6.244   -5.572  1.00 13.65 ? 61  ARG B O     1 
ATOM   1203 C CB    . ARG B 1 61 ? -5.916  4.615   -7.747  1.00 12.34 ? 61  ARG B CB    1 
ATOM   1204 C CG    . ARG B 1 61 ? -5.882  3.124   -8.099  1.00 13.57 ? 61  ARG B CG    1 
ATOM   1205 C CD    . ARG B 1 61 ? -4.895  2.798   -9.170  1.00 14.74 ? 61  ARG B CD    1 
ATOM   1206 N NE    . ARG B 1 61 ? -5.017  1.398   -9.545  1.00 9.87  ? 61  ARG B NE    1 
ATOM   1207 C CZ    . ARG B 1 61 ? -5.973  0.901   -10.321 1.00 12.22 ? 61  ARG B CZ    1 
ATOM   1208 N NH1   . ARG B 1 61 ? -6.909  1.699   -10.849 1.00 17.44 ? 61  ARG B NH1   1 
ATOM   1209 N NH2   . ARG B 1 61 ? -5.975  -0.393  -10.580 1.00 12.80 ? 61  ARG B NH2   1 
ATOM   1210 N N     . ALA B 1 62 ? -7.627  7.476   -7.382  1.00 14.76 ? 62  ALA B N     1 
ATOM   1211 C CA    . ALA B 1 62 ? -7.882  8.712   -6.679  1.00 15.45 ? 62  ALA B CA    1 
ATOM   1212 C C     . ALA B 1 62 ? -9.291  8.680   -6.140  1.00 14.88 ? 62  ALA B C     1 
ATOM   1213 O O     . ALA B 1 62 ? -9.553  9.136   -5.012  1.00 16.34 ? 62  ALA B O     1 
ATOM   1214 C CB    . ALA B 1 62 ? -7.639  9.948   -7.590  1.00 15.73 ? 62  ALA B CB    1 
ATOM   1215 N N     . ARG B 1 63 ? -10.209 8.143   -6.917  1.00 15.21 ? 63  ARG B N     1 
ATOM   1216 C CA    . ARG B 1 63 ? -11.633 8.098   -6.491  0.99 15.14 ? 63  ARG B CA    1 
ATOM   1217 C C     . ARG B 1 63 ? -11.819 7.127   -5.315  1.00 15.85 ? 63  ARG B C     1 
ATOM   1218 O O     . ARG B 1 63 ? -12.570 7.402   -4.335  1.00 14.50 ? 63  ARG B O     1 
ATOM   1219 C CB    . ARG B 1 63 ? -12.554 7.749   -7.683  0.99 16.15 ? 63  ARG B CB    1 
ATOM   1220 C CG    . ARG B 1 63 ? -13.964 7.229   -7.219  0.99 22.62 ? 63  ARG B CG    1 
ATOM   1221 C CD    . ARG B 1 63 ? -15.040 6.910   -8.380  0.99 27.38 ? 63  ARG B CD    1 
ATOM   1222 N NE    . ARG B 1 63 ? -14.743 5.716   -9.203  0.99 31.92 ? 63  ARG B NE    1 
ATOM   1223 C CZ    . ARG B 1 63 ? -15.125 4.459   -8.912  0.99 35.63 ? 63  ARG B CZ    1 
ATOM   1224 N NH1   . ARG B 1 63 ? -15.844 4.191   -7.814  0.99 37.14 ? 63  ARG B NH1   1 
ATOM   1225 N NH2   . ARG B 1 63 ? -14.775 3.453   -9.709  0.99 34.23 ? 63  ARG B NH2   1 
ATOM   1226 N N     . TRP B 1 64 ? -11.141 5.983   -5.401  1.00 13.53 ? 64  TRP B N     1 
ATOM   1227 C CA    . TRP B 1 64 ? -11.195 5.010   -4.328  1.00 13.87 ? 64  TRP B CA    1 
ATOM   1228 C C     . TRP B 1 64 ? -10.663 5.624   -3.069  1.00 11.87 ? 64  TRP B C     1 
ATOM   1229 O O     . TRP B 1 64 ? -11.173 5.342   -1.993  1.00 12.84 ? 64  TRP B O     1 
ATOM   1230 C CB    . TRP B 1 64 ? -10.336 3.792   -4.651  1.00 13.10 ? 64  TRP B CB    1 
ATOM   1231 C CG    . TRP B 1 64 ? -10.876 3.029   -5.862  1.00 18.10 ? 64  TRP B CG    1 
ATOM   1232 C CD1   . TRP B 1 64 ? -12.143 3.082   -6.375  1.00 24.16 ? 64  TRP B CD1   1 
ATOM   1233 C CD2   . TRP B 1 64 ? -10.183 2.030   -6.615  1.00 17.70 ? 64  TRP B CD2   1 
ATOM   1234 N NE1   . TRP B 1 64 ? -12.260 2.226   -7.449  1.00 25.23 ? 64  TRP B NE1   1 
ATOM   1235 C CE2   . TRP B 1 64 ? -11.062 1.565   -7.608  1.00 24.08 ? 64  TRP B CE2   1 
ATOM   1236 C CE3   . TRP B 1 64 ? -8.891  1.524   -6.574  1.00 17.71 ? 64  TRP B CE3   1 
ATOM   1237 C CZ2   . TRP B 1 64 ? -10.697 0.554   -8.519  1.00 23.38 ? 64  TRP B CZ2   1 
ATOM   1238 C CZ3   . TRP B 1 64 ? -8.522  0.576   -7.493  1.00 17.60 ? 64  TRP B CZ3   1 
ATOM   1239 C CH2   . TRP B 1 64 ? -9.405  0.112   -8.474  1.00 21.54 ? 64  TRP B CH2   1 
ATOM   1240 N N     . ALA B 1 65 ? -9.597  6.436   -3.192  1.00 10.54 ? 65  ALA B N     1 
ATOM   1241 C CA    . ALA B 1 65 ? -9.056  7.139   -2.031  1.00 12.16 ? 65  ALA B CA    1 
ATOM   1242 C C     . ALA B 1 65 ? -10.088 8.031   -1.331  1.00 12.31 ? 65  ALA B C     1 
ATOM   1243 O O     . ALA B 1 65 ? -10.275 7.905   -0.118  1.00 13.39 ? 65  ALA B O     1 
ATOM   1244 C CB    . ALA B 1 65 ? -7.769  7.964   -2.391  1.00 11.09 ? 65  ALA B CB    1 
ATOM   1245 N N     . GLU B 1 66 ? -10.724 8.919   -2.113  1.00 13.88 ? 66  GLU B N     1 
ATOM   1246 C CA    . GLU B 1 66 ? -11.847 9.753   -1.659  1.00 14.89 ? 66  GLU B CA    1 
ATOM   1247 C C     . GLU B 1 66 ? -12.957 8.924   -1.000  1.00 15.06 ? 66  GLU B C     1 
ATOM   1248 O O     . GLU B 1 66 ? -13.512 9.350   0.000   1.00 16.88 ? 66  GLU B O     1 
ATOM   1249 C CB    . GLU B 1 66 ? -12.464 10.457  -2.877  1.00 14.48 ? 66  GLU B CB    1 
ATOM   1250 C CG    . GLU B 1 66 ? -11.443 11.398  -3.569  1.00 18.84 ? 66  GLU B CG    1 
ATOM   1251 C CD    . GLU B 1 66 ? -11.776 11.731  -4.991  1.00 24.12 ? 66  GLU B CD    1 
ATOM   1252 O OE1   . GLU B 1 66 ? -12.850 11.371  -5.478  1.00 27.98 ? 66  GLU B OE1   1 
ATOM   1253 O OE2   . GLU B 1 66 ? -10.907 12.358  -5.647  1.00 31.71 ? 66  GLU B OE2   1 
ATOM   1254 N N     . GLU B 1 67 ? -13.240 7.746   -1.536  1.00 15.07 ? 67  GLU B N     1 
ATOM   1255 C CA    . GLU B 1 67 ? -14.273 6.874   -0.966  1.00 16.24 ? 67  GLU B CA    1 
ATOM   1256 C C     . GLU B 1 67 ? -13.852 6.130   0.321   1.00 16.47 ? 67  GLU B C     1 
ATOM   1257 O O     . GLU B 1 67 ? -14.695 5.650   1.087   1.00 18.59 ? 67  GLU B O     1 
ATOM   1258 C CB    . GLU B 1 67 ? -14.719 5.894   -2.007  1.00 16.89 ? 67  GLU B CB    1 
ATOM   1259 C CG    . GLU B 1 67 ? -15.450 6.568   -3.120  1.00 18.92 ? 67  GLU B CG    1 
ATOM   1260 C CD    . GLU B 1 67 ? -15.603 5.702   -4.374  1.00 26.80 ? 67  GLU B CD    1 
ATOM   1261 O OE1   . GLU B 1 67 ? -15.087 4.559   -4.398  1.00 23.38 ? 67  GLU B OE1   1 
ATOM   1262 O OE2   . GLU B 1 67 ? -16.205 6.211   -5.347  1.00 28.90 ? 67  GLU B OE2   1 
ATOM   1263 N N     . ASN B 1 68 ? -12.547 6.051   0.570   1.00 17.52 ? 68  ASN B N     1 
ATOM   1264 C CA    . ASN B 1 68 ? -12.016 5.529   1.780   1.00 16.36 ? 68  ASN B CA    1 
ATOM   1265 C C     . ASN B 1 68 ? -11.405 6.489   2.747   1.00 17.82 ? 68  ASN B C     1 
ATOM   1266 O O     . ASN B 1 68 ? -10.657 6.074   3.612   1.00 18.61 ? 68  ASN B O     1 
ATOM   1267 C CB    . ASN B 1 68 ? -10.993 4.458   1.387   1.00 17.41 ? 68  ASN B CB    1 
ATOM   1268 C CG    . ASN B 1 68 ? -11.687 3.223   0.884   1.00 18.23 ? 68  ASN B CG    1 
ATOM   1269 O OD1   . ASN B 1 68 ? -12.038 2.363   1.687   1.00 18.87 ? 68  ASN B OD1   1 
ATOM   1270 N ND2   . ASN B 1 68 ? -11.946 3.139   -0.458  1.00 16.51 ? 68  ASN B ND2   1 
ATOM   1271 N N     . GLY B 1 69 ? -11.705 7.778   2.594   1.00 17.05 ? 69  GLY B N     1 
ATOM   1272 C CA    . GLY B 1 69 ? -11.307 8.806   3.532   1.00 17.52 ? 69  GLY B CA    1 
ATOM   1273 C C     . GLY B 1 69 ? -9.812  9.085   3.544   1.00 16.57 ? 69  GLY B C     1 
ATOM   1274 O O     . GLY B 1 69 ? -9.249  9.471   4.603   1.00 17.72 ? 69  GLY B O     1 
ATOM   1275 N N     . LEU B 1 70 ? -9.175  8.950   2.366   1.00 15.59 ? 70  LEU B N     1 
ATOM   1276 C CA    . LEU B 1 70 ? -7.778  9.295   2.203   1.00 14.62 ? 70  LEU B CA    1 
ATOM   1277 C C     . LEU B 1 70 ? -7.699  10.378  1.190   1.00 15.93 ? 70  LEU B C     1 
ATOM   1278 O O     . LEU B 1 70 ? -8.499  10.432  0.269   1.00 16.22 ? 70  LEU B O     1 
ATOM   1279 C CB    . LEU B 1 70 ? -6.956  8.109   1.630   1.00 15.35 ? 70  LEU B CB    1 
ATOM   1280 C CG    . LEU B 1 70 ? -7.073  6.889   2.545   1.00 15.80 ? 70  LEU B CG    1 
ATOM   1281 C CD1   . LEU B 1 70 ? -6.579  5.570   1.843   1.00 14.63 ? 70  LEU B CD1   1 
ATOM   1282 C CD2   . LEU B 1 70 ? -6.267  7.132   3.835   1.00 20.20 ? 70  LEU B CD2   1 
ATOM   1283 N N     . ASP B 1 71 ? -6.684  11.216  1.358   1.00 15.64 ? 71  ASP B N     1 
ATOM   1284 C CA    . ASP B 1 71 ? -6.384  12.283  0.435   1.00 18.61 ? 71  ASP B CA    1 
ATOM   1285 C C     . ASP B 1 71 ? -6.063  11.706  -0.953  1.00 17.81 ? 71  ASP B C     1 
ATOM   1286 O O     . ASP B 1 71 ? -5.187  10.885  -1.081  1.00 15.13 ? 71  ASP B O     1 
ATOM   1287 C CB    . ASP B 1 71 ? -5.143  13.030  0.962   1.00 20.48 ? 71  ASP B CB    1 
ATOM   1288 C CG    . ASP B 1 71 ? -4.782  14.180  0.107   1.00 23.27 ? 71  ASP B CG    1 
ATOM   1289 O OD1   . ASP B 1 71 ? -5.639  15.130  0.003   1.00 24.38 ? 71  ASP B OD1   1 
ATOM   1290 O OD2   . ASP B 1 71 ? -3.683  14.082  -0.517  1.00 21.07 ? 71  ASP B OD2   1 
ATOM   1291 N N     . ALA B 1 72 ? -6.766  12.168  -1.982  1.00 15.15 ? 72  ALA B N     1 
ATOM   1292 C CA    . ALA B 1 72 ? -6.524  11.601  -3.311  1.00 17.43 ? 72  ALA B CA    1 
ATOM   1293 C C     . ALA B 1 72 ? -5.121  11.857  -3.872  1.00 16.13 ? 72  ALA B C     1 
ATOM   1294 O O     . ALA B 1 72 ? -4.462  10.919  -4.408  1.00 15.55 ? 72  ALA B O     1 
ATOM   1295 C CB    . ALA B 1 72 ? -7.565  12.140  -4.279  1.00 17.49 ? 72  ALA B CB    1 
ATOM   1296 N N     . PRO B 1 73 ? -4.635  13.095  -3.758  1.00 17.14 ? 73  PRO B N     1 
ATOM   1297 C CA    . PRO B 1 73 ? -3.299  13.276  -4.357  1.00 17.82 ? 73  PRO B CA    1 
ATOM   1298 C C     . PRO B 1 73 ? -2.206  12.345  -3.765  1.00 15.61 ? 73  PRO B C     1 
ATOM   1299 O O     . PRO B 1 73 ? -1.307  11.897  -4.474  1.00 16.40 ? 73  PRO B O     1 
ATOM   1300 C CB    . PRO B 1 73 ? -2.960  14.705  -4.001  1.00 17.65 ? 73  PRO B CB    1 
ATOM   1301 C CG    . PRO B 1 73 ? -4.234  15.382  -3.902  1.00 20.56 ? 73  PRO B CG    1 
ATOM   1302 C CD    . PRO B 1 73 ? -5.217  14.372  -3.302  1.00 18.30 ? 73  PRO B CD    1 
ATOM   1303 N N     . PHE B 1 74 ? -2.283  12.093  -2.475  1.00 15.71 ? 74  PHE B N     1 
ATOM   1304 C CA    . PHE B 1 74 ? -1.295  11.257  -1.818  1.00 13.12 ? 74  PHE B CA    1 
ATOM   1305 C C     . PHE B 1 74 ? -1.432  9.844   -2.419  1.00 13.42 ? 74  PHE B C     1 
ATOM   1306 O O     . PHE B 1 74 ? -0.465  9.233   -2.787  1.00 11.79 ? 74  PHE B O     1 
ATOM   1307 C CB    . PHE B 1 74 ? -1.522  11.259  -0.300  1.00 14.52 ? 74  PHE B CB    1 
ATOM   1308 C CG    . PHE B 1 74 ? -0.914  10.047  0.412   1.00 14.23 ? 74  PHE B CG    1 
ATOM   1309 C CD1   . PHE B 1 74 ? 0.463   9.922   0.522   1.00 16.63 ? 74  PHE B CD1   1 
ATOM   1310 C CD2   . PHE B 1 74 ? -1.735  9.001   0.826   1.00 16.08 ? 74  PHE B CD2   1 
ATOM   1311 C CE1   . PHE B 1 74 ? 1.013   8.753   1.131   1.00 19.10 ? 74  PHE B CE1   1 
ATOM   1312 C CE2   . PHE B 1 74 ? -1.226  7.881   1.439   1.00 18.57 ? 74  PHE B CE2   1 
ATOM   1313 C CZ    . PHE B 1 74 ? 0.140   7.753   1.582   1.00 19.93 ? 74  PHE B CZ    1 
ATOM   1314 N N     . VAL B 1 75 ? -2.645  9.309   -2.440  1.00 11.82 ? 75  VAL B N     1 
ATOM   1315 C CA    . VAL B 1 75 ? -2.849  7.941   -2.965  1.00 13.70 ? 75  VAL B CA    1 
ATOM   1316 C C     . VAL B 1 75 ? -2.568  7.807   -4.451  1.00 13.26 ? 75  VAL B C     1 
ATOM   1317 O O     . VAL B 1 75 ? -1.871  6.874   -4.874  1.00 11.95 ? 75  VAL B O     1 
ATOM   1318 C CB    . VAL B 1 75 ? -4.291  7.397   -2.592  1.00 13.08 ? 75  VAL B CB    1 
ATOM   1319 C CG1   . VAL B 1 75 ? -4.577  6.150   -3.365  1.00 14.97 ? 75  VAL B CG1   1 
ATOM   1320 C CG2   . VAL B 1 75 ? -4.379  7.205   -1.076  1.00 15.28 ? 75  VAL B CG2   1 
ATOM   1321 N N     . GLU B 1 76 ? -3.032  8.775   -5.261  1.00 13.49 ? 76  GLU B N     1 
ATOM   1322 C CA    . GLU B 1 76 ? -2.762  8.721   -6.676  1.00 15.46 ? 76  GLU B CA    1 
ATOM   1323 C C     . GLU B 1 76 ? -1.240  8.731   -6.937  1.00 13.35 ? 76  GLU B C     1 
ATOM   1324 O O     . GLU B 1 76 ? -0.751  8.015   -7.829  1.00 14.23 ? 76  GLU B O     1 
ATOM   1325 C CB    . GLU B 1 76 ? -3.458  9.887   -7.392  1.00 16.44 ? 76  GLU B CB    1 
ATOM   1326 C CG    . GLU B 1 76 ? -3.508  9.719   -8.867  1.00 21.07 ? 76  GLU B CG    1 
ATOM   1327 C CD    . GLU B 1 76 ? -4.429  10.745  -9.575  1.00 26.10 ? 76  GLU B CD    1 
ATOM   1328 O OE1   . GLU B 1 76 ? -4.963  11.678  -8.939  1.00 27.43 ? 76  GLU B OE1   1 
ATOM   1329 O OE2   . GLU B 1 76 ? -4.641  10.574  -10.794 1.00 30.94 ? 76  GLU B OE2   1 
ATOM   1330 N N     . GLY B 1 77 ? -0.537  9.512   -6.128  1.00 13.87 ? 77  GLY B N     1 
ATOM   1331 C CA    . GLY B 1 77 ? 0.948   9.689   -6.244  1.00 14.04 ? 77  GLY B CA    1 
ATOM   1332 C C     . GLY B 1 77 ? 1.665   8.372   -5.940  1.00 13.60 ? 77  GLY B C     1 
ATOM   1333 O O     . GLY B 1 77 ? 2.610   7.984   -6.637  1.00 14.04 ? 77  GLY B O     1 
ATOM   1334 N N     . LEU B 1 78 ? 1.195   7.678   -4.896  1.00 12.92 ? 78  LEU B N     1 
ATOM   1335 C CA    . LEU B 1 78 ? 1.693   6.314   -4.632  1.00 12.29 ? 78  LEU B CA    1 
ATOM   1336 C C     . LEU B 1 78 ? 1.476   5.368   -5.779  1.00 11.72 ? 78  LEU B C     1 
ATOM   1337 O O     . LEU B 1 78 ? 2.388   4.636   -6.197  1.00 10.77 ? 78  LEU B O     1 
ATOM   1338 C CB    . LEU B 1 78 ? 0.986   5.720   -3.414  1.00 14.65 ? 78  LEU B CB    1 
ATOM   1339 C CG    . LEU B 1 78 ? 1.411   6.264   -2.099  1.00 17.75 ? 78  LEU B CG    1 
ATOM   1340 C CD1   . LEU B 1 78 ? 0.565   5.520   -1.006  1.00 23.77 ? 78  LEU B CD1   1 
ATOM   1341 C CD2   . LEU B 1 78 ? 2.921   6.008   -1.897  1.00 22.45 ? 78  LEU B CD2   1 
ATOM   1342 N N     . PHE B 1 79 ? 0.238   5.323   -6.292  1.00 12.91 ? 79  PHE B N     1 
ATOM   1343 C CA    . PHE B 1 79 ? -0.025  4.459   -7.433  1.00 13.35 ? 79  PHE B CA    1 
ATOM   1344 C C     . PHE B 1 79 ? 0.725   4.826   -8.716  1.00 13.47 ? 79  PHE B C     1 
ATOM   1345 O O     . PHE B 1 79 ? 1.096   3.929   -9.446  1.00 13.64 ? 79  PHE B O     1 
ATOM   1346 C CB    . PHE B 1 79 ? -1.501  4.261   -7.685  1.00 12.25 ? 79  PHE B CB    1 
ATOM   1347 C CG    . PHE B 1 79 ? -2.073  3.219   -6.807  1.00 11.99 ? 79  PHE B CG    1 
ATOM   1348 C CD1   . PHE B 1 79 ? -1.918  1.881   -7.126  1.00 12.82 ? 79  PHE B CD1   1 
ATOM   1349 C CD2   . PHE B 1 79 ? -2.646  3.559   -5.590  1.00 13.61 ? 79  PHE B CD2   1 
ATOM   1350 C CE1   . PHE B 1 79 ? -2.406  0.919   -6.253  1.00 13.65 ? 79  PHE B CE1   1 
ATOM   1351 C CE2   . PHE B 1 79 ? -3.059  2.603   -4.687  1.00 14.62 ? 79  PHE B CE2   1 
ATOM   1352 C CZ    . PHE B 1 79 ? -2.939  1.286   -5.033  1.00 15.75 ? 79  PHE B CZ    1 
ATOM   1353 N N     . ALA B 1 80 ? 0.939   6.117   -8.958  1.00 13.07 ? 80  ALA B N     1 
ATOM   1354 C CA    . ALA B 1 80 ? 1.769   6.532   -10.070 1.00 12.96 ? 80  ALA B CA    1 
ATOM   1355 C C     . ALA B 1 80 ? 3.159   5.869   -9.932  1.00 12.75 ? 80  ALA B C     1 
ATOM   1356 O O     . ALA B 1 80 ? 3.692   5.357   -10.936 1.00 12.79 ? 80  ALA B O     1 
ATOM   1357 C CB    . ALA B 1 80 ? 1.911   7.977   -10.055 1.00 13.32 ? 80  ALA B CB    1 
ATOM   1358 N N     . GLN B 1 81 ? 3.707   5.871   -8.718  1.00 11.18 ? 81  GLN B N     1 
ATOM   1359 C CA    . GLN B 1 81 ? 5.012   5.247   -8.455  1.00 10.95 ? 81  GLN B CA    1 
ATOM   1360 C C     . GLN B 1 81 ? 4.959   3.724   -8.615  1.00 11.92 ? 81  GLN B C     1 
ATOM   1361 O O     . GLN B 1 81 ? 5.836   3.132   -9.264  1.00 12.72 ? 81  GLN B O     1 
ATOM   1362 C CB    . GLN B 1 81 ? 5.517   5.588   -7.083  1.00 11.42 ? 81  GLN B CB    1 
ATOM   1363 C CG    . GLN B 1 81 ? 5.917   7.033   -6.984  1.00 11.08 ? 81  GLN B CG    1 
ATOM   1364 C CD    . GLN B 1 81 ? 6.174   7.441   -5.537  1.00 15.11 ? 81  GLN B CD    1 
ATOM   1365 O OE1   . GLN B 1 81 ? 7.197   7.097   -5.032  1.00 14.74 ? 81  GLN B OE1   1 
ATOM   1366 N NE2   . GLN B 1 81 ? 5.234   8.160   -4.874  1.00 15.32 ? 81  GLN B NE2   1 
ATOM   1367 N N     . ILE B 1 82 ? 3.960   3.112   -8.025  1.00 11.54 ? 82  ILE B N     1 
ATOM   1368 C CA    . ILE B 1 82 ? 3.773   1.671   -8.141  1.00 11.08 ? 82  ILE B CA    1 
ATOM   1369 C C     . ILE B 1 82 ? 3.633   1.301   -9.610  1.00 11.47 ? 82  ILE B C     1 
ATOM   1370 O O     . ILE B 1 82 ? 4.349   0.395   -10.054 1.00 10.54 ? 82  ILE B O     1 
ATOM   1371 C CB    . ILE B 1 82 ? 2.573   1.209   -7.343  1.00 8.85  ? 82  ILE B CB    1 
ATOM   1372 C CG1   . ILE B 1 82 ? 2.823   1.416   -5.813  1.00 7.32  ? 82  ILE B CG1   1 
ATOM   1373 C CG2   . ILE B 1 82 ? 2.047   -0.235  -7.824  1.00 13.33 ? 82  ILE B CG2   1 
ATOM   1374 C CD1   . ILE B 1 82 ? 1.509   1.427   -4.959  1.00 8.43  ? 82  ILE B CD1   1 
ATOM   1375 N N     . ILE B 1 83 ? 2.746   1.985   -10.345 1.00 10.61 ? 83  ILE B N     1 
ATOM   1376 C CA    . ILE B 1 83 ? 2.544   1.644   -11.760 1.00 12.01 ? 83  ILE B CA    1 
ATOM   1377 C C     . ILE B 1 83 ? 3.833   1.799   -12.585 1.00 12.23 ? 83  ILE B C     1 
ATOM   1378 O O     . ILE B 1 83 ? 4.189   0.915   -13.326 1.00 12.67 ? 83  ILE B O     1 
ATOM   1379 C CB    . ILE B 1 83 ? 1.334   2.418   -12.390 1.00 12.60 ? 83  ILE B CB    1 
ATOM   1380 C CG1   . ILE B 1 83 ? 0.040   1.899   -11.770 1.00 14.30 ? 83  ILE B CG1   1 
ATOM   1381 C CG2   . ILE B 1 83 ? 1.287   2.209   -13.831 1.00 12.91 ? 83  ILE B CG2   1 
ATOM   1382 C CD1   . ILE B 1 83 ? -1.174  2.793   -11.951 1.00 16.53 ? 83  ILE B CD1   1 
ATOM   1383 N N     . HIS B 1 84 ? 4.600   2.894   -12.373 1.00 13.85 ? 84  HIS B N     1 
ATOM   1384 C CA    . HIS B 1 84 ? 5.870   3.030   -13.080 1.00 14.51 ? 84  HIS B CA    1 
ATOM   1385 C C     . HIS B 1 84 ? 6.835   1.893   -12.760 1.00 13.43 ? 84  HIS B C     1 
ATOM   1386 O O     . HIS B 1 84 ? 7.538   1.389   -13.654 1.00 14.22 ? 84  HIS B O     1 
ATOM   1387 C CB    . HIS B 1 84 ? 6.539   4.369   -12.736 1.00 16.44 ? 84  HIS B CB    1 
ATOM   1388 C CG    . HIS B 1 84 ? 7.715   4.735   -13.619 1.00 23.30 ? 84  HIS B CG    1 
ATOM   1389 N ND1   . HIS B 1 84 ? 9.004   4.297   -13.370 1.00 26.83 ? 84  HIS B ND1   1 
ATOM   1390 C CD2   . HIS B 1 84 ? 7.811   5.594   -14.672 1.00 25.05 ? 84  HIS B CD2   1 
ATOM   1391 C CE1   . HIS B 1 84 ? 9.837   4.850   -14.239 1.00 26.67 ? 84  HIS B CE1   1 
ATOM   1392 N NE2   . HIS B 1 84 ? 9.132   5.615   -15.064 1.00 26.72 ? 84  HIS B NE2   1 
ATOM   1393 N N     . TRP B 1 85 ? 6.889   1.486   -11.495 1.00 14.32 ? 85  TRP B N     1 
ATOM   1394 C CA    . TRP B 1 85 ? 7.890   0.486   -11.101 1.00 13.47 ? 85  TRP B CA    1 
ATOM   1395 C C     . TRP B 1 85 ? 7.502   -0.857  -11.771 1.00 12.91 ? 85  TRP B C     1 
ATOM   1396 O O     . TRP B 1 85 ? 8.348   -1.577  -12.355 1.00 11.62 ? 85  TRP B O     1 
ATOM   1397 C CB    . TRP B 1 85 ? 7.890   0.325   -9.591  1.00 14.76 ? 85  TRP B CB    1 
ATOM   1398 C CG    . TRP B 1 85 ? 8.955   -0.622  -9.115  1.00 18.40 ? 85  TRP B CG    1 
ATOM   1399 C CD1   . TRP B 1 85 ? 8.875   -1.964  -8.982  1.00 22.73 ? 85  TRP B CD1   1 
ATOM   1400 C CD2   . TRP B 1 85 ? 10.253  -0.232  -8.658  1.00 24.87 ? 85  TRP B CD2   1 
ATOM   1401 N NE1   . TRP B 1 85 ? 10.083  -2.462  -8.497  1.00 25.03 ? 85  TRP B NE1   1 
ATOM   1402 C CE2   . TRP B 1 85 ? 10.939  -1.397  -8.303  1.00 25.98 ? 85  TRP B CE2   1 
ATOM   1403 C CE3   . TRP B 1 85 ? 10.897  1.026   -8.490  1.00 31.05 ? 85  TRP B CE3   1 
ATOM   1404 C CZ2   . TRP B 1 85 ? 12.278  -1.356  -7.801  1.00 32.34 ? 85  TRP B CZ2   1 
ATOM   1405 C CZ3   . TRP B 1 85 ? 12.210  1.071   -7.970  1.00 30.03 ? 85  TRP B CZ3   1 
ATOM   1406 C CH2   . TRP B 1 85 ? 12.879  -0.107  -7.649  1.00 33.46 ? 85  TRP B CH2   1 
ATOM   1407 N N     . TYR B 1 86 ? 6.195   -1.165  -11.738 1.00 13.57 ? 86  TYR B N     1 
ATOM   1408 C CA    . TYR B 1 86 ? 5.735   -2.434  -12.303 1.00 13.27 ? 86  TYR B CA    1 
ATOM   1409 C C     . TYR B 1 86 ? 5.868   -2.450  -13.839 1.00 15.13 ? 86  TYR B C     1 
ATOM   1410 O O     . TYR B 1 86 ? 6.188   -3.494  -14.415 1.00 13.89 ? 86  TYR B O     1 
ATOM   1411 C CB    . TYR B 1 86 ? 4.270   -2.735  -11.894 1.00 12.62 ? 86  TYR B CB    1 
ATOM   1412 C CG    . TYR B 1 86 ? 4.165   -3.295  -10.459 1.00 10.81 ? 86  TYR B CG    1 
ATOM   1413 C CD1   . TYR B 1 86 ? 3.561   -4.511  -10.220 1.00 14.65 ? 86  TYR B CD1   1 
ATOM   1414 C CD2   . TYR B 1 86 ? 4.678   -2.609  -9.373  1.00 14.43 ? 86  TYR B CD2   1 
ATOM   1415 C CE1   . TYR B 1 86 ? 3.480   -5.018  -8.909  1.00 15.67 ? 86  TYR B CE1   1 
ATOM   1416 C CE2   . TYR B 1 86 ? 4.587   -3.102  -8.049  1.00 14.57 ? 86  TYR B CE2   1 
ATOM   1417 C CZ    . TYR B 1 86 ? 4.016   -4.314  -7.838  1.00 16.84 ? 86  TYR B CZ    1 
ATOM   1418 O OH    . TYR B 1 86 ? 3.899   -4.796  -6.537  1.00 14.74 ? 86  TYR B OH    1 
ATOM   1419 N N     . ILE B 1 87 ? 5.618   -1.308  -14.482 1.00 11.95 ? 87  ILE B N     1 
ATOM   1420 C CA    . ILE B 1 87 ? 5.796   -1.264  -15.920 1.00 15.39 ? 87  ILE B CA    1 
ATOM   1421 C C     . ILE B 1 87 ? 7.223   -1.629  -16.223 1.00 15.32 ? 87  ILE B C     1 
ATOM   1422 O O     . ILE B 1 87 ? 7.464   -2.461  -17.072 1.00 18.05 ? 87  ILE B O     1 
ATOM   1423 C CB    . ILE B 1 87 ? 5.369   0.080   -16.605 1.00 14.41 ? 87  ILE B CB    1 
ATOM   1424 C CG1   . ILE B 1 87 ? 3.840   0.186   -16.654 1.00 16.06 ? 87  ILE B CG1   1 
ATOM   1425 C CG2   . ILE B 1 87 ? 5.914   0.198   -18.057 1.00 16.33 ? 87  ILE B CG2   1 
ATOM   1426 C CD1   . ILE B 1 87 ? 3.295   1.529   -16.720 1.00 12.91 ? 87  ILE B CD1   1 
ATOM   1427 N N     . ALA B 1 88 ? 8.153   -1.022  -15.508 1.00 16.43 ? 88  ALA B N     1 
ATOM   1428 C CA    . ALA B 1 88 ? 9.583   -1.306  -15.733 1.00 18.12 ? 88  ALA B CA    1 
ATOM   1429 C C     . ALA B 1 88 ? 9.882   -2.797  -15.512 1.00 17.71 ? 88  ALA B C     1 
ATOM   1430 O O     . ALA B 1 88 ? 10.657  -3.415  -16.272 1.00 17.89 ? 88  ALA B O     1 
ATOM   1431 C CB    . ALA B 1 88 ? 10.440  -0.455  -14.848 1.00 16.25 ? 88  ALA B CB    1 
ATOM   1432 N N     . GLU B 1 89 ? 9.276   -3.369  -14.481 1.00 17.19 ? 89  GLU B N     1 
ATOM   1433 C CA    . GLU B 1 89 ? 9.488   -4.774  -14.159 1.00 16.58 ? 89  GLU B CA    1 
ATOM   1434 C C     . GLU B 1 89 ? 8.837   -5.664  -15.213 1.00 17.29 ? 89  GLU B C     1 
ATOM   1435 O O     . GLU B 1 89 ? 9.348   -6.759  -15.555 1.00 17.88 ? 89  GLU B O     1 
ATOM   1436 C CB    . GLU B 1 89 ? 8.987   -5.069  -12.748 1.00 17.52 ? 89  GLU B CB    1 
ATOM   1437 C CG    . GLU B 1 89 ? 9.925   -4.539  -11.652 1.00 20.42 ? 89  GLU B CG    1 
ATOM   1438 C CD    . GLU B 1 89 ? 11.363  -5.086  -11.743 1.00 27.93 ? 89  GLU B CD    1 
ATOM   1439 O OE1   . GLU B 1 89 ? 11.531  -6.318  -11.821 1.00 28.26 ? 89  GLU B OE1   1 
ATOM   1440 O OE2   . GLU B 1 89 ? 12.333  -4.289  -11.804 1.00 28.95 ? 89  GLU B OE2   1 
ATOM   1441 N N     . GLN B 1 90 ? 7.766   -5.178  -15.838 1.00 17.98 ? 90  GLN B N     1 
ATOM   1442 C CA    . GLN B 1 90 ? 7.172   -5.966  -16.877 1.00 17.90 ? 90  GLN B CA    1 
ATOM   1443 C C     . GLN B 1 90 ? 8.059   -5.866  -18.076 1.00 19.31 ? 90  GLN B C     1 
ATOM   1444 O O     . GLN B 1 90 ? 8.296   -6.836  -18.794 1.00 20.74 ? 90  GLN B O     1 
ATOM   1445 C CB    . GLN B 1 90 ? 5.808   -5.423  -17.264 1.00 17.60 ? 90  GLN B CB    1 
ATOM   1446 C CG    . GLN B 1 90 ? 5.052   -6.421  -18.117 1.00 19.20 ? 90  GLN B CG    1 
ATOM   1447 C CD    . GLN B 1 90 ? 3.719   -5.837  -18.616 1.00 24.54 ? 90  GLN B CD    1 
ATOM   1448 O OE1   . GLN B 1 90 ? 3.685   -4.800  -19.268 1.00 32.42 ? 90  GLN B OE1   1 
ATOM   1449 N NE2   . GLN B 1 90 ? 2.635   -6.491  -18.277 1.00 22.72 ? 90  GLN B NE2   1 
ATOM   1450 N N     . ILE B 1 91 ? 8.545   -4.681  -18.343 1.00 20.55 ? 91  ILE B N     1 
ATOM   1451 C CA    . ILE B 1 91 ? 9.469   -4.590  -19.453 1.00 22.51 ? 91  ILE B CA    1 
ATOM   1452 C C     . ILE B 1 91 ? 10.723  -5.481  -19.272 1.00 22.38 ? 91  ILE B C     1 
ATOM   1453 O O     . ILE B 1 91 ? 11.117  -6.200  -20.196 1.00 22.45 ? 91  ILE B O     1 
ATOM   1454 C CB    . ILE B 1 91 ? 9.805   -3.120  -19.705 1.00 23.43 ? 91  ILE B CB    1 
ATOM   1455 C CG1   . ILE B 1 91 ? 8.635   -2.491  -20.431 1.00 21.96 ? 91  ILE B CG1   1 
ATOM   1456 C CG2   . ILE B 1 91 ? 11.057  -3.013  -20.535 1.00 24.10 ? 91  ILE B CG2   1 
ATOM   1457 C CD1   . ILE B 1 91 ? 8.752   -1.041  -20.451 1.00 28.44 ? 91  ILE B CD1   1 
ATOM   1458 N N     . LYS B 1 92 ? 11.304  -5.472  -18.068 1.00 23.97 ? 92  LYS B N     1 
ATOM   1459 C CA    . LYS B 1 92 ? 12.464  -6.327  -17.718 1.00 24.54 ? 92  LYS B CA    1 
ATOM   1460 C C     . LYS B 1 92 ? 12.140  -7.771  -17.944 1.00 24.58 ? 92  LYS B C     1 
ATOM   1461 O O     . LYS B 1 92 ? 12.946  -8.496  -18.543 1.00 22.44 ? 92  LYS B O     1 
ATOM   1462 C CB    . LYS B 1 92 ? 12.835  -6.110  -16.241 1.00 25.02 ? 92  LYS B CB    1 
ATOM   1463 C CG    . LYS B 1 92 ? 14.006  -6.880  -15.670 1.00 28.56 ? 92  LYS B CG    1 
ATOM   1464 C CD    . LYS B 1 92 ? 14.406  -6.197  -14.337 1.00 36.93 ? 92  LYS B CD    1 
ATOM   1465 C CE    . LYS B 1 92 ? 15.879  -6.389  -13.986 1.00 41.95 ? 92  LYS B CE    1 
ATOM   1466 N NZ    . LYS B 1 92 ? 16.055  -6.528  -12.482 1.00 47.89 ? 92  LYS B NZ    1 
ATOM   1467 N N     . TYR B 1 93 ? 10.952  -8.203  -17.461 1.00 24.08 ? 93  TYR B N     1 
ATOM   1468 C CA    . TYR B 1 93 ? 10.541  -9.590  -17.584 1.00 24.04 ? 93  TYR B CA    1 
ATOM   1469 C C     . TYR B 1 93 ? 10.425  -9.965  -19.081 1.00 25.81 ? 93  TYR B C     1 
ATOM   1470 O O     . TYR B 1 93 ? 10.879  -11.044 -19.514 1.00 24.91 ? 93  TYR B O     1 
ATOM   1471 C CB    . TYR B 1 93 ? 9.214   -9.817  -16.831 1.00 23.42 ? 93  TYR B CB    1 
ATOM   1472 C CG    . TYR B 1 93 ? 8.719   -11.249 -16.834 1.00 24.48 ? 93  TYR B CG    1 
ATOM   1473 C CD1   . TYR B 1 93 ? 9.350   -12.225 -16.049 1.00 29.93 ? 93  TYR B CD1   1 
ATOM   1474 C CD2   . TYR B 1 93 ? 7.645   -11.621 -17.628 1.00 23.59 ? 93  TYR B CD2   1 
ATOM   1475 C CE1   . TYR B 1 93 ? 8.893   -13.529 -16.053 1.00 33.89 ? 93  TYR B CE1   1 
ATOM   1476 C CE2   . TYR B 1 93 ? 7.196   -12.909 -17.666 1.00 30.95 ? 93  TYR B CE2   1 
ATOM   1477 C CZ    . TYR B 1 93 ? 7.808   -13.872 -16.870 1.00 34.67 ? 93  TYR B CZ    1 
ATOM   1478 O OH    . TYR B 1 93 ? 7.301   -15.160 -16.896 1.00 38.80 ? 93  TYR B OH    1 
ATOM   1479 N N     . TRP B 1 94 ? 9.857   -9.040  -19.869 1.00 26.72 ? 94  TRP B N     1 
ATOM   1480 C CA    . TRP B 1 94 ? 9.553   -9.306  -21.285 1.00 29.26 ? 94  TRP B CA    1 
ATOM   1481 C C     . TRP B 1 94 ? 10.851  -9.410  -22.065 1.00 29.82 ? 94  TRP B C     1 
ATOM   1482 O O     . TRP B 1 94 ? 11.002  -10.356 -22.822 1.00 31.76 ? 94  TRP B O     1 
ATOM   1483 C CB    . TRP B 1 94 ? 8.613   -8.250  -21.852 1.00 29.74 ? 94  TRP B CB    1 
ATOM   1484 C CG    . TRP B 1 94 ? 8.056   -8.539  -23.204 1.00 33.52 ? 94  TRP B CG    1 
ATOM   1485 C CD1   . TRP B 1 94 ? 6.842   -9.126  -23.507 1.00 37.03 ? 94  TRP B CD1   1 
ATOM   1486 C CD2   . TRP B 1 94 ? 8.661   -8.209  -24.452 1.00 38.74 ? 94  TRP B CD2   1 
ATOM   1487 N NE1   . TRP B 1 94 ? 6.671   -9.185  -24.877 1.00 38.83 ? 94  TRP B NE1   1 
ATOM   1488 C CE2   . TRP B 1 94 ? 7.769   -8.630  -25.480 1.00 38.55 ? 94  TRP B CE2   1 
ATOM   1489 C CE3   . TRP B 1 94 ? 9.875   -7.596  -24.815 1.00 38.23 ? 94  TRP B CE3   1 
ATOM   1490 C CZ2   . TRP B 1 94 ? 8.056   -8.453  -26.840 1.00 41.18 ? 94  TRP B CZ2   1 
ATOM   1491 C CZ3   . TRP B 1 94 ? 10.159  -7.432  -26.182 1.00 41.83 ? 94  TRP B CZ3   1 
ATOM   1492 C CH2   . TRP B 1 94 ? 9.247   -7.853  -27.167 1.00 42.13 ? 94  TRP B CH2   1 
ATOM   1493 N N     . ARG B 1 95 ? 11.792  -8.488  -21.836 1.00 30.87 ? 95  ARG B N     1 
ATOM   1494 C CA    . ARG B 1 95 ? 13.141  -8.512  -22.423 1.00 32.47 ? 95  ARG B CA    1 
ATOM   1495 C C     . ARG B 1 95 ? 13.969  -9.765  -22.021 1.00 33.99 ? 95  ARG B C     1 
ATOM   1496 O O     . ARG B 1 95 ? 14.678  -10.339 -22.858 1.00 34.87 ? 95  ARG B O     1 
ATOM   1497 C CB    . ARG B 1 95 ? 13.958  -7.244  -22.054 1.00 33.42 ? 95  ARG B CB    1 
ATOM   1498 C CG    . ARG B 1 95 ? 13.520  -5.895  -22.703 1.00 35.92 ? 95  ARG B CG    1 
ATOM   1499 C CD    . ARG B 1 95 ? 14.245  -4.619  -22.102 1.00 39.18 ? 95  ARG B CD    1 
ATOM   1500 N NE    . ARG B 1 95 ? 15.442  -4.113  -22.822 1.00 44.73 ? 95  ARG B NE    1 
ATOM   1501 C CZ    . ARG B 1 95 ? 16.700  -4.195  -22.360 1.00 47.34 ? 95  ARG B CZ    1 
ATOM   1502 N NH1   . ARG B 1 95 ? 16.920  -4.776  -21.185 1.00 46.41 ? 95  ARG B NH1   1 
ATOM   1503 N NH2   . ARG B 1 95 ? 17.753  -3.713  -23.059 1.00 45.41 ? 95  ARG B NH2   1 
ATOM   1504 N N     . GLN B 1 96 ? 13.893  -10.163 -20.746 1.00 34.44 ? 96  GLN B N     1 
ATOM   1505 C CA    . GLN B 1 96 ? 14.679  -11.257 -20.160 1.00 36.60 ? 96  GLN B CA    1 
ATOM   1506 C C     . GLN B 1 96 ? 14.168  -12.610 -20.637 1.00 37.79 ? 96  GLN B C     1 
ATOM   1507 O O     . GLN B 1 96 ? 14.893  -13.602 -20.588 1.00 38.31 ? 96  GLN B O     1 
ATOM   1508 C CB    . GLN B 1 96 ? 14.579  -11.186 -18.627 1.00 36.32 ? 96  GLN B CB    1 
ATOM   1509 C CG    . GLN B 1 96 ? 15.513  -12.078 -17.824 1.00 39.89 ? 96  GLN B CG    1 
ATOM   1510 C CD    . GLN B 1 96 ? 14.828  -12.672 -16.554 1.00 43.64 ? 96  GLN B CD    1 
ATOM   1511 O OE1   . GLN B 1 96 ? 13.807  -12.156 -16.065 1.00 47.26 ? 96  GLN B OE1   1 
ATOM   1512 N NE2   . GLN B 1 96 ? 15.393  -13.744 -16.033 1.00 37.22 ? 96  GLN B NE2   1 
ATOM   1513 N N     . THR B 1 97 ? 12.904  -12.648 -21.054 1.00 38.60 ? 97  THR B N     1 
ATOM   1514 C CA    . THR B 1 97 ? 12.258  -13.878 -21.531 1.00 40.22 ? 97  THR B CA    1 
ATOM   1515 C C     . THR B 1 97 ? 11.840  -13.711 -23.006 1.00 40.88 ? 97  THR B C     1 
ATOM   1516 O O     . THR B 1 97 ? 11.716  -14.682 -23.768 1.00 42.35 ? 97  THR B O     1 
ATOM   1517 C CB    . THR B 1 97 ? 11.036  -14.232 -20.661 1.00 40.29 ? 97  THR B CB    1 
ATOM   1518 O OG1   . THR B 1 97 ? 9.977   -13.305 -20.930 1.00 40.72 ? 97  THR B OG1   1 
ATOM   1519 C CG2   . THR B 1 97 ? 11.371  -14.174 -19.154 1.00 40.31 ? 97  THR B CG2   1 
HETATM 1520 C "C1'" . SAL C 2 .  ? 2.774   4.582   11.210  1.00 19.07 ? 201 SAL A "C1'" 1 
HETATM 1521 O "O1'" . SAL C 2 .  ? 2.875   3.336   11.154  1.00 22.28 ? 201 SAL A "O1'" 1 
HETATM 1522 O "O2'" . SAL C 2 .  ? 2.208   5.174   10.298  1.00 22.07 ? 201 SAL A "O2'" 1 
HETATM 1523 C C1    . SAL C 2 .  ? 3.320   5.294   12.403  1.00 18.60 ? 201 SAL A C1    1 
HETATM 1524 C C2    . SAL C 2 .  ? 2.713   6.573   12.856  1.00 20.27 ? 201 SAL A C2    1 
HETATM 1525 C C3    . SAL C 2 .  ? 3.245   7.206   13.996  1.00 25.04 ? 201 SAL A C3    1 
HETATM 1526 C C4    . SAL C 2 .  ? 4.347   6.618   14.645  1.00 27.89 ? 201 SAL A C4    1 
HETATM 1527 C C5    . SAL C 2 .  ? 4.926   5.397   14.229  1.00 25.07 ? 201 SAL A C5    1 
HETATM 1528 C C6    . SAL C 2 .  ? 4.413   4.740   13.088  1.00 22.24 ? 201 SAL A C6    1 
HETATM 1529 O O2    . SAL C 2 .  ? 1.685   7.105   12.153  1.00 23.71 ? 201 SAL A O2    1 
HETATM 1530 C C     . PYR D 3 .  ? -1.887  -4.203  -18.390 1.00 30.63 ? 301 PYR A C     1 
HETATM 1531 O O     . PYR D 3 .  ? -2.768  -4.052  -17.422 1.00 31.07 ? 301 PYR A O     1 
HETATM 1532 O OXT   . PYR D 3 .  ? -2.060  -3.722  -19.566 1.00 33.52 ? 301 PYR A OXT   1 
HETATM 1533 C CA    . PYR D 3 .  ? -0.743  -4.914  -18.221 1.00 33.32 ? 301 PYR A CA    1 
HETATM 1534 O O3    . PYR D 3 .  ? -0.027  -5.273  -19.323 1.00 37.11 ? 301 PYR A O3    1 
HETATM 1535 C CB    . PYR D 3 .  ? -0.440  -5.267  -16.803 1.00 28.45 ? 301 PYR A CB    1 
HETATM 1536 C C     . PYR E 3 .  ? 2.307   4.143   16.663  1.00 38.74 ? 301 PYR B C     1 
HETATM 1537 O O     . PYR E 3 .  ? 2.368   2.918   16.226  1.00 36.59 ? 301 PYR B O     1 
HETATM 1538 O OXT   . PYR E 3 .  ? 3.008   4.550   17.699  1.00 41.74 ? 301 PYR B OXT   1 
HETATM 1539 C CA    . PYR E 3 .  ? 1.511   5.039   15.993  1.00 40.00 ? 301 PYR B CA    1 
HETATM 1540 O O3    . PYR E 3 .  ? 1.587   6.326   16.310  1.00 44.84 ? 301 PYR B O3    1 
HETATM 1541 C CB    . PYR E 3 .  ? 0.601   4.518   14.937  1.00 35.27 ? 301 PYR B CB    1 
HETATM 1542 C "C1'" . SAL F 2 .  ? 0.201   -1.770  -13.941 1.00 17.08 ? 201 SAL B "C1'" 1 
HETATM 1543 O "O1'" . SAL F 2 .  ? 1.140   -1.981  -13.164 1.00 19.16 ? 201 SAL B "O1'" 1 
HETATM 1544 O "O2'" . SAL F 2 .  ? -0.916  -1.599  -13.483 1.00 20.79 ? 201 SAL B "O2'" 1 
HETATM 1545 C C1    . SAL F 2 .  ? 0.373   -1.786  -15.426 1.00 18.57 ? 201 SAL B C1    1 
HETATM 1546 C C2    . SAL F 2 .  ? 1.586   -2.385  -16.016 1.00 20.01 ? 201 SAL B C2    1 
HETATM 1547 C C3    . SAL F 2 .  ? 1.722   -2.368  -17.408 1.00 21.05 ? 201 SAL B C3    1 
HETATM 1548 C C4    . SAL F 2 .  ? 0.700   -1.817  -18.208 1.00 21.55 ? 201 SAL B C4    1 
HETATM 1549 C C5    . SAL F 2 .  ? -0.457  -1.241  -17.637 1.00 21.85 ? 201 SAL B C5    1 
HETATM 1550 C C6    . SAL F 2 .  ? -0.640  -1.221  -16.241 1.00 21.81 ? 201 SAL B C6    1 
HETATM 1551 O O2    . SAL F 2 .  ? 2.574   -2.869  -15.165 1.00 23.63 ? 201 SAL B O2    1 
HETATM 1552 O O     . HOH G 4 .  ? 4.381   10.323  -0.963  1.00 18.96 ? 102 HOH A O     1 
HETATM 1553 O O     . HOH G 4 .  ? 4.356   11.002  1.969   1.00 20.47 ? 103 HOH A O     1 
HETATM 1554 O O     . HOH G 4 .  ? -13.900 0.898   -1.015  1.00 22.95 ? 104 HOH A O     1 
HETATM 1555 O O     . HOH G 4 .  ? 4.715   -12.946 3.314   1.00 20.53 ? 105 HOH A O     1 
HETATM 1556 O O     . HOH G 4 .  ? -8.943  -10.341 -22.333 1.00 17.12 ? 106 HOH A O     1 
HETATM 1557 O O     . HOH G 4 .  ? -3.012  -2.860  -14.883 1.00 17.09 ? 107 HOH A O     1 
HETATM 1558 O O     . HOH G 4 .  ? -9.486  -12.079 -12.930 1.00 16.34 ? 108 HOH A O     1 
HETATM 1559 O O     . HOH G 4 .  ? 15.331  -6.622  -6.023  1.00 35.50 ? 109 HOH A O     1 
HETATM 1560 O O     . HOH G 4 .  ? 14.096  -13.092 4.941   1.00 29.97 ? 110 HOH A O     1 
HETATM 1561 O O     . HOH G 4 .  ? 2.779   1.722   13.538  1.00 20.46 ? 111 HOH A O     1 
HETATM 1562 O O     . HOH G 4 .  ? -9.690  -12.324 -20.207 1.00 22.91 ? 112 HOH A O     1 
HETATM 1563 O O     . HOH G 4 .  ? -10.898 1.574   4.086   1.00 25.14 ? 113 HOH A O     1 
HETATM 1564 O O     . HOH G 4 .  ? -5.466  -5.386  5.757   1.00 34.16 ? 114 HOH A O     1 
HETATM 1565 O O     . HOH G 4 .  ? -8.215  -19.143 -11.110 1.00 26.93 ? 115 HOH A O     1 
HETATM 1566 O O     . HOH G 4 .  ? -14.768 -4.208  -1.676  1.00 24.00 ? 116 HOH A O     1 
HETATM 1567 O O     . HOH G 4 .  ? 7.178   -4.355  11.894  1.00 20.28 ? 117 HOH A O     1 
HETATM 1568 O O     . HOH G 4 .  ? 3.626   -14.615 0.948   1.00 27.77 ? 118 HOH A O     1 
HETATM 1569 O O     . HOH G 4 .  ? 9.696   -11.931 -8.136  1.00 26.79 ? 119 HOH A O     1 
HETATM 1570 O O     . HOH G 4 .  ? -10.203 17.886  23.342  1.00 28.37 ? 120 HOH A O     1 
HETATM 1571 O O     . HOH G 4 .  ? 8.028   11.801  8.729   0.50 23.63 ? 121 HOH A O     1 
HETATM 1572 O O     . HOH G 4 .  ? -9.942  5.350   14.437  1.00 23.45 ? 122 HOH A O     1 
HETATM 1573 O O     . HOH G 4 .  ? 8.648   -16.213 1.145   1.00 25.47 ? 123 HOH A O     1 
HETATM 1574 O O     . HOH G 4 .  ? -10.949 -5.965  -16.960 1.00 29.22 ? 124 HOH A O     1 
HETATM 1575 O O     . HOH H 4 .  ? 8.815   4.842   -6.095  1.00 36.68 ? 102 HOH B O     1 
HETATM 1576 O O     . HOH H 4 .  ? -0.639  -1.416  24.634  1.00 14.86 ? 103 HOH B O     1 
HETATM 1577 O O     . HOH H 4 .  ? 3.100   -6.052  16.160  1.00 29.53 ? 104 HOH B O     1 
HETATM 1578 O O     . HOH H 4 .  ? 2.093   10.625  -2.859  1.00 27.83 ? 105 HOH B O     1 
HETATM 1579 O O     . HOH H 4 .  ? 2.529   -5.036  19.257  1.00 29.90 ? 106 HOH B O     1 
HETATM 1580 O O     . HOH H 4 .  ? -5.637  11.537  4.376   1.00 27.78 ? 107 HOH B O     1 
HETATM 1581 O O     . HOH H 4 .  ? 2.647   -12.118 -2.387  1.00 24.75 ? 108 HOH B O     1 
HETATM 1582 O O     . HOH H 4 .  ? -4.767  -5.568  17.280  1.00 21.07 ? 109 HOH B O     1 
HETATM 1583 O O     . HOH H 4 .  ? -3.015  -9.117  0.902   1.00 21.41 ? 110 HOH B O     1 
HETATM 1584 O O     . HOH H 4 .  ? 2.179   -8.843  10.511  1.00 27.86 ? 111 HOH B O     1 
HETATM 1585 O O     . HOH H 4 .  ? -7.101  10.533  5.985   1.00 29.85 ? 112 HOH B O     1 
HETATM 1586 O O     . HOH H 4 .  ? -7.785  15.296  1.565   1.00 31.69 ? 113 HOH B O     1 
HETATM 1587 O O     . HOH H 4 .  ? -12.960 5.511   -11.876 1.00 34.04 ? 114 HOH B O     1 
HETATM 1588 O O     . HOH H 4 .  ? 0.025   -13.915 6.141   1.00 25.18 ? 115 HOH B O     1 
HETATM 1589 O O     . HOH H 4 .  ? -17.707 5.670   0.424   1.00 27.35 ? 116 HOH B O     1 
HETATM 1590 O O     . HOH H 4 .  ? -7.486  1.815   26.811  1.00 33.63 ? 117 HOH B O     1 
HETATM 1591 O O     . HOH H 4 .  ? 10.584  2.860   -11.211 0.50 18.50 ? 118 HOH B O     1 
HETATM 1592 O O     . HOH H 4 .  ? -12.170 -6.015  18.193  1.00 25.07 ? 119 HOH B O     1 
HETATM 1593 O O     . HOH H 4 .  ? -4.129  -18.596 -20.580 1.00 35.49 ? 120 HOH B O     1 
HETATM 1594 O O     . HOH H 4 .  ? -10.686 9.928   7.001   1.00 30.09 ? 121 HOH B O     1 
HETATM 1595 O O     . HOH H 4 .  ? 3.836   -2.185  -26.647 1.00 33.13 ? 122 HOH B O     1 
# 
loop_
_pdbx_poly_seq_scheme.asym_id 
_pdbx_poly_seq_scheme.entity_id 
_pdbx_poly_seq_scheme.seq_id 
_pdbx_poly_seq_scheme.mon_id 
_pdbx_poly_seq_scheme.ndb_seq_num 
_pdbx_poly_seq_scheme.pdb_seq_num 
_pdbx_poly_seq_scheme.auth_seq_num 
_pdbx_poly_seq_scheme.pdb_mon_id 
_pdbx_poly_seq_scheme.auth_mon_id 
_pdbx_poly_seq_scheme.pdb_strand_id 
_pdbx_poly_seq_scheme.pdb_ins_code 
_pdbx_poly_seq_scheme.hetero 
A 1 1   MET 1   1   1  MET MET A . n 
A 1 2   LYS 2   2   2  LYS LYS A . n 
A 1 3   THR 3   3   3  THR THR A . n 
A 1 4   PRO 4   4   4  PRO PRO A . n 
A 1 5   GLU 5   5   5  GLU GLU A . n 
A 1 6   ASP 6   6   6  ASP ASP A . n 
A 1 7   CYS 7   7   7  CYS CYS A . n 
A 1 8   THR 8   8   8  THR THR A . n 
A 1 9   GLY 9   9   9  GLY GLY A . n 
A 1 10  LEU 10  10  10 LEU LEU A . n 
A 1 11  ALA 11  11  11 ALA ALA A . n 
A 1 12  ASP 12  12  12 ASP ASP A . n 
A 1 13  ILE 13  13  13 ILE ILE A . n 
A 1 14  ARG 14  14  14 ARG ARG A . n 
A 1 15  GLU 15  15  15 GLU GLU A . n 
A 1 16  ALA 16  16  16 ALA ALA A . n 
A 1 17  ILE 17  17  17 ILE ILE A . n 
A 1 18  ASP 18  18  18 ASP ASP A . n 
A 1 19  ARG 19  19  19 ARG ARG A . n 
A 1 20  ILE 20  20  20 ILE ILE A . n 
A 1 21  ASP 21  21  21 ASP ASP A . n 
A 1 22  LEU 22  22  22 LEU LEU A . n 
A 1 23  ASP 23  23  23 ASP ASP A . n 
A 1 24  ILE 24  24  24 ILE ILE A . n 
A 1 25  VAL 25  25  25 VAL VAL A . n 
A 1 26  GLN 26  26  26 GLN GLN A . n 
A 1 27  ALA 27  27  27 ALA ALA A . n 
A 1 28  LEU 28  28  28 LEU LEU A . n 
A 1 29  GLY 29  29  29 GLY GLY A . n 
A 1 30  ARG 30  30  30 ARG ARG A . n 
A 1 31  ARG 31  31  31 ARG ARG A . n 
A 1 32  MET 32  32  32 MET MET A . n 
A 1 33  ASP 33  33  33 ASP ASP A . n 
A 1 34  TYR 34  34  34 TYR TYR A . n 
A 1 35  VAL 35  35  35 VAL VAL A . n 
A 1 36  LYS 36  36  36 LYS LYS A . n 
A 1 37  ALA 37  37  37 ALA ALA A . n 
A 1 38  ALA 38  38  38 ALA ALA A . n 
A 1 39  SER 39  39  39 SER SER A . n 
A 1 40  ARG 40  40  40 ARG ARG A . n 
A 1 41  PHE 41  41  41 PHE PHE A . n 
A 1 42  GLU 42  42  42 GLU GLU A . n 
A 1 43  ALA 43  43  43 ALA ALA A . n 
A 1 44  SER 44  44  44 SER SER A . n 
A 1 45  GLU 45  45  45 GLU GLU A . n 
A 1 46  ALA 46  46  46 ALA ALA A . n 
A 1 47  ALA 47  47  47 ALA ALA A . n 
A 1 48  ILE 48  48  48 ILE ILE A . n 
A 1 49  PRO 49  49  49 PRO PRO A . n 
A 1 50  ALA 50  50  50 ALA ALA A . n 
A 1 51  PRO 51  51  51 PRO PRO A . n 
A 1 52  GLU 52  52  52 GLU GLU A . n 
A 1 53  ARG 53  53  53 ARG ARG A . n 
A 1 54  VAL 54  54  54 VAL VAL A . n 
A 1 55  ALA 55  55  55 ALA ALA A . n 
A 1 56  ALA 56  56  56 ALA ALA A . n 
A 1 57  MET 57  57  57 MET MET A . n 
A 1 58  LEU 58  58  58 LEU LEU A . n 
A 1 59  PRO 59  59  59 PRO PRO A . n 
A 1 60  GLU 60  60  60 GLU GLU A . n 
A 1 61  ARG 61  61  61 ARG ARG A . n 
A 1 62  ALA 62  62  62 ALA ALA A . n 
A 1 63  ARG 63  63  63 ARG ARG A . n 
A 1 64  TRP 64  64  64 TRP TRP A . n 
A 1 65  ALA 65  65  65 ALA ALA A . n 
A 1 66  GLU 66  66  66 GLU GLU A . n 
A 1 67  GLU 67  67  67 GLU GLU A . n 
A 1 68  ASN 68  68  68 ASN ASN A . n 
A 1 69  GLY 69  69  69 GLY GLY A . n 
A 1 70  LEU 70  70  70 LEU LEU A . n 
A 1 71  ASP 71  71  71 ASP ASP A . n 
A 1 72  ALA 72  72  72 ALA ALA A . n 
A 1 73  PRO 73  73  73 PRO PRO A . n 
A 1 74  PHE 74  74  74 PHE PHE A . n 
A 1 75  VAL 75  75  75 VAL VAL A . n 
A 1 76  GLU 76  76  76 GLU GLU A . n 
A 1 77  GLY 77  77  77 GLY GLY A . n 
A 1 78  LEU 78  78  78 LEU LEU A . n 
A 1 79  PHE 79  79  79 PHE PHE A . n 
A 1 80  ALA 80  80  80 ALA ALA A . n 
A 1 81  GLN 81  81  81 GLN GLN A . n 
A 1 82  ILE 82  82  82 ILE ILE A . n 
A 1 83  ILE 83  83  83 ILE ILE A . n 
A 1 84  HIS 84  84  84 HIS HIS A . n 
A 1 85  TRP 85  85  85 TRP TRP A . n 
A 1 86  TYR 86  86  86 TYR TYR A . n 
A 1 87  ILE 87  87  87 ILE ILE A . n 
A 1 88  ALA 88  88  88 ALA ALA A . n 
A 1 89  GLU 89  89  89 GLU GLU A . n 
A 1 90  GLN 90  90  90 GLN GLN A . n 
A 1 91  ILE 91  91  91 ILE ILE A . n 
A 1 92  LYS 92  92  92 LYS LYS A . n 
A 1 93  TYR 93  93  93 TYR TYR A . n 
A 1 94  TRP 94  94  94 TRP TRP A . n 
A 1 95  ARG 95  95  95 ARG ARG A . n 
A 1 96  GLN 96  96  96 GLN GLN A . n 
A 1 97  THR 97  97  97 THR THR A . n 
A 1 98  ARG 98  98  ?  ?   ?   A . n 
A 1 99  GLY 99  99  ?  ?   ?   A . n 
A 1 100 ALA 100 100 ?  ?   ?   A . n 
A 1 101 ALA 101 101 ?  ?   ?   A . n 
B 1 1   MET 1   1   1  MET MET B . n 
B 1 2   LYS 2   2   2  LYS LYS B . n 
B 1 3   THR 3   3   3  THR THR B . n 
B 1 4   PRO 4   4   4  PRO PRO B . n 
B 1 5   GLU 5   5   5  GLU GLU B . n 
B 1 6   ASP 6   6   6  ASP ASP B . n 
B 1 7   CYS 7   7   7  CYS CYS B . n 
B 1 8   THR 8   8   8  THR THR B . n 
B 1 9   GLY 9   9   9  GLY GLY B . n 
B 1 10  LEU 10  10  10 LEU LEU B . n 
B 1 11  ALA 11  11  11 ALA ALA B . n 
B 1 12  ASP 12  12  12 ASP ASP B . n 
B 1 13  ILE 13  13  13 ILE ILE B . n 
B 1 14  ARG 14  14  14 ARG ARG B . n 
B 1 15  GLU 15  15  15 GLU GLU B . n 
B 1 16  ALA 16  16  16 ALA ALA B . n 
B 1 17  ILE 17  17  17 ILE ILE B . n 
B 1 18  ASP 18  18  18 ASP ASP B . n 
B 1 19  ARG 19  19  19 ARG ARG B . n 
B 1 20  ILE 20  20  20 ILE ILE B . n 
B 1 21  ASP 21  21  21 ASP ASP B . n 
B 1 22  LEU 22  22  22 LEU LEU B . n 
B 1 23  ASP 23  23  23 ASP ASP B . n 
B 1 24  ILE 24  24  24 ILE ILE B . n 
B 1 25  VAL 25  25  25 VAL VAL B . n 
B 1 26  GLN 26  26  26 GLN GLN B . n 
B 1 27  ALA 27  27  27 ALA ALA B . n 
B 1 28  LEU 28  28  28 LEU LEU B . n 
B 1 29  GLY 29  29  29 GLY GLY B . n 
B 1 30  ARG 30  30  30 ARG ARG B . n 
B 1 31  ARG 31  31  31 ARG ARG B . n 
B 1 32  MET 32  32  32 MET MET B . n 
B 1 33  ASP 33  33  33 ASP ASP B . n 
B 1 34  TYR 34  34  34 TYR TYR B . n 
B 1 35  VAL 35  35  35 VAL VAL B . n 
B 1 36  LYS 36  36  36 LYS LYS B . n 
B 1 37  ALA 37  37  37 ALA ALA B . n 
B 1 38  ALA 38  38  38 ALA ALA B . n 
B 1 39  SER 39  39  39 SER SER B . n 
B 1 40  ARG 40  40  40 ARG ARG B . n 
B 1 41  PHE 41  41  41 PHE PHE B . n 
B 1 42  GLU 42  42  ?  ?   ?   B . n 
B 1 43  ALA 43  43  ?  ?   ?   B . n 
B 1 44  SER 44  44  ?  ?   ?   B . n 
B 1 45  GLU 45  45  ?  ?   ?   B . n 
B 1 46  ALA 46  46  ?  ?   ?   B . n 
B 1 47  ALA 47  47  ?  ?   ?   B . n 
B 1 48  ILE 48  48  48 ILE ILE B . n 
B 1 49  PRO 49  49  49 PRO PRO B . n 
B 1 50  ALA 50  50  50 ALA ALA B . n 
B 1 51  PRO 51  51  51 PRO PRO B . n 
B 1 52  GLU 52  52  52 GLU GLU B . n 
B 1 53  ARG 53  53  53 ARG ARG B . n 
B 1 54  VAL 54  54  54 VAL VAL B . n 
B 1 55  ALA 55  55  55 ALA ALA B . n 
B 1 56  ALA 56  56  56 ALA ALA B . n 
B 1 57  MET 57  57  57 MET MET B . n 
B 1 58  LEU 58  58  58 LEU LEU B . n 
B 1 59  PRO 59  59  59 PRO PRO B . n 
B 1 60  GLU 60  60  60 GLU GLU B . n 
B 1 61  ARG 61  61  61 ARG ARG B . n 
B 1 62  ALA 62  62  62 ALA ALA B . n 
B 1 63  ARG 63  63  63 ARG ARG B . n 
B 1 64  TRP 64  64  64 TRP TRP B . n 
B 1 65  ALA 65  65  65 ALA ALA B . n 
B 1 66  GLU 66  66  66 GLU GLU B . n 
B 1 67  GLU 67  67  67 GLU GLU B . n 
B 1 68  ASN 68  68  68 ASN ASN B . n 
B 1 69  GLY 69  69  69 GLY GLY B . n 
B 1 70  LEU 70  70  70 LEU LEU B . n 
B 1 71  ASP 71  71  71 ASP ASP B . n 
B 1 72  ALA 72  72  72 ALA ALA B . n 
B 1 73  PRO 73  73  73 PRO PRO B . n 
B 1 74  PHE 74  74  74 PHE PHE B . n 
B 1 75  VAL 75  75  75 VAL VAL B . n 
B 1 76  GLU 76  76  76 GLU GLU B . n 
B 1 77  GLY 77  77  77 GLY GLY B . n 
B 1 78  LEU 78  78  78 LEU LEU B . n 
B 1 79  PHE 79  79  79 PHE PHE B . n 
B 1 80  ALA 80  80  80 ALA ALA B . n 
B 1 81  GLN 81  81  81 GLN GLN B . n 
B 1 82  ILE 82  82  82 ILE ILE B . n 
B 1 83  ILE 83  83  83 ILE ILE B . n 
B 1 84  HIS 84  84  84 HIS HIS B . n 
B 1 85  TRP 85  85  85 TRP TRP B . n 
B 1 86  TYR 86  86  86 TYR TYR B . n 
B 1 87  ILE 87  87  87 ILE ILE B . n 
B 1 88  ALA 88  88  88 ALA ALA B . n 
B 1 89  GLU 89  89  89 GLU GLU B . n 
B 1 90  GLN 90  90  90 GLN GLN B . n 
B 1 91  ILE 91  91  91 ILE ILE B . n 
B 1 92  LYS 92  92  92 LYS LYS B . n 
B 1 93  TYR 93  93  93 TYR TYR B . n 
B 1 94  TRP 94  94  94 TRP TRP B . n 
B 1 95  ARG 95  95  95 ARG ARG B . n 
B 1 96  GLN 96  96  96 GLN GLN B . n 
B 1 97  THR 97  97  97 THR THR B . n 
B 1 98  ARG 98  98  ?  ?   ?   B . n 
B 1 99  GLY 99  99  ?  ?   ?   B . n 
B 1 100 ALA 100 100 ?  ?   ?   B . n 
B 1 101 ALA 101 101 ?  ?   ?   B . n 
# 
loop_
_pdbx_nonpoly_scheme.asym_id 
_pdbx_nonpoly_scheme.entity_id 
_pdbx_nonpoly_scheme.mon_id 
_pdbx_nonpoly_scheme.ndb_seq_num 
_pdbx_nonpoly_scheme.pdb_seq_num 
_pdbx_nonpoly_scheme.auth_seq_num 
_pdbx_nonpoly_scheme.pdb_mon_id 
_pdbx_nonpoly_scheme.auth_mon_id 
_pdbx_nonpoly_scheme.pdb_strand_id 
_pdbx_nonpoly_scheme.pdb_ins_code 
C 2 SAL 1  201 201 SAL SAL A . 
D 3 PYR 1  301 301 PYR PYR A . 
E 3 PYR 1  301 301 PYR PYR B . 
F 2 SAL 1  201 201 SAL SAL B . 
G 4 HOH 1  102 1   HOH HOH A . 
G 4 HOH 2  103 2   HOH HOH A . 
G 4 HOH 3  104 3   HOH HOH A . 
G 4 HOH 4  105 5   HOH HOH A . 
G 4 HOH 5  106 6   HOH HOH A . 
G 4 HOH 6  107 7   HOH HOH A . 
G 4 HOH 7  108 10  HOH HOH A . 
G 4 HOH 8  109 14  HOH HOH A . 
G 4 HOH 9  110 16  HOH HOH A . 
G 4 HOH 10 111 19  HOH HOH A . 
G 4 HOH 11 112 20  HOH HOH A . 
G 4 HOH 12 113 21  HOH HOH A . 
G 4 HOH 13 114 23  HOH HOH A . 
G 4 HOH 14 115 25  HOH HOH A . 
G 4 HOH 15 116 26  HOH HOH A . 
G 4 HOH 16 117 29  HOH HOH A . 
G 4 HOH 17 118 30  HOH HOH A . 
G 4 HOH 18 119 32  HOH HOH A . 
G 4 HOH 19 120 33  HOH HOH A . 
G 4 HOH 20 121 34  HOH HOH A . 
G 4 HOH 21 122 36  HOH HOH A . 
G 4 HOH 22 123 39  HOH HOH A . 
G 4 HOH 23 124 42  HOH HOH A . 
H 4 HOH 1  102 4   HOH HOH B . 
H 4 HOH 2  103 8   HOH HOH B . 
H 4 HOH 3  104 9   HOH HOH B . 
H 4 HOH 4  105 11  HOH HOH B . 
H 4 HOH 5  106 12  HOH HOH B . 
H 4 HOH 6  107 13  HOH HOH B . 
H 4 HOH 7  108 15  HOH HOH B . 
H 4 HOH 8  109 17  HOH HOH B . 
H 4 HOH 9  110 18  HOH HOH B . 
H 4 HOH 10 111 22  HOH HOH B . 
H 4 HOH 11 112 24  HOH HOH B . 
H 4 HOH 12 113 27  HOH HOH B . 
H 4 HOH 13 114 28  HOH HOH B . 
H 4 HOH 14 115 31  HOH HOH B . 
H 4 HOH 15 116 35  HOH HOH B . 
H 4 HOH 16 117 37  HOH HOH B . 
H 4 HOH 17 118 38  HOH HOH B . 
H 4 HOH 18 119 40  HOH HOH B . 
H 4 HOH 19 120 41  HOH HOH B . 
H 4 HOH 20 121 43  HOH HOH B . 
H 4 HOH 21 122 44  HOH HOH B . 
# 
_pdbx_struct_assembly.id                   1 
_pdbx_struct_assembly.details              author_and_software_defined_assembly 
_pdbx_struct_assembly.method_details       PISA 
_pdbx_struct_assembly.oligomeric_details   dimeric 
_pdbx_struct_assembly.oligomeric_count     2 
# 
_pdbx_struct_assembly_gen.assembly_id       1 
_pdbx_struct_assembly_gen.oper_expression   1 
_pdbx_struct_assembly_gen.asym_id_list      A,B,C,D,E,F,G,H 
# 
loop_
_pdbx_struct_assembly_prop.biol_id 
_pdbx_struct_assembly_prop.type 
_pdbx_struct_assembly_prop.value 
_pdbx_struct_assembly_prop.details 
1 'ABSA (A^2)' 6070 ? 
1 MORE         -20  ? 
1 'SSA (A^2)'  9300 ? 
# 
_pdbx_struct_oper_list.id                   1 
_pdbx_struct_oper_list.type                 'identity operation' 
_pdbx_struct_oper_list.name                 1_555 
_pdbx_struct_oper_list.symmetry_operation   x,y,z 
_pdbx_struct_oper_list.matrix[1][1]         1.0000000000 
_pdbx_struct_oper_list.matrix[1][2]         0.0000000000 
_pdbx_struct_oper_list.matrix[1][3]         0.0000000000 
_pdbx_struct_oper_list.vector[1]            0.0000000000 
_pdbx_struct_oper_list.matrix[2][1]         0.0000000000 
_pdbx_struct_oper_list.matrix[2][2]         1.0000000000 
_pdbx_struct_oper_list.matrix[2][3]         0.0000000000 
_pdbx_struct_oper_list.vector[2]            0.0000000000 
_pdbx_struct_oper_list.matrix[3][1]         0.0000000000 
_pdbx_struct_oper_list.matrix[3][2]         0.0000000000 
_pdbx_struct_oper_list.matrix[3][3]         1.0000000000 
_pdbx_struct_oper_list.vector[3]            0.0000000000 
# 
loop_
_pdbx_struct_special_symmetry.id 
_pdbx_struct_special_symmetry.PDB_model_num 
_pdbx_struct_special_symmetry.auth_asym_id 
_pdbx_struct_special_symmetry.auth_comp_id 
_pdbx_struct_special_symmetry.auth_seq_id 
_pdbx_struct_special_symmetry.PDB_ins_code 
_pdbx_struct_special_symmetry.label_asym_id 
_pdbx_struct_special_symmetry.label_comp_id 
_pdbx_struct_special_symmetry.label_seq_id 
1 1 A HOH 121 ? G HOH . 
2 1 B HOH 118 ? H HOH . 
# 
loop_
_pdbx_audit_revision_history.ordinal 
_pdbx_audit_revision_history.data_content_type 
_pdbx_audit_revision_history.major_revision 
_pdbx_audit_revision_history.minor_revision 
_pdbx_audit_revision_history.revision_date 
1 'Structure model' 1 0 2011-07-27 
2 'Structure model' 1 1 2011-08-31 
3 'Structure model' 1 2 2023-09-13 
4 'Structure model' 2 0 2023-11-15 
# 
_pdbx_audit_revision_details.ordinal             1 
_pdbx_audit_revision_details.revision_ordinal    1 
_pdbx_audit_revision_details.data_content_type   'Structure model' 
_pdbx_audit_revision_details.provider            repository 
_pdbx_audit_revision_details.type                'Initial release' 
_pdbx_audit_revision_details.description         ? 
_pdbx_audit_revision_details.details             ? 
# 
loop_
_pdbx_audit_revision_group.ordinal 
_pdbx_audit_revision_group.revision_ordinal 
_pdbx_audit_revision_group.data_content_type 
_pdbx_audit_revision_group.group 
1 2 'Structure model' 'Database references'    
2 3 'Structure model' 'Data collection'        
3 3 'Structure model' 'Database references'    
4 3 'Structure model' 'Derived calculations'   
5 3 'Structure model' 'Refinement description' 
6 4 'Structure model' 'Atomic model'           
7 4 'Structure model' 'Data collection'        
# 
loop_
_pdbx_audit_revision_category.ordinal 
_pdbx_audit_revision_category.revision_ordinal 
_pdbx_audit_revision_category.data_content_type 
_pdbx_audit_revision_category.category 
1 3 'Structure model' chem_comp_atom                
2 3 'Structure model' chem_comp_bond                
3 3 'Structure model' database_2                    
4 3 'Structure model' pdbx_initial_refinement_model 
5 3 'Structure model' struct_ref_seq_dif            
6 3 'Structure model' struct_site                   
7 4 'Structure model' atom_site                     
8 4 'Structure model' chem_comp_atom                
9 4 'Structure model' chem_comp_bond                
# 
loop_
_pdbx_audit_revision_item.ordinal 
_pdbx_audit_revision_item.revision_ordinal 
_pdbx_audit_revision_item.data_content_type 
_pdbx_audit_revision_item.item 
1  3 'Structure model' '_database_2.pdbx_DOI'                
2  3 'Structure model' '_database_2.pdbx_database_accession' 
3  3 'Structure model' '_struct_ref_seq_dif.details'         
4  3 'Structure model' '_struct_site.pdbx_auth_asym_id'      
5  3 'Structure model' '_struct_site.pdbx_auth_comp_id'      
6  3 'Structure model' '_struct_site.pdbx_auth_seq_id'       
7  4 'Structure model' '_atom_site.auth_atom_id'             
8  4 'Structure model' '_atom_site.label_atom_id'            
9  4 'Structure model' '_chem_comp_atom.atom_id'             
10 4 'Structure model' '_chem_comp_bond.atom_id_1'           
11 4 'Structure model' '_chem_comp_bond.atom_id_2'           
# 
loop_
_software.name 
_software.classification 
_software.version 
_software.citation_id 
_software.pdbx_ordinal 
Blu-Ice 'data collection' .                           ? 1 
PHASER  phasing           .                           ? 2 
REFMAC  refinement        '5.5.0110 & PHENIX 1.7-650' ? 3 
XDS     'data reduction'  .                           ? 4 
XDS     'data scaling'    .                           ? 5 
# 
_pdbx_validate_close_contact.id               1 
_pdbx_validate_close_contact.PDB_model_num    1 
_pdbx_validate_close_contact.auth_atom_id_1   CH2 
_pdbx_validate_close_contact.auth_asym_id_1   A 
_pdbx_validate_close_contact.auth_comp_id_1   TRP 
_pdbx_validate_close_contact.auth_seq_id_1    85 
_pdbx_validate_close_contact.PDB_ins_code_1   ? 
_pdbx_validate_close_contact.label_alt_id_1   ? 
_pdbx_validate_close_contact.auth_atom_id_2   O 
_pdbx_validate_close_contact.auth_asym_id_2   B 
_pdbx_validate_close_contact.auth_comp_id_2   HOH 
_pdbx_validate_close_contact.auth_seq_id_2    107 
_pdbx_validate_close_contact.PDB_ins_code_2   ? 
_pdbx_validate_close_contact.label_alt_id_2   ? 
_pdbx_validate_close_contact.dist             2.16 
# 
_pdbx_validate_symm_contact.id                1 
_pdbx_validate_symm_contact.PDB_model_num     1 
_pdbx_validate_symm_contact.auth_atom_id_1    OD2 
_pdbx_validate_symm_contact.auth_asym_id_1    B 
_pdbx_validate_symm_contact.auth_comp_id_1    ASP 
_pdbx_validate_symm_contact.auth_seq_id_1     33 
_pdbx_validate_symm_contact.PDB_ins_code_1    ? 
_pdbx_validate_symm_contact.label_alt_id_1    ? 
_pdbx_validate_symm_contact.site_symmetry_1   1_555 
_pdbx_validate_symm_contact.auth_atom_id_2    OE2 
_pdbx_validate_symm_contact.auth_asym_id_2    B 
_pdbx_validate_symm_contact.auth_comp_id_2    GLU 
_pdbx_validate_symm_contact.auth_seq_id_2     52 
_pdbx_validate_symm_contact.PDB_ins_code_2    ? 
_pdbx_validate_symm_contact.label_alt_id_2    ? 
_pdbx_validate_symm_contact.site_symmetry_2   4_545 
_pdbx_validate_symm_contact.dist              2.01 
# 
_pdbx_validate_rmsd_bond.id                        1 
_pdbx_validate_rmsd_bond.PDB_model_num             1 
_pdbx_validate_rmsd_bond.auth_atom_id_1            CG 
_pdbx_validate_rmsd_bond.auth_asym_id_1            B 
_pdbx_validate_rmsd_bond.auth_comp_id_1            GLU 
_pdbx_validate_rmsd_bond.auth_seq_id_1             60 
_pdbx_validate_rmsd_bond.PDB_ins_code_1            ? 
_pdbx_validate_rmsd_bond.label_alt_id_1            ? 
_pdbx_validate_rmsd_bond.auth_atom_id_2            CD 
_pdbx_validate_rmsd_bond.auth_asym_id_2            B 
_pdbx_validate_rmsd_bond.auth_comp_id_2            GLU 
_pdbx_validate_rmsd_bond.auth_seq_id_2             60 
_pdbx_validate_rmsd_bond.PDB_ins_code_2            ? 
_pdbx_validate_rmsd_bond.label_alt_id_2            ? 
_pdbx_validate_rmsd_bond.bond_value                1.623 
_pdbx_validate_rmsd_bond.bond_target_value         1.515 
_pdbx_validate_rmsd_bond.bond_deviation            0.108 
_pdbx_validate_rmsd_bond.bond_standard_deviation   0.015 
_pdbx_validate_rmsd_bond.linker_flag               N 
# 
loop_
_pdbx_validate_torsion.id 
_pdbx_validate_torsion.PDB_model_num 
_pdbx_validate_torsion.auth_comp_id 
_pdbx_validate_torsion.auth_asym_id 
_pdbx_validate_torsion.auth_seq_id 
_pdbx_validate_torsion.PDB_ins_code 
_pdbx_validate_torsion.label_alt_id 
_pdbx_validate_torsion.phi 
_pdbx_validate_torsion.psi 
1 1 ALA A 50 ? ? 25.70 82.50 
2 1 ALA B 50 ? ? 25.95 77.95 
# 
loop_
_pdbx_unobs_or_zero_occ_residues.id 
_pdbx_unobs_or_zero_occ_residues.PDB_model_num 
_pdbx_unobs_or_zero_occ_residues.polymer_flag 
_pdbx_unobs_or_zero_occ_residues.occupancy_flag 
_pdbx_unobs_or_zero_occ_residues.auth_asym_id 
_pdbx_unobs_or_zero_occ_residues.auth_comp_id 
_pdbx_unobs_or_zero_occ_residues.auth_seq_id 
_pdbx_unobs_or_zero_occ_residues.PDB_ins_code 
_pdbx_unobs_or_zero_occ_residues.label_asym_id 
_pdbx_unobs_or_zero_occ_residues.label_comp_id 
_pdbx_unobs_or_zero_occ_residues.label_seq_id 
1  1 Y 1 A ARG 98  ? A ARG 98  
2  1 Y 1 A GLY 99  ? A GLY 99  
3  1 Y 1 A ALA 100 ? A ALA 100 
4  1 Y 1 A ALA 101 ? A ALA 101 
5  1 Y 1 B GLU 42  ? B GLU 42  
6  1 Y 1 B ALA 43  ? B ALA 43  
7  1 Y 1 B SER 44  ? B SER 44  
8  1 Y 1 B GLU 45  ? B GLU 45  
9  1 Y 1 B ALA 46  ? B ALA 46  
10 1 Y 1 B ALA 47  ? B ALA 47  
11 1 Y 1 B ARG 98  ? B ARG 98  
12 1 Y 1 B GLY 99  ? B GLY 99  
13 1 Y 1 B ALA 100 ? B ALA 100 
14 1 Y 1 B ALA 101 ? B ALA 101 
# 
loop_
_chem_comp_atom.comp_id 
_chem_comp_atom.atom_id 
_chem_comp_atom.type_symbol 
_chem_comp_atom.pdbx_aromatic_flag 
_chem_comp_atom.pdbx_stereo_config 
_chem_comp_atom.pdbx_ordinal 
ALA N      N N N 1   
ALA CA     C N S 2   
ALA C      C N N 3   
ALA O      O N N 4   
ALA CB     C N N 5   
ALA OXT    O N N 6   
ALA H      H N N 7   
ALA H2     H N N 8   
ALA HA     H N N 9   
ALA HB1    H N N 10  
ALA HB2    H N N 11  
ALA HB3    H N N 12  
ALA HXT    H N N 13  
ARG N      N N N 14  
ARG CA     C N S 15  
ARG C      C N N 16  
ARG O      O N N 17  
ARG CB     C N N 18  
ARG CG     C N N 19  
ARG CD     C N N 20  
ARG NE     N N N 21  
ARG CZ     C N N 22  
ARG NH1    N N N 23  
ARG NH2    N N N 24  
ARG OXT    O N N 25  
ARG H      H N N 26  
ARG H2     H N N 27  
ARG HA     H N N 28  
ARG HB2    H N N 29  
ARG HB3    H N N 30  
ARG HG2    H N N 31  
ARG HG3    H N N 32  
ARG HD2    H N N 33  
ARG HD3    H N N 34  
ARG HE     H N N 35  
ARG HH11   H N N 36  
ARG HH12   H N N 37  
ARG HH21   H N N 38  
ARG HH22   H N N 39  
ARG HXT    H N N 40  
ASN N      N N N 41  
ASN CA     C N S 42  
ASN C      C N N 43  
ASN O      O N N 44  
ASN CB     C N N 45  
ASN CG     C N N 46  
ASN OD1    O N N 47  
ASN ND2    N N N 48  
ASN OXT    O N N 49  
ASN H      H N N 50  
ASN H2     H N N 51  
ASN HA     H N N 52  
ASN HB2    H N N 53  
ASN HB3    H N N 54  
ASN HD21   H N N 55  
ASN HD22   H N N 56  
ASN HXT    H N N 57  
ASP N      N N N 58  
ASP CA     C N S 59  
ASP C      C N N 60  
ASP O      O N N 61  
ASP CB     C N N 62  
ASP CG     C N N 63  
ASP OD1    O N N 64  
ASP OD2    O N N 65  
ASP OXT    O N N 66  
ASP H      H N N 67  
ASP H2     H N N 68  
ASP HA     H N N 69  
ASP HB2    H N N 70  
ASP HB3    H N N 71  
ASP HD2    H N N 72  
ASP HXT    H N N 73  
CYS N      N N N 74  
CYS CA     C N R 75  
CYS C      C N N 76  
CYS O      O N N 77  
CYS CB     C N N 78  
CYS SG     S N N 79  
CYS OXT    O N N 80  
CYS H      H N N 81  
CYS H2     H N N 82  
CYS HA     H N N 83  
CYS HB2    H N N 84  
CYS HB3    H N N 85  
CYS HG     H N N 86  
CYS HXT    H N N 87  
GLN N      N N N 88  
GLN CA     C N S 89  
GLN C      C N N 90  
GLN O      O N N 91  
GLN CB     C N N 92  
GLN CG     C N N 93  
GLN CD     C N N 94  
GLN OE1    O N N 95  
GLN NE2    N N N 96  
GLN OXT    O N N 97  
GLN H      H N N 98  
GLN H2     H N N 99  
GLN HA     H N N 100 
GLN HB2    H N N 101 
GLN HB3    H N N 102 
GLN HG2    H N N 103 
GLN HG3    H N N 104 
GLN HE21   H N N 105 
GLN HE22   H N N 106 
GLN HXT    H N N 107 
GLU N      N N N 108 
GLU CA     C N S 109 
GLU C      C N N 110 
GLU O      O N N 111 
GLU CB     C N N 112 
GLU CG     C N N 113 
GLU CD     C N N 114 
GLU OE1    O N N 115 
GLU OE2    O N N 116 
GLU OXT    O N N 117 
GLU H      H N N 118 
GLU H2     H N N 119 
GLU HA     H N N 120 
GLU HB2    H N N 121 
GLU HB3    H N N 122 
GLU HG2    H N N 123 
GLU HG3    H N N 124 
GLU HE2    H N N 125 
GLU HXT    H N N 126 
GLY N      N N N 127 
GLY CA     C N N 128 
GLY C      C N N 129 
GLY O      O N N 130 
GLY OXT    O N N 131 
GLY H      H N N 132 
GLY H2     H N N 133 
GLY HA2    H N N 134 
GLY HA3    H N N 135 
GLY HXT    H N N 136 
HIS N      N N N 137 
HIS CA     C N S 138 
HIS C      C N N 139 
HIS O      O N N 140 
HIS CB     C N N 141 
HIS CG     C Y N 142 
HIS ND1    N Y N 143 
HIS CD2    C Y N 144 
HIS CE1    C Y N 145 
HIS NE2    N Y N 146 
HIS OXT    O N N 147 
HIS H      H N N 148 
HIS H2     H N N 149 
HIS HA     H N N 150 
HIS HB2    H N N 151 
HIS HB3    H N N 152 
HIS HD1    H N N 153 
HIS HD2    H N N 154 
HIS HE1    H N N 155 
HIS HE2    H N N 156 
HIS HXT    H N N 157 
HOH O      O N N 158 
HOH H1     H N N 159 
HOH H2     H N N 160 
ILE N      N N N 161 
ILE CA     C N S 162 
ILE C      C N N 163 
ILE O      O N N 164 
ILE CB     C N S 165 
ILE CG1    C N N 166 
ILE CG2    C N N 167 
ILE CD1    C N N 168 
ILE OXT    O N N 169 
ILE H      H N N 170 
ILE H2     H N N 171 
ILE HA     H N N 172 
ILE HB     H N N 173 
ILE HG12   H N N 174 
ILE HG13   H N N 175 
ILE HG21   H N N 176 
ILE HG22   H N N 177 
ILE HG23   H N N 178 
ILE HD11   H N N 179 
ILE HD12   H N N 180 
ILE HD13   H N N 181 
ILE HXT    H N N 182 
LEU N      N N N 183 
LEU CA     C N S 184 
LEU C      C N N 185 
LEU O      O N N 186 
LEU CB     C N N 187 
LEU CG     C N N 188 
LEU CD1    C N N 189 
LEU CD2    C N N 190 
LEU OXT    O N N 191 
LEU H      H N N 192 
LEU H2     H N N 193 
LEU HA     H N N 194 
LEU HB2    H N N 195 
LEU HB3    H N N 196 
LEU HG     H N N 197 
LEU HD11   H N N 198 
LEU HD12   H N N 199 
LEU HD13   H N N 200 
LEU HD21   H N N 201 
LEU HD22   H N N 202 
LEU HD23   H N N 203 
LEU HXT    H N N 204 
LYS N      N N N 205 
LYS CA     C N S 206 
LYS C      C N N 207 
LYS O      O N N 208 
LYS CB     C N N 209 
LYS CG     C N N 210 
LYS CD     C N N 211 
LYS CE     C N N 212 
LYS NZ     N N N 213 
LYS OXT    O N N 214 
LYS H      H N N 215 
LYS H2     H N N 216 
LYS HA     H N N 217 
LYS HB2    H N N 218 
LYS HB3    H N N 219 
LYS HG2    H N N 220 
LYS HG3    H N N 221 
LYS HD2    H N N 222 
LYS HD3    H N N 223 
LYS HE2    H N N 224 
LYS HE3    H N N 225 
LYS HZ1    H N N 226 
LYS HZ2    H N N 227 
LYS HZ3    H N N 228 
LYS HXT    H N N 229 
MET N      N N N 230 
MET CA     C N S 231 
MET C      C N N 232 
MET O      O N N 233 
MET CB     C N N 234 
MET CG     C N N 235 
MET SD     S N N 236 
MET CE     C N N 237 
MET OXT    O N N 238 
MET H      H N N 239 
MET H2     H N N 240 
MET HA     H N N 241 
MET HB2    H N N 242 
MET HB3    H N N 243 
MET HG2    H N N 244 
MET HG3    H N N 245 
MET HE1    H N N 246 
MET HE2    H N N 247 
MET HE3    H N N 248 
MET HXT    H N N 249 
PHE N      N N N 250 
PHE CA     C N S 251 
PHE C      C N N 252 
PHE O      O N N 253 
PHE CB     C N N 254 
PHE CG     C Y N 255 
PHE CD1    C Y N 256 
PHE CD2    C Y N 257 
PHE CE1    C Y N 258 
PHE CE2    C Y N 259 
PHE CZ     C Y N 260 
PHE OXT    O N N 261 
PHE H      H N N 262 
PHE H2     H N N 263 
PHE HA     H N N 264 
PHE HB2    H N N 265 
PHE HB3    H N N 266 
PHE HD1    H N N 267 
PHE HD2    H N N 268 
PHE HE1    H N N 269 
PHE HE2    H N N 270 
PHE HZ     H N N 271 
PHE HXT    H N N 272 
PRO N      N N N 273 
PRO CA     C N S 274 
PRO C      C N N 275 
PRO O      O N N 276 
PRO CB     C N N 277 
PRO CG     C N N 278 
PRO CD     C N N 279 
PRO OXT    O N N 280 
PRO H      H N N 281 
PRO HA     H N N 282 
PRO HB2    H N N 283 
PRO HB3    H N N 284 
PRO HG2    H N N 285 
PRO HG3    H N N 286 
PRO HD2    H N N 287 
PRO HD3    H N N 288 
PRO HXT    H N N 289 
PYR C      C N N 290 
PYR O      O N N 291 
PYR OXT    O N N 292 
PYR CA     C N N 293 
PYR O3     O N N 294 
PYR CB     C N N 295 
PYR HXT    H N N 296 
PYR HB1    H N N 297 
PYR HB2    H N N 298 
PYR HB3    H N N 299 
SAL "C1'"  C N N 300 
SAL "O1'"  O N N 301 
SAL "O2'"  O N N 302 
SAL C1     C Y N 303 
SAL C2     C Y N 304 
SAL C3     C Y N 305 
SAL C4     C Y N 306 
SAL C5     C Y N 307 
SAL C6     C Y N 308 
SAL O2     O N N 309 
SAL "HO2'" H N N 310 
SAL H3     H N N 311 
SAL H4     H N N 312 
SAL H5     H N N 313 
SAL H6     H N N 314 
SAL HO2    H N N 315 
SER N      N N N 316 
SER CA     C N S 317 
SER C      C N N 318 
SER O      O N N 319 
SER CB     C N N 320 
SER OG     O N N 321 
SER OXT    O N N 322 
SER H      H N N 323 
SER H2     H N N 324 
SER HA     H N N 325 
SER HB2    H N N 326 
SER HB3    H N N 327 
SER HG     H N N 328 
SER HXT    H N N 329 
THR N      N N N 330 
THR CA     C N S 331 
THR C      C N N 332 
THR O      O N N 333 
THR CB     C N R 334 
THR OG1    O N N 335 
THR CG2    C N N 336 
THR OXT    O N N 337 
THR H      H N N 338 
THR H2     H N N 339 
THR HA     H N N 340 
THR HB     H N N 341 
THR HG1    H N N 342 
THR HG21   H N N 343 
THR HG22   H N N 344 
THR HG23   H N N 345 
THR HXT    H N N 346 
TRP N      N N N 347 
TRP CA     C N S 348 
TRP C      C N N 349 
TRP O      O N N 350 
TRP CB     C N N 351 
TRP CG     C Y N 352 
TRP CD1    C Y N 353 
TRP CD2    C Y N 354 
TRP NE1    N Y N 355 
TRP CE2    C Y N 356 
TRP CE3    C Y N 357 
TRP CZ2    C Y N 358 
TRP CZ3    C Y N 359 
TRP CH2    C Y N 360 
TRP OXT    O N N 361 
TRP H      H N N 362 
TRP H2     H N N 363 
TRP HA     H N N 364 
TRP HB2    H N N 365 
TRP HB3    H N N 366 
TRP HD1    H N N 367 
TRP HE1    H N N 368 
TRP HE3    H N N 369 
TRP HZ2    H N N 370 
TRP HZ3    H N N 371 
TRP HH2    H N N 372 
TRP HXT    H N N 373 
TYR N      N N N 374 
TYR CA     C N S 375 
TYR C      C N N 376 
TYR O      O N N 377 
TYR CB     C N N 378 
TYR CG     C Y N 379 
TYR CD1    C Y N 380 
TYR CD2    C Y N 381 
TYR CE1    C Y N 382 
TYR CE2    C Y N 383 
TYR CZ     C Y N 384 
TYR OH     O N N 385 
TYR OXT    O N N 386 
TYR H      H N N 387 
TYR H2     H N N 388 
TYR HA     H N N 389 
TYR HB2    H N N 390 
TYR HB3    H N N 391 
TYR HD1    H N N 392 
TYR HD2    H N N 393 
TYR HE1    H N N 394 
TYR HE2    H N N 395 
TYR HH     H N N 396 
TYR HXT    H N N 397 
VAL N      N N N 398 
VAL CA     C N S 399 
VAL C      C N N 400 
VAL O      O N N 401 
VAL CB     C N N 402 
VAL CG1    C N N 403 
VAL CG2    C N N 404 
VAL OXT    O N N 405 
VAL H      H N N 406 
VAL H2     H N N 407 
VAL HA     H N N 408 
VAL HB     H N N 409 
VAL HG11   H N N 410 
VAL HG12   H N N 411 
VAL HG13   H N N 412 
VAL HG21   H N N 413 
VAL HG22   H N N 414 
VAL HG23   H N N 415 
VAL HXT    H N N 416 
# 
loop_
_chem_comp_bond.comp_id 
_chem_comp_bond.atom_id_1 
_chem_comp_bond.atom_id_2 
_chem_comp_bond.value_order 
_chem_comp_bond.pdbx_aromatic_flag 
_chem_comp_bond.pdbx_stereo_config 
_chem_comp_bond.pdbx_ordinal 
ALA N     CA     sing N N 1   
ALA N     H      sing N N 2   
ALA N     H2     sing N N 3   
ALA CA    C      sing N N 4   
ALA CA    CB     sing N N 5   
ALA CA    HA     sing N N 6   
ALA C     O      doub N N 7   
ALA C     OXT    sing N N 8   
ALA CB    HB1    sing N N 9   
ALA CB    HB2    sing N N 10  
ALA CB    HB3    sing N N 11  
ALA OXT   HXT    sing N N 12  
ARG N     CA     sing N N 13  
ARG N     H      sing N N 14  
ARG N     H2     sing N N 15  
ARG CA    C      sing N N 16  
ARG CA    CB     sing N N 17  
ARG CA    HA     sing N N 18  
ARG C     O      doub N N 19  
ARG C     OXT    sing N N 20  
ARG CB    CG     sing N N 21  
ARG CB    HB2    sing N N 22  
ARG CB    HB3    sing N N 23  
ARG CG    CD     sing N N 24  
ARG CG    HG2    sing N N 25  
ARG CG    HG3    sing N N 26  
ARG CD    NE     sing N N 27  
ARG CD    HD2    sing N N 28  
ARG CD    HD3    sing N N 29  
ARG NE    CZ     sing N N 30  
ARG NE    HE     sing N N 31  
ARG CZ    NH1    sing N N 32  
ARG CZ    NH2    doub N N 33  
ARG NH1   HH11   sing N N 34  
ARG NH1   HH12   sing N N 35  
ARG NH2   HH21   sing N N 36  
ARG NH2   HH22   sing N N 37  
ARG OXT   HXT    sing N N 38  
ASN N     CA     sing N N 39  
ASN N     H      sing N N 40  
ASN N     H2     sing N N 41  
ASN CA    C      sing N N 42  
ASN CA    CB     sing N N 43  
ASN CA    HA     sing N N 44  
ASN C     O      doub N N 45  
ASN C     OXT    sing N N 46  
ASN CB    CG     sing N N 47  
ASN CB    HB2    sing N N 48  
ASN CB    HB3    sing N N 49  
ASN CG    OD1    doub N N 50  
ASN CG    ND2    sing N N 51  
ASN ND2   HD21   sing N N 52  
ASN ND2   HD22   sing N N 53  
ASN OXT   HXT    sing N N 54  
ASP N     CA     sing N N 55  
ASP N     H      sing N N 56  
ASP N     H2     sing N N 57  
ASP CA    C      sing N N 58  
ASP CA    CB     sing N N 59  
ASP CA    HA     sing N N 60  
ASP C     O      doub N N 61  
ASP C     OXT    sing N N 62  
ASP CB    CG     sing N N 63  
ASP CB    HB2    sing N N 64  
ASP CB    HB3    sing N N 65  
ASP CG    OD1    doub N N 66  
ASP CG    OD2    sing N N 67  
ASP OD2   HD2    sing N N 68  
ASP OXT   HXT    sing N N 69  
CYS N     CA     sing N N 70  
CYS N     H      sing N N 71  
CYS N     H2     sing N N 72  
CYS CA    C      sing N N 73  
CYS CA    CB     sing N N 74  
CYS CA    HA     sing N N 75  
CYS C     O      doub N N 76  
CYS C     OXT    sing N N 77  
CYS CB    SG     sing N N 78  
CYS CB    HB2    sing N N 79  
CYS CB    HB3    sing N N 80  
CYS SG    HG     sing N N 81  
CYS OXT   HXT    sing N N 82  
GLN N     CA     sing N N 83  
GLN N     H      sing N N 84  
GLN N     H2     sing N N 85  
GLN CA    C      sing N N 86  
GLN CA    CB     sing N N 87  
GLN CA    HA     sing N N 88  
GLN C     O      doub N N 89  
GLN C     OXT    sing N N 90  
GLN CB    CG     sing N N 91  
GLN CB    HB2    sing N N 92  
GLN CB    HB3    sing N N 93  
GLN CG    CD     sing N N 94  
GLN CG    HG2    sing N N 95  
GLN CG    HG3    sing N N 96  
GLN CD    OE1    doub N N 97  
GLN CD    NE2    sing N N 98  
GLN NE2   HE21   sing N N 99  
GLN NE2   HE22   sing N N 100 
GLN OXT   HXT    sing N N 101 
GLU N     CA     sing N N 102 
GLU N     H      sing N N 103 
GLU N     H2     sing N N 104 
GLU CA    C      sing N N 105 
GLU CA    CB     sing N N 106 
GLU CA    HA     sing N N 107 
GLU C     O      doub N N 108 
GLU C     OXT    sing N N 109 
GLU CB    CG     sing N N 110 
GLU CB    HB2    sing N N 111 
GLU CB    HB3    sing N N 112 
GLU CG    CD     sing N N 113 
GLU CG    HG2    sing N N 114 
GLU CG    HG3    sing N N 115 
GLU CD    OE1    doub N N 116 
GLU CD    OE2    sing N N 117 
GLU OE2   HE2    sing N N 118 
GLU OXT   HXT    sing N N 119 
GLY N     CA     sing N N 120 
GLY N     H      sing N N 121 
GLY N     H2     sing N N 122 
GLY CA    C      sing N N 123 
GLY CA    HA2    sing N N 124 
GLY CA    HA3    sing N N 125 
GLY C     O      doub N N 126 
GLY C     OXT    sing N N 127 
GLY OXT   HXT    sing N N 128 
HIS N     CA     sing N N 129 
HIS N     H      sing N N 130 
HIS N     H2     sing N N 131 
HIS CA    C      sing N N 132 
HIS CA    CB     sing N N 133 
HIS CA    HA     sing N N 134 
HIS C     O      doub N N 135 
HIS C     OXT    sing N N 136 
HIS CB    CG     sing N N 137 
HIS CB    HB2    sing N N 138 
HIS CB    HB3    sing N N 139 
HIS CG    ND1    sing Y N 140 
HIS CG    CD2    doub Y N 141 
HIS ND1   CE1    doub Y N 142 
HIS ND1   HD1    sing N N 143 
HIS CD2   NE2    sing Y N 144 
HIS CD2   HD2    sing N N 145 
HIS CE1   NE2    sing Y N 146 
HIS CE1   HE1    sing N N 147 
HIS NE2   HE2    sing N N 148 
HIS OXT   HXT    sing N N 149 
HOH O     H1     sing N N 150 
HOH O     H2     sing N N 151 
ILE N     CA     sing N N 152 
ILE N     H      sing N N 153 
ILE N     H2     sing N N 154 
ILE CA    C      sing N N 155 
ILE CA    CB     sing N N 156 
ILE CA    HA     sing N N 157 
ILE C     O      doub N N 158 
ILE C     OXT    sing N N 159 
ILE CB    CG1    sing N N 160 
ILE CB    CG2    sing N N 161 
ILE CB    HB     sing N N 162 
ILE CG1   CD1    sing N N 163 
ILE CG1   HG12   sing N N 164 
ILE CG1   HG13   sing N N 165 
ILE CG2   HG21   sing N N 166 
ILE CG2   HG22   sing N N 167 
ILE CG2   HG23   sing N N 168 
ILE CD1   HD11   sing N N 169 
ILE CD1   HD12   sing N N 170 
ILE CD1   HD13   sing N N 171 
ILE OXT   HXT    sing N N 172 
LEU N     CA     sing N N 173 
LEU N     H      sing N N 174 
LEU N     H2     sing N N 175 
LEU CA    C      sing N N 176 
LEU CA    CB     sing N N 177 
LEU CA    HA     sing N N 178 
LEU C     O      doub N N 179 
LEU C     OXT    sing N N 180 
LEU CB    CG     sing N N 181 
LEU CB    HB2    sing N N 182 
LEU CB    HB3    sing N N 183 
LEU CG    CD1    sing N N 184 
LEU CG    CD2    sing N N 185 
LEU CG    HG     sing N N 186 
LEU CD1   HD11   sing N N 187 
LEU CD1   HD12   sing N N 188 
LEU CD1   HD13   sing N N 189 
LEU CD2   HD21   sing N N 190 
LEU CD2   HD22   sing N N 191 
LEU CD2   HD23   sing N N 192 
LEU OXT   HXT    sing N N 193 
LYS N     CA     sing N N 194 
LYS N     H      sing N N 195 
LYS N     H2     sing N N 196 
LYS CA    C      sing N N 197 
LYS CA    CB     sing N N 198 
LYS CA    HA     sing N N 199 
LYS C     O      doub N N 200 
LYS C     OXT    sing N N 201 
LYS CB    CG     sing N N 202 
LYS CB    HB2    sing N N 203 
LYS CB    HB3    sing N N 204 
LYS CG    CD     sing N N 205 
LYS CG    HG2    sing N N 206 
LYS CG    HG3    sing N N 207 
LYS CD    CE     sing N N 208 
LYS CD    HD2    sing N N 209 
LYS CD    HD3    sing N N 210 
LYS CE    NZ     sing N N 211 
LYS CE    HE2    sing N N 212 
LYS CE    HE3    sing N N 213 
LYS NZ    HZ1    sing N N 214 
LYS NZ    HZ2    sing N N 215 
LYS NZ    HZ3    sing N N 216 
LYS OXT   HXT    sing N N 217 
MET N     CA     sing N N 218 
MET N     H      sing N N 219 
MET N     H2     sing N N 220 
MET CA    C      sing N N 221 
MET CA    CB     sing N N 222 
MET CA    HA     sing N N 223 
MET C     O      doub N N 224 
MET C     OXT    sing N N 225 
MET CB    CG     sing N N 226 
MET CB    HB2    sing N N 227 
MET CB    HB3    sing N N 228 
MET CG    SD     sing N N 229 
MET CG    HG2    sing N N 230 
MET CG    HG3    sing N N 231 
MET SD    CE     sing N N 232 
MET CE    HE1    sing N N 233 
MET CE    HE2    sing N N 234 
MET CE    HE3    sing N N 235 
MET OXT   HXT    sing N N 236 
PHE N     CA     sing N N 237 
PHE N     H      sing N N 238 
PHE N     H2     sing N N 239 
PHE CA    C      sing N N 240 
PHE CA    CB     sing N N 241 
PHE CA    HA     sing N N 242 
PHE C     O      doub N N 243 
PHE C     OXT    sing N N 244 
PHE CB    CG     sing N N 245 
PHE CB    HB2    sing N N 246 
PHE CB    HB3    sing N N 247 
PHE CG    CD1    doub Y N 248 
PHE CG    CD2    sing Y N 249 
PHE CD1   CE1    sing Y N 250 
PHE CD1   HD1    sing N N 251 
PHE CD2   CE2    doub Y N 252 
PHE CD2   HD2    sing N N 253 
PHE CE1   CZ     doub Y N 254 
PHE CE1   HE1    sing N N 255 
PHE CE2   CZ     sing Y N 256 
PHE CE2   HE2    sing N N 257 
PHE CZ    HZ     sing N N 258 
PHE OXT   HXT    sing N N 259 
PRO N     CA     sing N N 260 
PRO N     CD     sing N N 261 
PRO N     H      sing N N 262 
PRO CA    C      sing N N 263 
PRO CA    CB     sing N N 264 
PRO CA    HA     sing N N 265 
PRO C     O      doub N N 266 
PRO C     OXT    sing N N 267 
PRO CB    CG     sing N N 268 
PRO CB    HB2    sing N N 269 
PRO CB    HB3    sing N N 270 
PRO CG    CD     sing N N 271 
PRO CG    HG2    sing N N 272 
PRO CG    HG3    sing N N 273 
PRO CD    HD2    sing N N 274 
PRO CD    HD3    sing N N 275 
PRO OXT   HXT    sing N N 276 
PYR C     O      doub N N 277 
PYR C     OXT    sing N N 278 
PYR C     CA     sing N N 279 
PYR OXT   HXT    sing N N 280 
PYR CA    O3     doub N N 281 
PYR CA    CB     sing N N 282 
PYR CB    HB1    sing N N 283 
PYR CB    HB2    sing N N 284 
PYR CB    HB3    sing N N 285 
SAL "C1'" "O1'"  doub N N 286 
SAL "C1'" "O2'"  sing N N 287 
SAL "C1'" C1     sing N N 288 
SAL "O2'" "HO2'" sing N N 289 
SAL C1    C2     sing Y N 290 
SAL C1    C6     doub Y N 291 
SAL C2    C3     doub Y N 292 
SAL C2    O2     sing N N 293 
SAL C3    C4     sing Y N 294 
SAL C3    H3     sing N N 295 
SAL C4    C5     doub Y N 296 
SAL C4    H4     sing N N 297 
SAL C5    C6     sing Y N 298 
SAL C5    H5     sing N N 299 
SAL C6    H6     sing N N 300 
SAL O2    HO2    sing N N 301 
SER N     CA     sing N N 302 
SER N     H      sing N N 303 
SER N     H2     sing N N 304 
SER CA    C      sing N N 305 
SER CA    CB     sing N N 306 
SER CA    HA     sing N N 307 
SER C     O      doub N N 308 
SER C     OXT    sing N N 309 
SER CB    OG     sing N N 310 
SER CB    HB2    sing N N 311 
SER CB    HB3    sing N N 312 
SER OG    HG     sing N N 313 
SER OXT   HXT    sing N N 314 
THR N     CA     sing N N 315 
THR N     H      sing N N 316 
THR N     H2     sing N N 317 
THR CA    C      sing N N 318 
THR CA    CB     sing N N 319 
THR CA    HA     sing N N 320 
THR C     O      doub N N 321 
THR C     OXT    sing N N 322 
THR CB    OG1    sing N N 323 
THR CB    CG2    sing N N 324 
THR CB    HB     sing N N 325 
THR OG1   HG1    sing N N 326 
THR CG2   HG21   sing N N 327 
THR CG2   HG22   sing N N 328 
THR CG2   HG23   sing N N 329 
THR OXT   HXT    sing N N 330 
TRP N     CA     sing N N 331 
TRP N     H      sing N N 332 
TRP N     H2     sing N N 333 
TRP CA    C      sing N N 334 
TRP CA    CB     sing N N 335 
TRP CA    HA     sing N N 336 
TRP C     O      doub N N 337 
TRP C     OXT    sing N N 338 
TRP CB    CG     sing N N 339 
TRP CB    HB2    sing N N 340 
TRP CB    HB3    sing N N 341 
TRP CG    CD1    doub Y N 342 
TRP CG    CD2    sing Y N 343 
TRP CD1   NE1    sing Y N 344 
TRP CD1   HD1    sing N N 345 
TRP CD2   CE2    doub Y N 346 
TRP CD2   CE3    sing Y N 347 
TRP NE1   CE2    sing Y N 348 
TRP NE1   HE1    sing N N 349 
TRP CE2   CZ2    sing Y N 350 
TRP CE3   CZ3    doub Y N 351 
TRP CE3   HE3    sing N N 352 
TRP CZ2   CH2    doub Y N 353 
TRP CZ2   HZ2    sing N N 354 
TRP CZ3   CH2    sing Y N 355 
TRP CZ3   HZ3    sing N N 356 
TRP CH2   HH2    sing N N 357 
TRP OXT   HXT    sing N N 358 
TYR N     CA     sing N N 359 
TYR N     H      sing N N 360 
TYR N     H2     sing N N 361 
TYR CA    C      sing N N 362 
TYR CA    CB     sing N N 363 
TYR CA    HA     sing N N 364 
TYR C     O      doub N N 365 
TYR C     OXT    sing N N 366 
TYR CB    CG     sing N N 367 
TYR CB    HB2    sing N N 368 
TYR CB    HB3    sing N N 369 
TYR CG    CD1    doub Y N 370 
TYR CG    CD2    sing Y N 371 
TYR CD1   CE1    sing Y N 372 
TYR CD1   HD1    sing N N 373 
TYR CD2   CE2    doub Y N 374 
TYR CD2   HD2    sing N N 375 
TYR CE1   CZ     doub Y N 376 
TYR CE1   HE1    sing N N 377 
TYR CE2   CZ     sing Y N 378 
TYR CE2   HE2    sing N N 379 
TYR CZ    OH     sing N N 380 
TYR OH    HH     sing N N 381 
TYR OXT   HXT    sing N N 382 
VAL N     CA     sing N N 383 
VAL N     H      sing N N 384 
VAL N     H2     sing N N 385 
VAL CA    C      sing N N 386 
VAL CA    CB     sing N N 387 
VAL CA    HA     sing N N 388 
VAL C     O      doub N N 389 
VAL C     OXT    sing N N 390 
VAL CB    CG1    sing N N 391 
VAL CB    CG2    sing N N 392 
VAL CB    HB     sing N N 393 
VAL CG1   HG11   sing N N 394 
VAL CG1   HG12   sing N N 395 
VAL CG1   HG13   sing N N 396 
VAL CG2   HG21   sing N N 397 
VAL CG2   HG22   sing N N 398 
VAL CG2   HG23   sing N N 399 
VAL OXT   HXT    sing N N 400 
# 
loop_
_pdbx_entity_nonpoly.entity_id 
_pdbx_entity_nonpoly.name 
_pdbx_entity_nonpoly.comp_id 
2 '2-HYDROXYBENZOIC ACID' SAL 
3 'PYRUVIC ACID'          PYR 
4 water                   HOH 
# 
_pdbx_initial_refinement_model.id               1 
_pdbx_initial_refinement_model.entity_id_list   ? 
_pdbx_initial_refinement_model.type             'experimental model' 
_pdbx_initial_refinement_model.source_name      PDB 
_pdbx_initial_refinement_model.accession_code   2H9D 
_pdbx_initial_refinement_model.details          'PDB ENTRY 2H9D' 
# 
